data_8SAQ
#
_entry.id   8SAQ
#
_cell.length_a   1.00
_cell.length_b   1.00
_cell.length_c   1.00
_cell.angle_alpha   90.00
_cell.angle_beta   90.00
_cell.angle_gamma   90.00
#
_symmetry.space_group_name_H-M   'P 1'
#
loop_
_entity.id
_entity.type
_entity.pdbx_description
1 polymer 'CH848.0526.25 gp120'
2 polymer 'CH848.0526.25 gp41'
3 polymer 'DH270.6 variable heavy chain'
4 polymer 'DH270.6 variable light chain'
5 branched beta-D-mannopyranose-(1-4)-2-acetamido-2-deoxy-beta-D-glucopyranose-(1-4)-2-acetamido-2-deoxy-beta-D-glucopyranose
6 branched alpha-D-mannopyranose-(1-2)-alpha-D-mannopyranose-(1-2)-alpha-D-mannopyranose-(1-3)-[alpha-D-mannopyranose-(1-6)]beta-D-mannopyranose-(1-4)-2-acetamido-2-deoxy-beta-D-glucopyranose-(1-4)-2-acetamido-2-deoxy-beta-D-glucopyranose
7 non-polymer 2-acetamido-2-deoxy-beta-D-glucopyranose
#
loop_
_entity_poly.entity_id
_entity_poly.type
_entity_poly.pdbx_seq_one_letter_code
_entity_poly.pdbx_strand_id
1 'polypeptide(L)'
;AENLWVTVYYGVPVWKEAKTTLFCASDARAYEKEVHNVWATHACVPTDPSPQELFLENVTENFNMWKNDMVDQMHEDIIS
LWDQSLKPCVKLTPLCVTLICSNATVNNRTAYDTRSNVNVTSINNTIMGEMKNCSFNTTTEIRDKEKKEYALFYKPDIVP
LNETSNTSEYRLINCNTSACTQACPKVTFEPIPIHYCAPAGYAILKCNNETFNGTGPCSNVSTVQCTHGIRPVVSTQLLL
NGSLAEKEIVIRSENLTNNAKIIIVHLNTSVEIVCTRPGNNTRKSVRIGPGQTFYATGDIIGDIRQAHCNISEKQWNETL
QKVGKELQKHFPNKTIKYERSAGGDMEIATHSFNCGGEFFYCNTSKLFNGTYNGTDINISTNSNSTITLQCRIKQIINMW
QGVGRCMYAPPIAGNITCKSNITGLLLTRDGGTNSNKTEETFRPAGGDMRDNWRSELYKYKVVKIEPLGVAPTRCKRRVV
GRRRRRR
;
A,E,K
2 'polypeptide(L)'
;AVGIGAVFLGFLGAAGSTMGAASMTLTVQARNLLSGIVQQQSNLLRAPEAQQHLLKLTVWGIKQLQARVLAVERYLRDQQ
LLGIWGCSGKLICCTNVPWNSSWSNRNLSEIWDNMTWLQWDKEISNYTQIIYGLLEESQNQQEKNEQDLLALD
;
B,F,L
3 'polypeptide(L)'
;QVQLVQSGAQMKNPGASVKVSCAPSGYTFTDFYIHWLRQAPGQGLQWMGWMNPQTGRTNTARNFQGRVTMTRDTSIGTAY
MELRSLTSDDTAIYYCTTGGWISLYYDSSYYPNFDHWGQGTLLTVSS
;
C,H,M
4 'polypeptide(L)'
;QSALTQPASVSGSPGQSITISCTGTKYDVGSHDLVSWYQQYPGKVPKYMIYEVNKRPSGVSNRFSGSKSGNTASLTISGL
RAEDEADYYCCSFGGSATVVCGGGTKVTVL
;
D,I,N
#
# COMPACT_ATOMS: atom_id res chain seq x y z
N ALA A 1 -40.60 51.65 -18.70
CA ALA A 1 -40.36 51.03 -17.37
C ALA A 1 -40.88 51.92 -16.25
N GLU A 2 -42.12 51.66 -15.83
CA GLU A 2 -42.76 52.45 -14.77
C GLU A 2 -42.43 51.89 -13.39
N ASN A 3 -42.71 50.61 -13.18
CA ASN A 3 -42.35 49.94 -11.92
C ASN A 3 -42.13 48.46 -12.25
N LEU A 4 -40.86 48.05 -12.29
CA LEU A 4 -40.50 46.71 -12.69
C LEU A 4 -40.40 45.79 -11.48
N TRP A 5 -40.09 44.52 -11.75
CA TRP A 5 -40.22 43.44 -10.79
C TRP A 5 -39.13 42.42 -11.07
N VAL A 6 -38.59 41.79 -10.03
CA VAL A 6 -37.47 40.88 -10.19
C VAL A 6 -37.90 39.65 -10.98
N THR A 7 -37.01 39.18 -11.85
CA THR A 7 -37.21 37.95 -12.61
C THR A 7 -35.94 37.12 -12.51
N VAL A 8 -36.10 35.79 -12.45
CA VAL A 8 -35.01 34.86 -12.23
C VAL A 8 -34.86 34.00 -13.48
N TYR A 9 -33.66 34.04 -14.07
CA TYR A 9 -33.30 33.22 -15.22
C TYR A 9 -32.28 32.18 -14.80
N TYR A 10 -32.52 30.93 -15.18
CA TYR A 10 -31.61 29.83 -14.92
C TYR A 10 -31.07 29.28 -16.23
N GLY A 11 -29.78 28.93 -16.23
CA GLY A 11 -29.13 28.45 -17.44
C GLY A 11 -28.66 29.61 -18.30
N VAL A 12 -27.88 30.50 -17.70
CA VAL A 12 -27.49 31.77 -18.34
C VAL A 12 -25.96 31.77 -18.50
N PRO A 13 -25.40 32.30 -19.61
CA PRO A 13 -23.96 32.16 -19.83
C PRO A 13 -23.10 33.18 -19.11
N VAL A 14 -22.78 32.90 -17.84
CA VAL A 14 -21.83 33.71 -17.07
C VAL A 14 -20.83 32.77 -16.43
N TRP A 15 -19.64 33.30 -16.13
CA TRP A 15 -18.57 32.48 -15.60
C TRP A 15 -17.69 33.29 -14.65
N LYS A 16 -16.81 32.57 -13.94
CA LYS A 16 -15.83 33.16 -13.03
C LYS A 16 -14.52 32.41 -13.17
N GLU A 17 -13.48 32.95 -12.53
CA GLU A 17 -12.20 32.24 -12.41
C GLU A 17 -12.41 30.98 -11.59
N ALA A 18 -11.56 29.97 -11.85
CA ALA A 18 -11.81 28.62 -11.34
C ALA A 18 -10.54 27.99 -10.79
N LYS A 19 -10.76 26.98 -9.94
CA LYS A 19 -9.70 26.18 -9.34
C LYS A 19 -10.26 24.77 -9.17
N THR A 20 -9.89 23.87 -10.08
CA THR A 20 -10.47 22.53 -10.11
C THR A 20 -9.40 21.53 -10.55
N THR A 21 -9.83 20.27 -10.67
CA THR A 21 -8.98 19.15 -11.06
C THR A 21 -9.38 18.67 -12.44
N LEU A 22 -8.45 18.77 -13.38
CA LEU A 22 -8.66 18.34 -14.76
C LEU A 22 -8.41 16.84 -14.89
N PHE A 23 -9.15 16.21 -15.79
CA PHE A 23 -8.95 14.81 -16.14
C PHE A 23 -8.08 14.74 -17.38
N CYS A 24 -7.07 13.88 -17.36
CA CYS A 24 -6.36 13.56 -18.59
C CYS A 24 -7.22 12.67 -19.46
N ALA A 25 -6.76 12.44 -20.69
CA ALA A 25 -7.44 11.53 -21.60
C ALA A 25 -6.44 11.09 -22.66
N SER A 26 -6.07 9.80 -22.63
CA SER A 26 -5.12 9.27 -23.59
C SER A 26 -5.72 9.30 -24.99
N ASP A 27 -4.88 8.97 -25.98
CA ASP A 27 -5.27 9.00 -27.39
C ASP A 27 -4.71 7.78 -28.11
N ALA A 28 -4.81 6.61 -27.50
CA ALA A 28 -4.26 5.38 -28.05
C ALA A 28 -5.27 4.70 -28.96
N ARG A 29 -4.78 3.69 -29.69
CA ARG A 29 -5.57 2.96 -30.68
C ARG A 29 -5.50 1.44 -30.54
N ALA A 30 -4.82 0.92 -29.53
CA ALA A 30 -4.59 -0.52 -29.44
C ALA A 30 -4.31 -0.86 -27.98
N TYR A 31 -3.77 -2.06 -27.74
CA TYR A 31 -3.47 -2.53 -26.38
C TYR A 31 -2.34 -1.75 -25.73
N GLU A 32 -1.67 -0.84 -26.46
CA GLU A 32 -0.69 0.05 -25.85
C GLU A 32 -1.30 0.86 -24.70
N LYS A 33 -2.61 1.13 -24.76
CA LYS A 33 -3.27 1.80 -23.65
C LYS A 33 -3.23 0.97 -22.38
N GLU A 34 -3.15 -0.35 -22.50
CA GLU A 34 -3.03 -1.24 -21.34
C GLU A 34 -1.58 -1.60 -21.01
N VAL A 35 -0.71 -1.70 -22.01
CA VAL A 35 0.72 -1.74 -21.72
C VAL A 35 1.07 -0.44 -21.01
N HIS A 36 1.69 -0.57 -19.84
CA HIS A 36 1.88 0.59 -18.97
C HIS A 36 2.86 1.54 -19.65
N ASN A 37 2.31 2.58 -20.29
CA ASN A 37 3.10 3.68 -20.82
C ASN A 37 3.16 4.84 -19.83
N VAL A 38 3.04 4.53 -18.54
CA VAL A 38 2.95 5.52 -17.47
C VAL A 38 1.59 6.23 -17.53
N TRP A 39 1.25 6.85 -18.66
CA TRP A 39 -0.03 7.54 -18.82
C TRP A 39 -1.03 6.63 -19.52
N ALA A 40 -0.96 5.34 -19.22
CA ALA A 40 -1.76 4.33 -19.91
C ALA A 40 -3.22 4.45 -19.44
N THR A 41 -4.06 3.52 -19.89
CA THR A 41 -5.45 3.50 -19.46
C THR A 41 -5.59 3.24 -17.97
N HIS A 42 -4.56 2.72 -17.31
CA HIS A 42 -4.58 2.60 -15.86
C HIS A 42 -4.67 3.95 -15.17
N ALA A 43 -4.26 5.03 -15.86
CA ALA A 43 -4.29 6.37 -15.27
C ALA A 43 -5.62 7.06 -15.46
N CYS A 44 -6.22 7.00 -16.64
CA CYS A 44 -7.38 7.84 -16.97
C CYS A 44 -7.96 7.37 -18.31
N VAL A 45 -8.91 8.17 -18.82
CA VAL A 45 -9.87 7.81 -19.87
C VAL A 45 -9.17 7.18 -21.07
N PRO A 46 -9.74 6.14 -21.73
CA PRO A 46 -8.98 5.45 -22.78
C PRO A 46 -8.65 6.30 -24.00
N THR A 47 -9.65 6.83 -24.69
CA THR A 47 -9.42 7.48 -25.98
C THR A 47 -10.70 8.14 -26.46
N ASP A 48 -10.65 8.66 -27.70
CA ASP A 48 -11.77 9.26 -28.43
C ASP A 48 -12.39 10.45 -27.70
N PRO A 49 -11.71 11.59 -27.60
CA PRO A 49 -12.39 12.82 -27.19
C PRO A 49 -13.15 13.44 -28.36
N SER A 50 -13.98 14.43 -28.03
CA SER A 50 -14.77 15.13 -29.02
C SER A 50 -13.93 16.18 -29.74
N PRO A 51 -14.38 16.64 -30.93
CA PRO A 51 -13.68 17.76 -31.58
C PRO A 51 -13.86 19.07 -30.82
N GLN A 52 -13.22 20.14 -31.30
CA GLN A 52 -13.18 21.43 -30.61
C GLN A 52 -13.81 22.49 -31.50
N GLU A 53 -14.79 23.21 -30.97
CA GLU A 53 -15.65 24.06 -31.80
C GLU A 53 -16.27 25.15 -30.91
N LEU A 54 -17.32 25.81 -31.41
CA LEU A 54 -18.02 26.89 -30.72
C LEU A 54 -17.17 28.15 -30.53
N PHE A 55 -16.78 28.79 -31.63
CA PHE A 55 -16.23 30.14 -31.55
C PHE A 55 -17.28 31.09 -30.97
N LEU A 56 -16.83 32.04 -30.14
CA LEU A 56 -17.68 32.99 -29.46
C LEU A 56 -17.45 34.39 -30.02
N GLU A 57 -18.54 35.13 -30.23
CA GLU A 57 -18.48 36.46 -30.82
C GLU A 57 -18.45 37.52 -29.73
N ASN A 58 -17.60 38.53 -29.92
CA ASN A 58 -17.50 39.75 -29.12
C ASN A 58 -16.97 39.51 -27.70
N VAL A 59 -16.58 38.28 -27.35
CA VAL A 59 -16.11 38.02 -26.00
C VAL A 59 -14.70 38.55 -25.83
N THR A 60 -14.35 38.93 -24.60
CA THR A 60 -12.99 39.31 -24.24
C THR A 60 -12.67 38.72 -22.88
N GLU A 61 -11.48 38.12 -22.77
CA GLU A 61 -11.02 37.53 -21.53
C GLU A 61 -9.53 37.85 -21.36
N ASN A 62 -9.10 37.92 -20.11
CA ASN A 62 -7.74 38.35 -19.76
C ASN A 62 -6.97 37.12 -19.28
N PHE A 63 -6.22 36.52 -20.21
CA PHE A 63 -5.45 35.32 -19.91
C PHE A 63 -4.19 35.69 -19.11
N ASN A 64 -3.49 34.65 -18.65
CA ASN A 64 -2.17 34.76 -18.07
C ASN A 64 -1.58 33.36 -17.95
N MET A 65 -0.32 33.21 -18.35
CA MET A 65 0.36 31.92 -18.30
C MET A 65 1.25 31.76 -17.07
N TRP A 66 1.85 32.84 -16.59
CA TRP A 66 2.76 32.76 -15.45
C TRP A 66 2.03 32.62 -14.12
N LYS A 67 0.80 33.14 -14.03
CA LYS A 67 -0.07 32.89 -12.88
C LYS A 67 -0.95 31.66 -13.06
N ASN A 68 -0.80 30.94 -14.18
CA ASN A 68 -1.63 29.77 -14.43
C ASN A 68 -1.32 28.65 -13.45
N ASP A 69 -2.25 27.69 -13.38
CA ASP A 69 -2.18 26.57 -12.44
C ASP A 69 -2.38 25.19 -13.07
N MET A 70 -2.78 25.10 -14.35
CA MET A 70 -2.87 23.80 -15.01
C MET A 70 -1.51 23.10 -14.99
N VAL A 71 -0.44 23.86 -15.15
CA VAL A 71 0.90 23.28 -15.11
C VAL A 71 1.18 22.69 -13.73
N ASP A 72 0.65 23.31 -12.67
CA ASP A 72 0.83 22.76 -11.33
C ASP A 72 0.16 21.40 -11.18
N GLN A 73 -1.12 21.31 -11.58
CA GLN A 73 -1.80 20.02 -11.53
C GLN A 73 -1.05 18.98 -12.33
N MET A 74 -0.60 19.33 -13.54
CA MET A 74 0.06 18.33 -14.36
C MET A 74 1.42 17.93 -13.79
N HIS A 75 2.17 18.86 -13.19
CA HIS A 75 3.42 18.45 -12.55
C HIS A 75 3.16 17.48 -11.39
N GLU A 76 2.13 17.74 -10.58
CA GLU A 76 1.80 16.80 -9.52
C GLU A 76 1.38 15.45 -10.10
N ASP A 77 0.62 15.45 -11.20
CA ASP A 77 0.28 14.20 -11.88
C ASP A 77 1.53 13.47 -12.33
N ILE A 78 2.50 14.22 -12.88
CA ILE A 78 3.73 13.62 -13.40
C ILE A 78 4.45 12.88 -12.28
N ILE A 79 4.63 13.56 -11.14
CA ILE A 79 5.33 12.96 -10.01
C ILE A 79 4.56 11.77 -9.47
N SER A 80 3.23 11.91 -9.32
CA SER A 80 2.44 10.84 -8.74
C SER A 80 2.50 9.58 -9.59
N LEU A 81 2.34 9.73 -10.90
CA LEU A 81 2.38 8.58 -11.79
C LEU A 81 3.78 7.99 -11.87
N TRP A 82 4.82 8.82 -11.78
CA TRP A 82 6.18 8.30 -11.75
C TRP A 82 6.38 7.40 -10.55
N ASP A 83 5.98 7.88 -9.36
CA ASP A 83 6.13 7.10 -8.15
C ASP A 83 5.29 5.83 -8.23
N GLN A 84 4.07 5.94 -8.76
CA GLN A 84 3.21 4.76 -8.88
C GLN A 84 3.80 3.73 -9.84
N SER A 85 4.49 4.20 -10.89
CA SER A 85 5.08 3.27 -11.84
C SER A 85 6.29 2.56 -11.25
N LEU A 86 7.16 3.28 -10.54
CA LEU A 86 8.37 2.65 -10.01
C LEU A 86 8.12 1.79 -8.78
N LYS A 87 6.97 1.90 -8.13
CA LYS A 87 6.76 1.21 -6.86
C LYS A 87 6.81 -0.32 -6.99
N PRO A 88 6.07 -0.99 -7.92
CA PRO A 88 5.96 -2.46 -7.87
C PRO A 88 7.02 -3.19 -8.70
N CYS A 89 8.27 -2.73 -8.61
CA CYS A 89 9.42 -3.44 -9.16
C CYS A 89 10.61 -3.13 -8.26
N VAL A 90 11.71 -3.89 -8.47
CA VAL A 90 12.90 -3.75 -7.63
C VAL A 90 13.36 -2.30 -7.63
N LYS A 91 13.90 -1.80 -6.51
CA LYS A 91 14.53 -2.30 -5.27
C LYS A 91 15.80 -3.12 -5.54
N LEU A 92 16.84 -2.42 -6.00
CA LEU A 92 18.16 -2.99 -6.25
C LEU A 92 19.09 -2.81 -5.06
N THR A 93 18.57 -2.86 -3.83
CA THR A 93 19.43 -2.75 -2.65
C THR A 93 20.51 -3.83 -2.54
N PRO A 94 20.40 -5.05 -3.10
CA PRO A 94 21.53 -5.98 -2.99
C PRO A 94 22.80 -5.51 -3.69
N LEU A 95 22.70 -4.59 -4.65
CA LEU A 95 23.86 -4.21 -5.44
C LEU A 95 24.77 -3.21 -4.75
N CYS A 96 24.41 -2.70 -3.57
CA CYS A 96 25.34 -1.86 -2.82
C CYS A 96 26.44 -2.73 -2.23
N VAL A 97 27.32 -3.23 -3.09
CA VAL A 97 28.36 -4.20 -2.75
C VAL A 97 29.67 -3.67 -3.28
N THR A 98 30.77 -4.08 -2.65
CA THR A 98 32.08 -3.64 -3.09
C THR A 98 32.35 -4.16 -4.50
N LEU A 99 32.58 -3.23 -5.43
CA LEU A 99 32.85 -3.55 -6.82
C LEU A 99 34.33 -3.38 -7.10
N ILE A 100 34.93 -4.39 -7.73
CA ILE A 100 36.31 -4.35 -8.18
C ILE A 100 36.29 -4.10 -9.68
N CYS A 101 36.84 -2.95 -10.10
CA CYS A 101 36.73 -2.48 -11.47
C CYS A 101 38.10 -2.23 -12.06
N SER A 102 38.20 -2.44 -13.37
CA SER A 102 39.41 -2.17 -14.12
C SER A 102 39.02 -1.74 -15.53
N ASN A 103 39.89 -0.95 -16.15
CA ASN A 103 39.64 -0.43 -17.49
C ASN A 103 40.44 -1.20 -18.53
N GLU A 130 35.64 5.35 -20.63
CA GLU A 130 34.26 5.68 -20.24
C GLU A 130 33.63 4.54 -19.45
N MET A 131 33.78 3.32 -19.94
CA MET A 131 33.12 2.15 -19.39
C MET A 131 34.14 1.32 -18.62
N LYS A 132 33.90 1.15 -17.31
CA LYS A 132 34.77 0.36 -16.45
C LYS A 132 34.18 -1.02 -16.27
N ASN A 133 35.03 -2.05 -16.39
CA ASN A 133 34.62 -3.44 -16.25
C ASN A 133 34.65 -3.81 -14.77
N CYS A 134 33.48 -3.83 -14.15
CA CYS A 134 33.34 -4.11 -12.73
C CYS A 134 32.85 -5.54 -12.50
N SER A 135 33.38 -6.16 -11.46
CA SER A 135 32.99 -7.51 -11.05
C SER A 135 32.70 -7.49 -9.55
N PHE A 136 31.77 -8.35 -9.14
CA PHE A 136 31.28 -8.32 -7.77
C PHE A 136 30.70 -9.66 -7.40
N ASN A 137 30.66 -9.92 -6.10
CA ASN A 137 29.98 -11.10 -5.57
C ASN A 137 28.49 -10.82 -5.44
N THR A 138 27.67 -11.84 -5.70
CA THR A 138 26.23 -11.71 -5.58
C THR A 138 25.65 -13.07 -5.21
N THR A 139 24.36 -13.07 -4.88
CA THR A 139 23.66 -14.27 -4.46
C THR A 139 23.00 -14.94 -5.66
N THR A 140 23.02 -16.27 -5.66
CA THR A 140 22.21 -17.06 -6.58
C THR A 140 20.82 -17.21 -5.96
N GLU A 141 19.99 -18.11 -6.51
CA GLU A 141 18.64 -18.25 -5.99
C GLU A 141 18.66 -18.77 -4.55
N ILE A 142 19.69 -19.51 -4.17
CA ILE A 142 19.87 -19.94 -2.79
C ILE A 142 20.65 -18.83 -2.10
N ARG A 143 20.12 -18.27 -1.02
CA ARG A 143 20.81 -17.15 -0.38
C ARG A 143 22.10 -17.56 0.31
N ASP A 144 22.24 -18.84 0.68
CA ASP A 144 23.46 -19.30 1.33
C ASP A 144 24.65 -19.42 0.39
N LYS A 145 24.41 -19.49 -0.92
CA LYS A 145 25.47 -19.64 -1.92
C LYS A 145 25.63 -18.33 -2.68
N GLU A 146 26.84 -18.14 -3.23
CA GLU A 146 27.17 -16.93 -3.97
C GLU A 146 28.02 -17.28 -5.19
N LYS A 147 28.02 -16.36 -6.15
CA LYS A 147 28.80 -16.52 -7.38
C LYS A 147 29.25 -15.14 -7.85
N LYS A 148 30.30 -15.14 -8.66
CA LYS A 148 30.83 -13.91 -9.24
C LYS A 148 30.12 -13.57 -10.54
N GLU A 149 29.90 -12.29 -10.75
CA GLU A 149 29.33 -11.78 -11.99
C GLU A 149 30.11 -10.54 -12.41
N TYR A 150 30.07 -10.26 -13.71
CA TYR A 150 30.76 -9.11 -14.29
C TYR A 150 29.79 -8.32 -15.15
N ALA A 151 29.96 -7.00 -15.14
CA ALA A 151 29.14 -6.12 -15.95
C ALA A 151 29.86 -4.80 -16.12
N LEU A 152 29.53 -4.10 -17.20
CA LEU A 152 30.16 -2.83 -17.54
C LEU A 152 29.26 -1.69 -17.08
N PHE A 153 29.81 -0.80 -16.26
CA PHE A 153 29.10 0.33 -15.70
C PHE A 153 29.74 1.63 -16.16
N TYR A 154 28.90 2.60 -16.52
CA TYR A 154 29.41 3.88 -17.00
C TYR A 154 30.07 4.65 -15.87
N LYS A 155 31.16 5.35 -16.19
CA LYS A 155 31.95 6.02 -15.18
C LYS A 155 31.18 7.05 -14.35
N PRO A 156 30.28 7.87 -14.90
CA PRO A 156 29.55 8.81 -14.04
C PRO A 156 28.68 8.14 -12.98
N ASP A 157 28.32 6.87 -13.16
CA ASP A 157 27.52 6.13 -12.18
C ASP A 157 28.36 5.49 -11.09
N ILE A 158 29.67 5.74 -11.07
CA ILE A 158 30.60 5.04 -10.20
C ILE A 158 31.45 6.07 -9.46
N VAL A 159 31.65 5.83 -8.16
CA VAL A 159 32.44 6.70 -7.31
C VAL A 159 33.41 5.82 -6.52
N PRO A 160 34.73 6.07 -6.57
CA PRO A 160 35.59 5.23 -5.70
C PRO A 160 35.43 5.56 -4.22
N SER A 168 41.08 0.88 -6.35
CA SER A 168 40.47 -0.10 -7.24
C SER A 168 39.19 -0.71 -6.66
N GLU A 169 38.60 -0.04 -5.66
CA GLU A 169 37.34 -0.44 -5.05
C GLU A 169 36.32 0.64 -5.36
N TYR A 170 35.13 0.23 -5.82
CA TYR A 170 34.10 1.16 -6.24
C TYR A 170 32.73 0.70 -5.76
N ARG A 171 31.83 1.67 -5.62
CA ARG A 171 30.43 1.42 -5.32
C ARG A 171 29.56 2.34 -6.16
N LEU A 172 28.28 1.99 -6.26
CA LEU A 172 27.33 2.85 -6.92
C LEU A 172 27.11 4.12 -6.12
N ILE A 173 26.81 5.22 -6.83
CA ILE A 173 26.64 6.50 -6.16
C ILE A 173 25.41 6.52 -5.26
N ASN A 174 24.41 5.68 -5.54
CA ASN A 174 23.13 5.79 -4.84
C ASN A 174 23.23 5.41 -3.37
N CYS A 175 24.14 4.49 -3.02
CA CYS A 175 24.20 3.97 -1.66
C CYS A 175 24.50 5.05 -0.63
N ASN A 176 25.10 6.17 -1.06
CA ASN A 176 25.28 7.31 -0.17
C ASN A 176 23.97 8.05 0.07
N THR A 177 23.03 8.00 -0.88
CA THR A 177 21.82 8.82 -0.86
C THR A 177 20.57 8.01 -0.58
N SER A 178 20.26 7.01 -1.38
CA SER A 178 19.01 6.27 -1.24
C SER A 178 19.04 5.06 -2.17
N ALA A 179 18.08 4.17 -1.97
CA ALA A 179 17.99 2.95 -2.78
C ALA A 179 17.46 3.26 -4.17
N CYS A 180 18.02 2.57 -5.18
CA CYS A 180 17.54 2.69 -6.54
C CYS A 180 16.31 1.82 -6.77
N THR A 181 15.75 1.93 -7.97
CA THR A 181 14.58 1.16 -8.36
C THR A 181 14.64 0.99 -9.88
N GLN A 182 14.70 -0.25 -10.35
CA GLN A 182 14.82 -0.49 -11.78
C GLN A 182 13.51 -0.15 -12.47
N ALA A 183 13.62 0.50 -13.62
CA ALA A 183 12.46 0.74 -14.47
C ALA A 183 12.19 -0.55 -15.22
N CYS A 184 11.44 -1.43 -14.59
CA CYS A 184 11.26 -2.79 -15.05
C CYS A 184 10.52 -2.82 -16.39
N PRO A 185 10.68 -3.90 -17.17
CA PRO A 185 10.06 -3.94 -18.50
C PRO A 185 8.54 -3.86 -18.44
N LYS A 186 7.96 -3.62 -19.61
CA LYS A 186 6.56 -3.27 -19.85
C LYS A 186 6.29 -1.82 -19.48
N VAL A 187 7.28 -1.06 -19.00
CA VAL A 187 7.15 0.36 -18.69
C VAL A 187 7.94 1.11 -19.74
N THR A 188 7.24 1.84 -20.60
CA THR A 188 7.84 2.57 -21.71
C THR A 188 7.67 4.07 -21.48
N PHE A 189 8.72 4.84 -21.77
CA PHE A 189 8.70 6.28 -21.62
C PHE A 189 8.25 7.01 -22.87
N GLU A 190 7.49 6.33 -23.74
CA GLU A 190 7.10 6.93 -25.01
C GLU A 190 6.16 8.10 -24.74
N PRO A 191 6.51 9.35 -25.09
CA PRO A 191 5.62 10.46 -24.76
C PRO A 191 4.40 10.51 -25.65
N ILE A 192 3.41 9.67 -25.36
CA ILE A 192 2.15 9.68 -26.10
C ILE A 192 1.42 10.98 -25.80
N PRO A 193 0.59 11.50 -26.70
CA PRO A 193 -0.18 12.71 -26.36
C PRO A 193 -1.37 12.37 -25.46
N ILE A 194 -1.64 13.26 -24.51
CA ILE A 194 -2.76 13.13 -23.58
C ILE A 194 -3.54 14.45 -23.59
N HIS A 195 -4.87 14.35 -23.71
CA HIS A 195 -5.75 15.49 -23.73
C HIS A 195 -6.29 15.75 -22.32
N TYR A 196 -6.40 17.03 -21.95
CA TYR A 196 -6.87 17.47 -20.64
C TYR A 196 -8.28 18.00 -20.70
N CYS A 197 -9.20 17.24 -20.12
CA CYS A 197 -10.62 17.50 -20.28
C CYS A 197 -11.22 17.94 -18.96
N ALA A 198 -12.22 18.82 -19.05
CA ALA A 198 -12.72 19.53 -17.90
C ALA A 198 -13.90 18.78 -17.29
N PRO A 199 -14.02 18.79 -15.97
CA PRO A 199 -15.04 17.96 -15.33
C PRO A 199 -16.43 18.52 -15.56
N ALA A 200 -17.44 17.85 -15.03
CA ALA A 200 -18.81 18.31 -15.23
C ALA A 200 -19.02 19.62 -14.49
N GLY A 201 -19.52 20.62 -15.22
CA GLY A 201 -19.84 21.92 -14.64
C GLY A 201 -18.82 23.02 -14.88
N TYR A 202 -17.73 22.73 -15.60
CA TYR A 202 -16.74 23.73 -15.97
C TYR A 202 -16.56 23.72 -17.48
N ALA A 203 -15.73 24.65 -17.97
CA ALA A 203 -15.41 24.73 -19.39
C ALA A 203 -14.01 25.32 -19.54
N ILE A 204 -13.42 25.10 -20.71
CA ILE A 204 -12.06 25.54 -21.03
C ILE A 204 -12.14 26.51 -22.19
N LEU A 205 -11.51 27.69 -22.02
CA LEU A 205 -11.48 28.74 -23.02
C LEU A 205 -10.07 28.83 -23.62
N LYS A 206 -10.01 29.23 -24.89
CA LYS A 206 -8.78 29.25 -25.67
C LYS A 206 -8.61 30.60 -26.35
N CYS A 207 -7.35 30.94 -26.63
CA CYS A 207 -6.96 32.13 -27.38
C CYS A 207 -6.56 31.71 -28.77
N ASN A 208 -7.09 32.39 -29.79
CA ASN A 208 -6.72 32.13 -31.19
C ASN A 208 -5.87 33.24 -31.79
N ASN A 209 -5.55 34.30 -31.06
CA ASN A 209 -4.69 35.35 -31.59
C ASN A 209 -3.28 34.79 -31.76
N GLU A 210 -2.80 34.76 -33.01
CA GLU A 210 -1.56 34.04 -33.30
C GLU A 210 -0.36 34.71 -32.65
N THR A 211 -0.39 36.04 -32.54
CA THR A 211 0.71 36.79 -31.93
C THR A 211 0.49 36.99 -30.42
N PHE A 212 -0.31 36.10 -29.80
CA PHE A 212 -0.62 36.21 -28.38
C PHE A 212 0.65 36.01 -27.56
N ASN A 213 1.13 37.07 -26.94
CA ASN A 213 2.41 37.04 -26.23
C ASN A 213 2.33 36.35 -24.86
N GLY A 214 1.13 35.98 -24.40
CA GLY A 214 0.95 35.25 -23.16
C GLY A 214 0.13 35.96 -22.11
N THR A 215 0.03 37.28 -22.18
CA THR A 215 -0.73 38.08 -21.22
C THR A 215 -1.60 39.08 -21.97
N GLY A 216 -2.42 39.80 -21.24
CA GLY A 216 -3.29 40.80 -21.81
C GLY A 216 -4.51 40.18 -22.45
N PRO A 217 -5.53 41.00 -22.75
CA PRO A 217 -6.79 40.46 -23.25
C PRO A 217 -6.68 39.91 -24.67
N CYS A 218 -7.22 38.71 -24.87
CA CYS A 218 -7.34 38.05 -26.16
C CYS A 218 -8.80 38.05 -26.58
N SER A 219 -9.09 38.60 -27.76
CA SER A 219 -10.47 38.75 -28.20
C SER A 219 -10.98 37.53 -28.97
N ASN A 220 -10.15 36.89 -29.79
CA ASN A 220 -10.58 35.74 -30.58
C ASN A 220 -10.60 34.52 -29.67
N VAL A 221 -11.64 34.45 -28.84
CA VAL A 221 -11.79 33.41 -27.84
C VAL A 221 -12.71 32.32 -28.38
N SER A 222 -12.42 31.08 -28.02
CA SER A 222 -13.25 29.95 -28.40
C SER A 222 -13.25 28.93 -27.29
N THR A 223 -14.32 28.15 -27.23
CA THR A 223 -14.47 27.11 -26.23
C THR A 223 -13.91 25.79 -26.76
N VAL A 224 -13.33 25.02 -25.86
CA VAL A 224 -12.80 23.70 -26.16
C VAL A 224 -13.31 22.76 -25.10
N GLN A 225 -13.88 21.62 -25.53
CA GLN A 225 -14.17 20.60 -24.54
C GLN A 225 -12.87 20.09 -23.91
N CYS A 226 -11.89 19.70 -24.72
CA CYS A 226 -10.59 19.41 -24.17
C CYS A 226 -9.45 19.44 -25.20
N THR A 227 -8.27 19.76 -24.68
CA THR A 227 -7.20 20.42 -25.42
C THR A 227 -6.62 19.50 -26.50
N HIS A 228 -5.86 20.11 -27.40
CA HIS A 228 -5.14 19.34 -28.41
C HIS A 228 -4.10 18.45 -27.74
N GLY A 229 -3.62 17.47 -28.50
CA GLY A 229 -2.65 16.53 -27.97
C GLY A 229 -1.40 17.19 -27.45
N ILE A 230 -1.08 16.95 -26.18
CA ILE A 230 0.08 17.54 -25.52
C ILE A 230 1.07 16.40 -25.25
N ARG A 231 2.25 16.50 -25.85
CA ARG A 231 3.27 15.48 -25.70
C ARG A 231 4.09 15.80 -24.47
N PRO A 232 3.99 15.02 -23.36
CA PRO A 232 4.64 15.44 -22.10
C PRO A 232 6.11 15.02 -22.04
N VAL A 233 6.92 15.56 -22.95
CA VAL A 233 8.35 15.29 -22.96
C VAL A 233 9.00 15.99 -21.77
N VAL A 234 10.23 15.61 -21.46
CA VAL A 234 11.07 16.35 -20.51
C VAL A 234 12.44 16.50 -21.14
N SER A 235 12.92 17.73 -21.21
CA SER A 235 14.21 18.04 -21.82
C SER A 235 14.67 19.38 -21.28
N THR A 236 15.94 19.70 -21.54
CA THR A 236 16.57 20.90 -21.01
C THR A 236 17.41 21.55 -22.10
N GLN A 237 17.41 22.89 -22.09
CA GLN A 237 18.12 23.75 -23.04
C GLN A 237 17.50 23.77 -24.43
N LEU A 238 16.43 23.02 -24.68
CA LEU A 238 15.69 23.07 -25.92
C LEU A 238 14.32 22.44 -25.66
N LEU A 239 13.43 22.58 -26.62
CA LEU A 239 12.14 21.91 -26.61
C LEU A 239 12.08 20.91 -27.75
N LEU A 240 11.41 19.78 -27.51
CA LEU A 240 11.41 18.65 -28.42
C LEU A 240 9.98 18.22 -28.70
N ASN A 241 9.65 18.06 -29.98
CA ASN A 241 8.37 17.55 -30.46
C ASN A 241 7.19 18.44 -30.06
N GLY A 242 7.44 19.66 -29.59
CA GLY A 242 6.37 20.52 -29.11
C GLY A 242 5.51 21.09 -30.22
N SER A 243 4.78 22.16 -29.92
CA SER A 243 3.86 22.80 -30.85
C SER A 243 4.44 24.11 -31.33
N LEU A 244 4.43 24.30 -32.65
CA LEU A 244 4.93 25.53 -33.26
C LEU A 244 3.85 26.61 -33.15
N ALA A 245 4.06 27.73 -33.85
CA ALA A 245 3.08 28.79 -34.00
C ALA A 245 2.92 29.10 -35.48
N GLU A 246 1.68 29.31 -35.93
CA GLU A 246 1.41 29.47 -37.35
C GLU A 246 2.11 30.72 -37.90
N LYS A 247 2.02 31.83 -37.18
CA LYS A 247 2.70 33.05 -37.58
C LYS A 247 4.19 32.95 -37.19
N GLU A 248 4.93 34.02 -37.44
CA GLU A 248 6.38 34.00 -37.29
C GLU A 248 6.77 33.81 -35.83
N ILE A 249 8.08 33.79 -35.59
CA ILE A 249 8.64 33.35 -34.30
C ILE A 249 8.15 34.26 -33.18
N VAL A 250 7.58 33.64 -32.16
CA VAL A 250 7.08 34.33 -30.97
C VAL A 250 8.16 34.31 -29.91
N ILE A 251 8.17 35.32 -29.06
CA ILE A 251 9.04 35.40 -27.89
C ILE A 251 8.16 35.72 -26.68
N ARG A 252 8.26 34.89 -25.64
CA ARG A 252 7.41 35.00 -24.46
C ARG A 252 8.25 35.02 -23.19
N SER A 253 7.95 35.99 -22.32
CA SER A 253 8.54 36.10 -20.99
C SER A 253 7.67 37.04 -20.17
N GLU A 254 7.64 36.80 -18.85
CA GLU A 254 6.78 37.59 -17.97
C GLU A 254 7.24 39.03 -17.88
N ASN A 255 8.54 39.24 -17.68
CA ASN A 255 9.10 40.58 -17.49
C ASN A 255 10.49 40.58 -18.10
N LEU A 256 10.61 41.08 -19.33
CA LEU A 256 11.91 41.11 -19.98
C LEU A 256 12.89 42.04 -19.29
N THR A 257 12.41 43.06 -18.57
CA THR A 257 13.31 43.96 -17.87
C THR A 257 14.07 43.26 -16.74
N ASN A 258 13.63 42.07 -16.32
CA ASN A 258 14.37 41.27 -15.36
C ASN A 258 15.33 40.34 -16.09
N ASN A 259 16.53 40.16 -15.53
CA ASN A 259 17.56 39.34 -16.14
C ASN A 259 17.53 37.88 -15.68
N ALA A 260 16.56 37.49 -14.86
CA ALA A 260 16.45 36.13 -14.37
C ALA A 260 15.35 35.32 -15.05
N LYS A 261 14.31 35.98 -15.57
CA LYS A 261 13.20 35.27 -16.17
C LYS A 261 13.66 34.57 -17.45
N ILE A 262 13.13 33.36 -17.66
CA ILE A 262 13.53 32.51 -18.78
C ILE A 262 12.62 32.78 -19.97
N ILE A 263 13.22 33.03 -21.12
CA ILE A 263 12.49 33.19 -22.37
C ILE A 263 12.15 31.81 -22.92
N ILE A 264 10.99 31.68 -23.55
CA ILE A 264 10.53 30.42 -24.15
C ILE A 264 10.15 30.75 -25.59
N VAL A 265 11.07 30.52 -26.53
CA VAL A 265 10.87 30.85 -27.93
C VAL A 265 10.11 29.74 -28.63
N HIS A 266 9.33 30.15 -29.63
CA HIS A 266 8.61 29.26 -30.54
C HIS A 266 9.01 29.51 -31.98
N LEU A 267 9.53 28.48 -32.62
CA LEU A 267 10.06 28.60 -33.96
C LEU A 267 8.94 28.48 -34.98
N ASN A 268 9.05 29.28 -36.05
CA ASN A 268 8.07 29.23 -37.12
C ASN A 268 8.14 27.92 -37.87
N THR A 269 9.33 27.31 -37.93
CA THR A 269 9.53 26.02 -38.56
C THR A 269 10.53 25.22 -37.73
N SER A 270 10.30 23.91 -37.67
CA SER A 270 11.13 23.04 -36.85
C SER A 270 12.50 22.85 -37.48
N VAL A 271 13.44 22.32 -36.68
CA VAL A 271 14.77 21.93 -37.12
C VAL A 271 14.95 20.45 -36.79
N GLU A 272 15.36 19.68 -37.80
CA GLU A 272 15.43 18.23 -37.66
C GLU A 272 16.75 17.84 -36.99
N ILE A 273 16.66 16.97 -35.99
CA ILE A 273 17.81 16.50 -35.22
C ILE A 273 17.77 14.99 -35.17
N VAL A 274 18.96 14.38 -35.20
CA VAL A 274 19.12 12.93 -35.15
C VAL A 274 20.22 12.61 -34.15
N CYS A 275 20.03 11.54 -33.39
CA CYS A 275 21.01 11.07 -32.42
C CYS A 275 21.11 9.56 -32.49
N THR A 276 22.28 9.04 -32.12
CA THR A 276 22.56 7.63 -32.31
C THR A 276 23.58 7.17 -31.27
N ARG A 277 23.66 5.84 -31.12
CA ARG A 277 24.63 5.20 -30.23
C ARG A 277 25.19 4.00 -31.00
N PRO A 278 26.12 4.25 -31.93
CA PRO A 278 26.51 3.18 -32.89
C PRO A 278 27.06 1.91 -32.27
N GLY A 279 27.53 1.95 -31.02
CA GLY A 279 28.00 0.74 -30.38
C GLY A 279 26.92 -0.31 -30.24
N ASN A 280 27.19 -1.53 -30.72
CA ASN A 280 26.19 -2.60 -30.68
C ASN A 280 26.31 -3.29 -29.32
N ASN A 281 25.64 -2.71 -28.33
CA ASN A 281 25.63 -3.20 -26.96
C ASN A 281 24.95 -4.56 -26.86
N THR A 282 25.00 -5.13 -25.66
CA THR A 282 24.36 -6.40 -25.34
C THR A 282 23.96 -6.35 -23.87
N ARG A 283 22.85 -7.03 -23.56
CA ARG A 283 22.30 -7.07 -22.21
C ARG A 283 22.37 -8.48 -21.67
N LYS A 284 22.78 -8.61 -20.41
CA LYS A 284 22.79 -9.88 -19.69
C LYS A 284 21.99 -9.73 -18.40
N SER A 285 21.28 -10.79 -18.03
CA SER A 285 20.44 -10.82 -16.85
C SER A 285 21.12 -11.65 -15.77
N VAL A 286 21.21 -11.08 -14.57
CA VAL A 286 21.75 -11.76 -13.39
C VAL A 286 20.65 -11.80 -12.34
N ARG A 287 20.38 -12.99 -11.81
CA ARG A 287 19.30 -13.19 -10.87
C ARG A 287 19.79 -12.93 -9.45
N ILE A 288 18.89 -12.40 -8.62
CA ILE A 288 19.19 -12.03 -7.24
C ILE A 288 18.08 -12.57 -6.34
N GLY A 289 18.45 -13.36 -5.33
CA GLY A 289 17.53 -13.82 -4.32
C GLY A 289 16.36 -14.62 -4.88
N PRO A 290 15.10 -14.29 -4.51
CA PRO A 290 13.97 -15.02 -5.11
C PRO A 290 13.78 -14.61 -6.57
N GLY A 291 12.69 -15.07 -7.21
CA GLY A 291 12.49 -14.78 -8.61
C GLY A 291 12.49 -13.28 -8.87
N GLN A 292 13.60 -12.81 -9.42
CA GLN A 292 13.92 -11.39 -9.44
C GLN A 292 15.18 -11.20 -10.29
N THR A 293 15.15 -10.26 -11.24
CA THR A 293 16.22 -10.11 -12.21
C THR A 293 16.72 -8.67 -12.23
N PHE A 294 17.90 -8.49 -12.83
CA PHE A 294 18.51 -7.18 -12.97
C PHE A 294 19.39 -7.19 -14.21
N TYR A 295 19.06 -6.37 -15.19
CA TYR A 295 19.80 -6.31 -16.45
C TYR A 295 20.97 -5.35 -16.33
N ALA A 296 22.03 -5.63 -17.08
CA ALA A 296 23.22 -4.79 -17.10
C ALA A 296 23.90 -4.95 -18.45
N THR A 297 24.72 -3.96 -18.80
CA THR A 297 25.36 -3.93 -20.11
C THR A 297 26.47 -4.99 -20.16
N GLY A 298 26.39 -5.86 -21.16
CA GLY A 298 27.42 -6.87 -21.37
C GLY A 298 28.62 -6.30 -22.08
N ASP A 299 29.15 -7.05 -23.05
CA ASP A 299 30.34 -6.64 -23.79
C ASP A 299 29.96 -5.98 -25.10
N ILE A 300 30.82 -5.08 -25.57
CA ILE A 300 30.56 -4.32 -26.79
C ILE A 300 30.96 -5.21 -27.97
N ILE A 301 29.97 -5.71 -28.70
CA ILE A 301 30.25 -6.53 -29.87
C ILE A 301 30.68 -5.64 -31.02
N GLY A 302 31.84 -5.95 -31.59
CA GLY A 302 32.36 -5.19 -32.71
C GLY A 302 33.35 -4.12 -32.24
N ASP A 303 33.20 -2.90 -32.77
CA ASP A 303 34.05 -1.77 -32.44
C ASP A 303 33.29 -0.79 -31.56
N ILE A 304 34.04 0.08 -30.89
CA ILE A 304 33.49 1.06 -29.96
C ILE A 304 33.43 2.41 -30.66
N ARG A 305 32.35 3.14 -30.41
CA ARG A 305 32.16 4.47 -30.98
C ARG A 305 31.39 5.32 -29.98
N GLN A 306 31.48 6.64 -30.17
CA GLN A 306 30.94 7.60 -29.23
C GLN A 306 29.55 8.04 -29.69
N ALA A 307 28.57 7.98 -28.79
CA ALA A 307 27.23 8.43 -29.11
C ALA A 307 27.23 9.93 -29.41
N HIS A 308 26.59 10.32 -30.50
CA HIS A 308 26.64 11.68 -31.02
C HIS A 308 25.25 12.11 -31.45
N CYS A 309 25.15 13.37 -31.87
CA CYS A 309 23.91 13.94 -32.38
C CYS A 309 24.22 14.83 -33.59
N ASN A 310 23.31 14.81 -34.56
CA ASN A 310 23.46 15.54 -35.81
C ASN A 310 22.33 16.54 -35.97
N ILE A 311 22.69 17.79 -36.26
CA ILE A 311 21.74 18.87 -36.51
C ILE A 311 22.11 19.50 -37.84
N SER A 312 21.12 19.67 -38.71
CA SER A 312 21.36 20.32 -40.00
C SER A 312 21.80 21.76 -39.78
N GLU A 313 22.99 22.10 -40.28
CA GLU A 313 23.57 23.41 -40.01
C GLU A 313 22.93 24.51 -40.83
N LYS A 314 22.46 24.21 -42.04
CA LYS A 314 21.83 25.22 -42.88
C LYS A 314 20.57 25.76 -42.20
N GLN A 315 19.67 24.85 -41.82
CA GLN A 315 18.45 25.25 -41.12
C GLN A 315 18.78 25.90 -39.79
N TRP A 316 19.79 25.38 -39.09
CA TRP A 316 20.09 25.90 -37.76
C TRP A 316 20.61 27.32 -37.84
N ASN A 317 21.49 27.61 -38.80
CA ASN A 317 21.98 28.98 -38.94
C ASN A 317 20.86 29.91 -39.35
N GLU A 318 19.98 29.47 -40.26
CA GLU A 318 18.86 30.31 -40.66
C GLU A 318 17.96 30.63 -39.47
N THR A 319 17.64 29.60 -38.67
CA THR A 319 16.73 29.80 -37.54
C THR A 319 17.37 30.66 -36.47
N LEU A 320 18.66 30.46 -36.20
CA LEU A 320 19.34 31.29 -35.22
C LEU A 320 19.37 32.75 -35.65
N GLN A 321 19.61 32.98 -36.93
CA GLN A 321 19.56 34.35 -37.46
C GLN A 321 18.18 34.96 -37.29
N LYS A 322 17.13 34.18 -37.59
CA LYS A 322 15.78 34.72 -37.46
C LYS A 322 15.45 35.06 -36.01
N VAL A 323 15.82 34.17 -35.08
CA VAL A 323 15.55 34.44 -33.67
C VAL A 323 16.33 35.67 -33.21
N GLY A 324 17.56 35.84 -33.69
CA GLY A 324 18.29 37.05 -33.38
C GLY A 324 17.60 38.28 -33.93
N LYS A 325 17.04 38.17 -35.13
CA LYS A 325 16.31 39.29 -35.73
C LYS A 325 15.09 39.66 -34.88
N GLU A 326 14.36 38.66 -34.39
CA GLU A 326 13.16 38.94 -33.60
C GLU A 326 13.49 39.49 -32.23
N LEU A 327 14.52 38.96 -31.58
CA LEU A 327 14.89 39.41 -30.25
C LEU A 327 15.31 40.88 -30.25
N GLN A 328 15.87 41.36 -31.37
CA GLN A 328 16.35 42.73 -31.44
C GLN A 328 15.24 43.75 -31.29
N LYS A 329 13.98 43.37 -31.50
CA LYS A 329 12.88 44.32 -31.36
C LYS A 329 12.69 44.75 -29.91
N HIS A 330 12.61 43.78 -28.99
CA HIS A 330 12.24 44.09 -27.62
C HIS A 330 13.34 44.84 -26.88
N PHE A 331 14.60 44.53 -27.18
CA PHE A 331 15.74 45.26 -26.62
C PHE A 331 16.17 46.31 -27.64
N PRO A 332 16.14 47.62 -27.32
CA PRO A 332 16.12 48.61 -28.41
C PRO A 332 17.44 48.72 -29.18
N ASN A 333 17.46 48.13 -30.37
CA ASN A 333 18.50 48.34 -31.37
C ASN A 333 19.91 48.13 -30.81
N LYS A 334 20.07 47.05 -30.04
CA LYS A 334 21.38 46.58 -29.60
C LYS A 334 21.81 45.39 -30.43
N THR A 335 23.10 45.10 -30.40
CA THR A 335 23.59 43.84 -30.94
C THR A 335 23.14 42.70 -30.02
N ILE A 336 23.08 41.49 -30.59
CA ILE A 336 22.71 40.29 -29.85
C ILE A 336 23.67 39.18 -30.23
N LYS A 337 24.11 38.43 -29.21
CA LYS A 337 25.06 37.35 -29.39
C LYS A 337 24.61 36.16 -28.54
N TYR A 338 25.06 34.98 -28.94
CA TYR A 338 24.82 33.74 -28.22
C TYR A 338 26.15 33.16 -27.80
N GLU A 339 26.21 32.66 -26.57
CA GLU A 339 27.45 32.17 -25.98
C GLU A 339 27.20 30.83 -25.30
N ARG A 340 28.28 30.22 -24.86
CA ARG A 340 28.23 28.88 -24.28
C ARG A 340 27.41 28.90 -22.98
N SER A 341 26.88 27.73 -22.64
CA SER A 341 25.93 27.62 -21.53
C SER A 341 26.61 27.99 -20.21
N ALA A 342 25.77 28.17 -19.18
CA ALA A 342 26.27 28.63 -17.90
C ALA A 342 27.22 27.62 -17.26
N GLY A 343 27.01 26.33 -17.50
CA GLY A 343 27.81 25.30 -16.88
C GLY A 343 27.30 24.91 -15.51
N GLY A 344 28.07 24.01 -14.88
CA GLY A 344 27.73 23.48 -13.57
C GLY A 344 27.49 21.99 -13.61
N ASP A 345 26.34 21.55 -13.08
CA ASP A 345 25.96 20.14 -13.19
C ASP A 345 25.78 19.78 -14.66
N MET A 346 26.18 18.56 -15.01
CA MET A 346 26.09 18.14 -16.41
C MET A 346 24.64 18.12 -16.88
N GLU A 347 23.70 17.75 -16.00
CA GLU A 347 22.29 17.77 -16.36
C GLU A 347 21.84 19.18 -16.72
N ILE A 348 22.23 20.18 -15.91
CA ILE A 348 21.88 21.56 -16.20
C ILE A 348 22.75 22.12 -17.31
N ALA A 349 24.01 21.71 -17.38
CA ALA A 349 24.96 22.24 -18.36
C ALA A 349 24.90 21.54 -19.71
N THR A 350 24.07 20.51 -19.86
CA THR A 350 24.01 19.75 -21.11
C THR A 350 22.56 19.44 -21.46
N HIS A 351 22.25 19.55 -22.75
CA HIS A 351 20.99 19.05 -23.28
C HIS A 351 20.86 17.54 -23.09
N SER A 352 19.67 17.10 -22.69
CA SER A 352 19.43 15.72 -22.26
C SER A 352 18.16 15.17 -22.90
N PHE A 353 18.31 14.11 -23.69
CA PHE A 353 17.21 13.31 -24.21
C PHE A 353 16.79 12.22 -23.22
N ASN A 354 15.66 11.56 -23.53
CA ASN A 354 15.29 10.30 -22.91
C ASN A 354 14.85 9.25 -23.93
N CYS A 355 15.02 9.51 -25.22
CA CYS A 355 14.39 8.69 -26.24
C CYS A 355 15.13 7.38 -26.45
N GLY A 356 14.38 6.35 -26.80
CA GLY A 356 14.93 5.02 -26.96
C GLY A 356 15.06 4.23 -25.68
N GLY A 357 14.52 4.73 -24.57
CA GLY A 357 14.73 4.10 -23.28
C GLY A 357 16.09 4.33 -22.67
N GLU A 358 16.88 5.25 -23.23
CA GLU A 358 18.20 5.60 -22.72
C GLU A 358 18.29 7.10 -22.59
N PHE A 359 19.04 7.55 -21.59
CA PHE A 359 19.16 8.97 -21.25
C PHE A 359 20.49 9.50 -21.74
N PHE A 360 20.45 10.57 -22.54
CA PHE A 360 21.65 11.21 -23.09
C PHE A 360 21.96 12.47 -22.31
N TYR A 361 23.18 12.96 -22.52
CA TYR A 361 23.61 14.27 -22.00
C TYR A 361 24.58 14.85 -23.02
N CYS A 362 24.06 15.68 -23.91
CA CYS A 362 24.81 16.17 -25.07
C CYS A 362 25.30 17.59 -24.85
N ASN A 363 26.52 17.86 -25.30
CA ASN A 363 27.10 19.18 -25.18
C ASN A 363 26.62 20.07 -26.31
N THR A 364 26.21 21.29 -25.97
CA THR A 364 25.66 22.26 -26.93
C THR A 364 26.61 23.42 -27.19
N SER A 365 27.91 23.26 -26.89
CA SER A 365 28.85 24.35 -27.04
C SER A 365 28.98 24.79 -28.49
N LYS A 366 29.18 23.83 -29.40
CA LYS A 366 29.29 24.16 -30.81
C LYS A 366 28.00 24.72 -31.39
N LEU A 367 26.86 24.46 -30.74
CA LEU A 367 25.57 24.82 -31.32
C LEU A 367 25.27 26.31 -31.19
N PHE A 368 25.73 26.96 -30.13
CA PHE A 368 25.44 28.37 -29.85
C PHE A 368 26.73 29.18 -30.01
N ASN A 369 26.91 29.73 -31.21
CA ASN A 369 28.08 30.57 -31.48
C ASN A 369 27.74 31.44 -32.68
N GLY A 370 27.56 32.73 -32.45
CA GLY A 370 27.21 33.64 -33.53
C GLY A 370 26.80 35.00 -33.02
N THR A 371 26.07 35.73 -33.85
CA THR A 371 25.62 37.07 -33.53
C THR A 371 24.27 37.31 -34.19
N TYR A 372 23.70 38.49 -33.94
CA TYR A 372 22.37 38.85 -34.43
C TYR A 372 22.27 38.74 -35.95
N THR A 386 27.11 19.77 -41.96
CA THR A 386 26.29 19.57 -40.78
C THR A 386 27.13 19.77 -39.52
N ILE A 387 26.50 19.61 -38.36
CA ILE A 387 27.13 19.79 -37.06
C ILE A 387 26.96 18.50 -36.28
N THR A 388 28.04 18.05 -35.63
CA THR A 388 28.02 16.86 -34.79
C THR A 388 28.33 17.24 -33.36
N LEU A 389 27.49 16.77 -32.43
CA LEU A 389 27.64 17.04 -31.00
C LEU A 389 27.99 15.74 -30.29
N GLN A 390 29.10 15.74 -29.57
CA GLN A 390 29.43 14.59 -28.73
C GLN A 390 28.44 14.49 -27.58
N CYS A 391 28.20 13.27 -27.11
CA CYS A 391 27.23 13.01 -26.07
C CYS A 391 27.75 11.94 -25.12
N ARG A 392 27.21 11.94 -23.91
CA ARG A 392 27.46 10.90 -22.93
C ARG A 392 26.12 10.49 -22.33
N ILE A 393 26.04 9.23 -21.91
CA ILE A 393 24.80 8.66 -21.40
C ILE A 393 25.04 8.16 -19.98
N LYS A 394 23.96 8.10 -19.21
CA LYS A 394 23.97 7.61 -17.84
C LYS A 394 22.91 6.53 -17.68
N GLN A 395 23.12 5.67 -16.68
CA GLN A 395 22.16 4.65 -16.29
C GLN A 395 21.45 4.99 -14.98
N ILE A 396 22.18 5.50 -14.00
CA ILE A 396 21.59 5.90 -12.73
C ILE A 396 21.05 7.32 -12.91
N ILE A 397 19.73 7.46 -12.88
CA ILE A 397 19.05 8.73 -13.15
C ILE A 397 18.28 9.13 -11.91
N ASN A 398 18.61 10.30 -11.37
CA ASN A 398 17.70 11.00 -10.48
C ASN A 398 16.63 11.65 -11.34
N MET A 399 15.37 11.51 -10.94
CA MET A 399 14.27 12.08 -11.71
C MET A 399 14.47 13.58 -11.86
N TRP A 400 14.34 14.08 -13.09
CA TRP A 400 14.93 15.36 -13.46
C TRP A 400 14.26 16.56 -12.80
N GLN A 401 13.23 16.37 -11.97
CA GLN A 401 12.86 17.41 -11.03
C GLN A 401 13.84 17.52 -9.87
N GLY A 402 14.74 16.55 -9.71
CA GLY A 402 15.62 16.54 -8.57
C GLY A 402 14.95 16.15 -7.27
N VAL A 403 13.72 15.62 -7.33
CA VAL A 403 12.92 15.31 -6.16
C VAL A 403 12.59 13.82 -6.10
N GLY A 404 12.24 13.22 -7.23
CA GLY A 404 11.91 11.80 -7.24
C GLY A 404 13.12 10.94 -6.92
N ARG A 405 12.82 9.74 -6.42
CA ARG A 405 13.85 8.79 -6.04
C ARG A 405 14.65 8.34 -7.26
N CYS A 406 15.80 7.73 -6.98
CA CYS A 406 16.69 7.30 -8.05
C CYS A 406 16.03 6.21 -8.90
N MET A 407 16.46 6.15 -10.16
CA MET A 407 15.93 5.20 -11.12
C MET A 407 17.11 4.61 -11.89
N TYR A 408 17.02 3.33 -12.23
CA TYR A 408 18.02 2.66 -13.06
C TYR A 408 17.37 2.35 -14.40
N ALA A 409 17.80 3.03 -15.44
CA ALA A 409 17.28 2.78 -16.77
C ALA A 409 18.00 1.57 -17.35
N PRO A 410 17.30 0.45 -17.64
CA PRO A 410 18.02 -0.75 -18.09
C PRO A 410 18.60 -0.52 -19.47
N PRO A 411 19.74 -1.14 -19.78
CA PRO A 411 20.30 -0.98 -21.12
C PRO A 411 19.42 -1.68 -22.16
N ILE A 412 19.46 -1.15 -23.38
CA ILE A 412 18.67 -1.66 -24.50
C ILE A 412 19.63 -2.18 -25.56
N ALA A 413 19.37 -3.41 -26.02
CA ALA A 413 20.26 -4.06 -26.97
C ALA A 413 20.13 -3.43 -28.35
N GLY A 414 21.17 -3.64 -29.16
CA GLY A 414 21.19 -3.11 -30.52
C GLY A 414 21.47 -1.62 -30.55
N ASN A 415 22.15 -1.15 -31.58
CA ASN A 415 22.39 0.28 -31.69
C ASN A 415 21.07 1.00 -31.95
N ILE A 416 20.87 2.12 -31.25
CA ILE A 416 19.59 2.80 -31.18
C ILE A 416 19.72 4.18 -31.81
N THR A 417 18.78 4.52 -32.68
CA THR A 417 18.66 5.85 -33.27
C THR A 417 17.43 6.54 -32.70
N CYS A 418 17.34 7.84 -32.96
CA CYS A 418 16.27 8.66 -32.40
C CYS A 418 16.18 9.95 -33.18
N LYS A 419 14.99 10.26 -33.69
CA LYS A 419 14.77 11.39 -34.59
C LYS A 419 13.67 12.27 -34.02
N SER A 420 13.96 13.57 -33.89
CA SER A 420 13.07 14.50 -33.19
C SER A 420 12.98 15.79 -33.99
N ASN A 421 12.18 16.72 -33.47
CA ASN A 421 12.04 18.06 -34.04
C ASN A 421 12.32 19.08 -32.96
N ILE A 422 13.28 19.96 -33.21
CA ILE A 422 13.50 21.11 -32.34
C ILE A 422 12.49 22.18 -32.73
N THR A 423 11.77 22.70 -31.73
CA THR A 423 10.70 23.66 -31.99
C THR A 423 10.80 24.90 -31.11
N GLY A 424 11.43 24.79 -29.95
CA GLY A 424 11.54 25.91 -29.03
C GLY A 424 12.88 25.88 -28.32
N LEU A 425 13.29 27.07 -27.86
CA LEU A 425 14.55 27.27 -27.18
C LEU A 425 14.29 27.90 -25.82
N LEU A 426 15.16 27.59 -24.86
CA LEU A 426 15.10 28.16 -23.51
C LEU A 426 16.37 28.96 -23.29
N LEU A 427 16.25 30.28 -23.42
CA LEU A 427 17.36 31.21 -23.24
C LEU A 427 17.23 31.93 -21.89
N THR A 428 18.28 32.67 -21.54
CA THR A 428 18.24 33.57 -20.41
C THR A 428 19.14 34.75 -20.73
N ARG A 429 18.66 35.96 -20.47
CA ARG A 429 19.41 37.15 -20.83
C ARG A 429 20.53 37.37 -19.84
N ASP A 430 21.74 37.61 -20.35
CA ASP A 430 22.94 37.74 -19.54
C ASP A 430 22.84 38.94 -18.62
N ASN A 436 25.90 47.48 -24.56
CA ASN A 436 25.58 46.40 -25.48
C ASN A 436 26.51 45.20 -25.37
N LYS A 437 27.69 45.41 -24.77
CA LYS A 437 28.72 44.38 -24.74
C LYS A 437 28.31 43.16 -23.91
N THR A 438 27.40 43.33 -22.95
CA THR A 438 26.90 42.23 -22.11
C THR A 438 25.43 41.95 -22.30
N GLU A 439 24.61 42.95 -22.64
CA GLU A 439 23.21 42.71 -22.93
C GLU A 439 23.03 41.90 -24.22
N GLU A 440 24.02 41.93 -25.11
CA GLU A 440 23.93 41.17 -26.34
C GLU A 440 24.02 39.67 -26.10
N THR A 441 24.83 39.25 -25.12
CA THR A 441 25.06 37.82 -24.91
C THR A 441 23.81 37.15 -24.36
N PHE A 442 23.44 36.02 -24.96
CA PHE A 442 22.36 35.16 -24.50
C PHE A 442 22.88 33.76 -24.26
N ARG A 443 22.48 33.17 -23.14
CA ARG A 443 22.92 31.86 -22.71
C ARG A 443 21.76 30.87 -22.74
N PRO A 444 21.94 29.65 -23.24
CA PRO A 444 20.88 28.64 -23.07
C PRO A 444 20.66 28.36 -21.59
N ALA A 445 19.39 28.15 -21.23
CA ALA A 445 18.95 28.03 -19.85
C ALA A 445 18.34 26.65 -19.61
N GLY A 446 18.38 26.25 -18.35
CA GLY A 446 17.79 24.99 -17.92
C GLY A 446 17.23 25.12 -16.53
N GLY A 447 16.19 24.36 -16.24
CA GLY A 447 15.54 24.48 -14.96
C GLY A 447 14.38 23.53 -14.74
N ASP A 448 13.26 24.07 -14.27
CA ASP A 448 12.16 23.25 -13.81
C ASP A 448 11.54 22.46 -14.96
N MET A 449 10.95 21.31 -14.61
CA MET A 449 10.17 20.55 -15.59
C MET A 449 9.01 21.35 -16.14
N ARG A 450 8.49 22.30 -15.35
CA ARG A 450 7.30 23.05 -15.76
C ARG A 450 7.56 23.87 -17.01
N ASP A 451 8.75 24.45 -17.14
CA ASP A 451 9.03 25.38 -18.23
C ASP A 451 8.89 24.72 -19.60
N ASN A 452 9.12 23.41 -19.67
CA ASN A 452 8.89 22.68 -20.91
C ASN A 452 7.41 22.75 -21.29
N TRP A 453 6.52 22.67 -20.29
CA TRP A 453 5.10 22.51 -20.53
C TRP A 453 4.30 23.80 -20.45
N ARG A 454 4.80 24.84 -19.75
CA ARG A 454 4.17 26.15 -19.87
C ARG A 454 4.33 26.74 -21.26
N SER A 455 5.18 26.13 -22.08
CA SER A 455 5.32 26.39 -23.50
C SER A 455 4.10 25.97 -24.32
N GLU A 456 3.27 25.04 -23.81
CA GLU A 456 2.04 24.62 -24.49
C GLU A 456 0.78 25.12 -23.81
N LEU A 457 0.65 24.92 -22.50
CA LEU A 457 -0.56 25.29 -21.76
C LEU A 457 -0.54 26.79 -21.41
N TYR A 458 -0.55 27.61 -22.45
CA TYR A 458 -0.61 29.05 -22.35
C TYR A 458 -1.85 29.65 -23.00
N LYS A 459 -2.38 29.00 -24.03
CA LYS A 459 -3.62 29.46 -24.66
C LYS A 459 -4.84 29.21 -23.79
N TYR A 460 -4.73 28.35 -22.78
CA TYR A 460 -5.89 27.75 -22.14
C TYR A 460 -6.20 28.39 -20.80
N LYS A 461 -7.50 28.45 -20.50
CA LYS A 461 -8.01 28.99 -19.25
C LYS A 461 -9.11 28.08 -18.76
N VAL A 462 -9.31 28.04 -17.45
CA VAL A 462 -10.32 27.20 -16.82
C VAL A 462 -11.32 28.14 -16.15
N VAL A 463 -12.58 28.06 -16.58
CA VAL A 463 -13.64 28.94 -16.11
C VAL A 463 -14.73 28.10 -15.45
N LYS A 464 -15.23 28.59 -14.32
CA LYS A 464 -16.36 27.99 -13.62
C LYS A 464 -17.62 28.76 -13.96
N ILE A 465 -18.68 28.02 -14.26
CA ILE A 465 -19.95 28.59 -14.69
C ILE A 465 -20.96 28.43 -13.55
N GLU A 466 -21.64 29.54 -13.21
CA GLU A 466 -22.64 29.57 -12.16
C GLU A 466 -23.92 30.15 -12.75
N PRO A 467 -24.63 29.36 -13.57
CA PRO A 467 -25.73 29.93 -14.35
C PRO A 467 -26.99 30.20 -13.54
N LEU A 468 -27.03 31.34 -12.86
CA LEU A 468 -28.27 31.85 -12.29
C LEU A 468 -28.15 33.36 -12.22
N GLY A 469 -29.06 34.05 -12.90
CA GLY A 469 -29.02 35.50 -13.01
C GLY A 469 -30.36 36.14 -12.73
N VAL A 470 -30.33 37.31 -12.09
CA VAL A 470 -31.52 38.06 -11.72
C VAL A 470 -31.55 39.33 -12.56
N ALA A 471 -32.67 39.58 -13.22
CA ALA A 471 -32.83 40.71 -14.11
C ALA A 471 -34.16 41.42 -13.87
N PRO A 472 -34.27 42.71 -14.19
CA PRO A 472 -35.54 43.42 -14.01
C PRO A 472 -36.34 43.44 -15.30
N THR A 473 -37.65 43.38 -15.14
CA THR A 473 -38.60 43.51 -16.24
C THR A 473 -40.00 43.65 -15.65
N ARG A 474 -41.00 43.74 -16.53
CA ARG A 474 -42.38 43.98 -16.17
C ARG A 474 -43.14 42.71 -15.75
N CYS A 475 -42.42 41.67 -15.34
CA CYS A 475 -43.03 40.49 -14.75
C CYS A 475 -44.01 40.84 -13.62
N LYS A 476 -44.93 39.91 -13.38
CA LYS A 476 -45.75 39.90 -12.17
C LYS A 476 -46.34 38.51 -12.06
N ARG A 477 -46.33 37.93 -10.86
CA ARG A 477 -46.90 36.60 -10.69
C ARG A 477 -48.42 36.64 -10.75
N GLY B 10 -25.52 25.40 -29.34
CA GLY B 10 -24.18 25.04 -28.82
C GLY B 10 -23.90 25.64 -27.46
N PHE B 11 -23.08 24.95 -26.67
CA PHE B 11 -22.78 25.40 -25.32
C PHE B 11 -22.03 26.73 -25.36
N LEU B 12 -22.48 27.69 -24.55
CA LEU B 12 -21.95 29.06 -24.53
C LEU B 12 -22.02 29.72 -25.90
N GLY B 13 -22.93 29.26 -26.76
CA GLY B 13 -23.02 29.78 -28.12
C GLY B 13 -23.51 31.20 -28.22
N ALA B 14 -24.06 31.75 -27.14
CA ALA B 14 -24.53 33.13 -27.09
C ALA B 14 -23.94 33.86 -25.89
N ALA B 15 -22.70 33.52 -25.51
CA ALA B 15 -22.09 34.12 -24.33
C ALA B 15 -21.79 35.60 -24.53
N GLY B 16 -21.66 36.06 -25.77
CA GLY B 16 -21.33 37.45 -26.05
C GLY B 16 -22.51 38.28 -26.51
N SER B 17 -23.60 37.64 -26.91
CA SER B 17 -24.74 38.37 -27.44
C SER B 17 -25.43 39.16 -26.33
N THR B 18 -26.37 40.01 -26.73
CA THR B 18 -27.06 40.86 -25.78
C THR B 18 -28.00 40.04 -24.89
N MET B 19 -28.46 40.69 -23.82
CA MET B 19 -29.34 40.04 -22.87
C MET B 19 -30.64 39.57 -23.52
N GLY B 20 -31.12 40.29 -24.52
CA GLY B 20 -32.34 39.91 -25.20
C GLY B 20 -32.18 38.72 -26.14
N ALA B 21 -30.95 38.44 -26.58
CA ALA B 21 -30.66 37.33 -27.48
C ALA B 21 -30.20 36.08 -26.75
N ALA B 22 -29.38 36.24 -25.71
CA ALA B 22 -28.92 35.08 -24.95
C ALA B 22 -30.05 34.42 -24.16
N SER B 23 -31.14 35.15 -23.90
CA SER B 23 -32.25 34.58 -23.14
C SER B 23 -33.04 33.56 -23.92
N MET B 24 -32.81 33.42 -25.23
CA MET B 24 -33.43 32.34 -26.00
C MET B 24 -32.80 31.00 -25.63
N THR B 25 -33.56 29.94 -25.86
CA THR B 25 -33.15 28.57 -25.56
C THR B 25 -32.95 28.39 -24.06
N LEU B 26 -31.73 28.61 -23.56
CA LEU B 26 -31.33 28.39 -22.17
C LEU B 26 -31.36 26.92 -21.74
N THR B 27 -31.60 25.99 -22.67
CA THR B 27 -31.56 24.57 -22.32
C THR B 27 -30.14 24.02 -22.40
N VAL B 28 -29.30 24.60 -23.25
CA VAL B 28 -27.92 24.13 -23.38
C VAL B 28 -27.15 24.35 -22.07
N GLN B 29 -27.41 25.47 -21.40
CA GLN B 29 -26.71 25.77 -20.15
C GLN B 29 -27.20 24.90 -19.00
N ALA B 30 -28.40 24.34 -19.10
CA ALA B 30 -28.92 23.46 -18.05
C ALA B 30 -28.60 22.00 -18.30
N ARG B 31 -28.46 21.58 -19.56
CA ARG B 31 -28.18 20.19 -19.85
C ARG B 31 -26.73 19.82 -19.57
N ASN B 32 -25.80 20.76 -19.72
CA ASN B 32 -24.37 20.44 -19.60
C ASN B 32 -23.91 20.26 -18.17
N LEU B 33 -24.63 20.79 -17.18
CA LEU B 33 -24.11 20.84 -15.82
C LEU B 33 -23.97 19.48 -15.17
N LEU B 34 -24.57 18.42 -15.73
CA LEU B 34 -24.46 17.06 -15.19
C LEU B 34 -23.86 16.07 -16.18
N SER B 35 -24.36 16.04 -17.41
CA SER B 35 -24.07 14.96 -18.33
C SER B 35 -22.59 14.97 -18.74
N GLY B 36 -22.20 13.93 -19.47
CA GLY B 36 -20.84 13.82 -19.93
C GLY B 36 -20.52 12.38 -20.28
N ILE B 37 -19.27 12.18 -20.69
CA ILE B 37 -18.79 10.82 -20.96
C ILE B 37 -18.80 9.99 -19.68
N VAL B 38 -18.36 10.58 -18.59
CA VAL B 38 -18.30 9.89 -17.30
C VAL B 38 -19.72 9.60 -16.81
N LYS B 56 -7.49 -2.82 -8.54
CA LYS B 56 -6.46 -2.12 -7.76
C LYS B 56 -6.95 -0.73 -7.39
N LEU B 57 -6.52 -0.25 -6.23
CA LEU B 57 -6.82 1.11 -5.79
C LEU B 57 -5.82 2.07 -6.41
N THR B 58 -6.34 3.14 -7.03
CA THR B 58 -5.52 4.16 -7.66
C THR B 58 -6.09 5.53 -7.33
N VAL B 59 -5.22 6.54 -7.35
CA VAL B 59 -5.62 7.91 -7.05
C VAL B 59 -6.65 8.43 -8.05
N TRP B 60 -6.67 7.86 -9.27
CA TRP B 60 -7.69 8.22 -10.25
C TRP B 60 -9.08 8.09 -9.66
N GLY B 61 -9.32 7.02 -8.90
CA GLY B 61 -10.60 6.81 -8.26
C GLY B 61 -11.07 7.99 -7.43
N ILE B 62 -10.37 8.28 -6.34
CA ILE B 62 -10.78 9.35 -5.44
C ILE B 62 -10.79 10.69 -6.18
N LYS B 63 -9.79 10.93 -7.03
CA LYS B 63 -9.67 12.22 -7.68
C LYS B 63 -10.67 12.44 -8.81
N GLN B 64 -11.41 11.40 -9.22
CA GLN B 64 -12.55 11.56 -10.11
C GLN B 64 -13.88 11.58 -9.36
N LEU B 65 -14.03 10.73 -8.34
CA LEU B 65 -15.26 10.72 -7.56
C LEU B 65 -15.49 12.04 -6.84
N GLN B 66 -14.41 12.67 -6.35
CA GLN B 66 -14.58 13.97 -5.70
C GLN B 66 -15.14 15.00 -6.69
N ALA B 67 -14.61 15.02 -7.91
CA ALA B 67 -15.09 15.97 -8.91
C ALA B 67 -16.55 15.70 -9.26
N ARG B 68 -16.91 14.43 -9.44
CA ARG B 68 -18.29 14.10 -9.79
C ARG B 68 -19.26 14.49 -8.67
N VAL B 69 -18.89 14.22 -7.42
CA VAL B 69 -19.77 14.54 -6.31
C VAL B 69 -19.90 16.06 -6.14
N LEU B 70 -18.80 16.80 -6.36
CA LEU B 70 -18.91 18.26 -6.35
C LEU B 70 -19.83 18.78 -7.45
N ALA B 71 -19.76 18.20 -8.65
CA ALA B 71 -20.68 18.63 -9.71
C ALA B 71 -22.12 18.40 -9.31
N VAL B 72 -22.41 17.21 -8.77
CA VAL B 72 -23.78 16.90 -8.36
C VAL B 72 -24.24 17.84 -7.26
N GLU B 73 -23.38 18.10 -6.27
CA GLU B 73 -23.79 18.96 -5.16
C GLU B 73 -24.04 20.38 -5.62
N ARG B 74 -23.19 20.92 -6.51
CA ARG B 74 -23.44 22.26 -7.03
C ARG B 74 -24.77 22.34 -7.76
N TYR B 75 -25.06 21.34 -8.61
CA TYR B 75 -26.32 21.35 -9.35
C TYR B 75 -27.51 21.28 -8.40
N LEU B 76 -27.41 20.45 -7.35
CA LEU B 76 -28.55 20.31 -6.45
C LEU B 76 -28.73 21.53 -5.57
N ARG B 77 -27.65 22.21 -5.19
CA ARG B 77 -27.82 23.49 -4.51
C ARG B 77 -28.54 24.49 -5.39
N ASP B 78 -28.18 24.54 -6.68
CA ASP B 78 -28.88 25.44 -7.58
C ASP B 78 -30.37 25.09 -7.70
N GLN B 79 -30.67 23.81 -7.86
CA GLN B 79 -32.07 23.40 -8.01
C GLN B 79 -32.86 23.64 -6.74
N GLN B 80 -32.26 23.37 -5.57
CA GLN B 80 -32.93 23.64 -4.31
C GLN B 80 -33.19 25.14 -4.14
N LEU B 81 -32.21 25.97 -4.50
CA LEU B 81 -32.39 27.41 -4.40
C LEU B 81 -33.49 27.90 -5.32
N LEU B 82 -33.66 27.29 -6.48
CA LEU B 82 -34.82 27.60 -7.31
C LEU B 82 -36.11 27.08 -6.67
N GLY B 83 -36.04 25.94 -6.00
CA GLY B 83 -37.25 25.37 -5.40
C GLY B 83 -37.79 26.21 -4.26
N ILE B 84 -36.91 26.83 -3.48
CA ILE B 84 -37.38 27.67 -2.39
C ILE B 84 -38.15 28.87 -2.93
N TRP B 85 -37.75 29.38 -4.09
CA TRP B 85 -38.42 30.52 -4.70
C TRP B 85 -39.64 30.14 -5.53
N GLY B 86 -40.04 28.86 -5.51
CA GLY B 86 -41.23 28.43 -6.23
C GLY B 86 -41.06 28.25 -7.72
N CYS B 87 -39.86 28.45 -8.24
CA CYS B 87 -39.63 28.46 -9.69
C CYS B 87 -39.12 27.13 -10.22
N SER B 88 -39.01 26.10 -9.39
CA SER B 88 -38.48 24.82 -9.85
C SER B 88 -39.39 24.23 -10.92
N GLY B 89 -38.78 23.74 -12.00
CA GLY B 89 -39.50 23.27 -13.17
C GLY B 89 -39.48 24.30 -14.27
N LYS B 90 -39.56 25.57 -13.89
CA LYS B 90 -39.47 26.67 -14.85
C LYS B 90 -38.00 27.03 -15.11
N LEU B 91 -37.80 27.86 -16.14
CA LEU B 91 -36.50 28.45 -16.43
C LEU B 91 -36.54 29.97 -16.34
N ILE B 92 -37.55 30.60 -16.93
CA ILE B 92 -37.82 32.03 -16.78
C ILE B 92 -39.02 32.16 -15.86
N CYS B 93 -38.83 32.81 -14.71
CA CYS B 93 -39.79 32.77 -13.62
C CYS B 93 -40.01 34.18 -13.08
N CYS B 94 -41.19 34.73 -13.36
CA CYS B 94 -41.60 36.01 -12.80
C CYS B 94 -41.81 35.92 -11.29
N THR B 95 -41.53 37.03 -10.59
CA THR B 95 -41.58 37.03 -9.13
C THR B 95 -41.83 38.45 -8.63
N ASN B 96 -42.34 38.54 -7.39
CA ASN B 96 -42.86 39.79 -6.81
C ASN B 96 -41.84 40.38 -5.84
N VAL B 97 -40.89 41.15 -6.37
CA VAL B 97 -39.93 41.84 -5.52
C VAL B 97 -39.55 43.14 -6.24
N PRO B 98 -39.75 44.32 -5.65
CA PRO B 98 -39.55 45.57 -6.41
C PRO B 98 -38.09 45.76 -6.79
N TRP B 99 -37.87 46.50 -7.88
CA TRP B 99 -36.52 46.79 -8.36
C TRP B 99 -36.21 48.25 -8.00
N ASN B 100 -35.68 48.45 -6.80
CA ASN B 100 -35.24 49.77 -6.35
C ASN B 100 -34.20 50.32 -7.31
N SER B 101 -34.38 51.59 -7.71
CA SER B 101 -33.49 52.20 -8.70
C SER B 101 -32.04 52.27 -8.22
N SER B 102 -31.81 52.25 -6.91
CA SER B 102 -30.45 52.31 -6.39
C SER B 102 -29.61 51.10 -6.80
N TRP B 103 -30.25 49.96 -7.10
CA TRP B 103 -29.51 48.80 -7.57
C TRP B 103 -29.03 48.96 -9.01
N SER B 104 -29.64 49.85 -9.79
CA SER B 104 -29.19 50.08 -11.16
C SER B 104 -29.63 51.48 -11.58
N ASN B 105 -28.66 52.37 -11.77
CA ASN B 105 -28.95 53.69 -12.33
C ASN B 105 -29.20 53.65 -13.82
N ARG B 106 -28.58 52.69 -14.52
CA ARG B 106 -28.81 52.53 -15.95
C ARG B 106 -30.28 52.23 -16.22
N ASN B 107 -30.79 52.80 -17.31
CA ASN B 107 -32.21 52.67 -17.62
C ASN B 107 -32.58 51.20 -17.83
N LEU B 108 -33.77 50.83 -17.36
CA LEU B 108 -34.17 49.44 -17.28
C LEU B 108 -34.73 48.88 -18.58
N SER B 109 -34.95 49.73 -19.59
CA SER B 109 -35.29 49.29 -20.94
C SER B 109 -34.10 49.27 -21.88
N GLU B 110 -32.92 49.67 -21.40
CA GLU B 110 -31.71 49.68 -22.22
C GLU B 110 -30.87 48.42 -22.04
N ILE B 111 -30.88 47.84 -20.85
CA ILE B 111 -30.03 46.68 -20.56
C ILE B 111 -30.39 45.49 -21.44
N TRP B 112 -31.64 45.38 -21.86
CA TRP B 112 -32.12 44.19 -22.54
C TRP B 112 -31.69 44.09 -23.99
N ASP B 113 -31.09 45.14 -24.57
CA ASP B 113 -30.64 45.09 -25.96
C ASP B 113 -29.30 45.77 -26.18
N ASN B 114 -28.53 46.06 -25.13
CA ASN B 114 -27.24 46.72 -25.25
C ASN B 114 -26.09 45.88 -24.72
N MET B 115 -26.21 45.36 -23.50
CA MET B 115 -25.08 44.80 -22.77
C MET B 115 -25.08 43.27 -22.81
N THR B 116 -23.91 42.70 -22.55
CA THR B 116 -23.75 41.26 -22.47
C THR B 116 -24.00 40.80 -21.02
N TRP B 117 -24.43 39.54 -20.87
CA TRP B 117 -24.79 39.04 -19.56
C TRP B 117 -23.62 39.13 -18.57
N LEU B 118 -22.40 38.98 -19.06
CA LEU B 118 -21.23 39.09 -18.18
C LEU B 118 -21.15 40.47 -17.55
N GLN B 119 -21.39 41.52 -18.33
CA GLN B 119 -21.35 42.87 -17.79
C GLN B 119 -22.42 43.04 -16.73
N TRP B 120 -23.59 42.45 -16.94
CA TRP B 120 -24.64 42.50 -15.94
C TRP B 120 -24.22 41.81 -14.65
N ASP B 121 -23.58 40.65 -14.77
CA ASP B 121 -23.11 39.94 -13.58
C ASP B 121 -22.08 40.76 -12.83
N LYS B 122 -21.14 41.38 -13.55
CA LYS B 122 -20.14 42.22 -12.90
C LYS B 122 -20.80 43.41 -12.21
N GLU B 123 -21.84 43.98 -12.84
CA GLU B 123 -22.50 45.14 -12.25
C GLU B 123 -23.24 44.77 -10.96
N ILE B 124 -24.06 43.71 -11.00
CA ILE B 124 -25.06 43.45 -9.98
C ILE B 124 -24.67 42.31 -9.05
N SER B 125 -23.48 41.74 -9.19
CA SER B 125 -23.02 40.72 -8.25
C SER B 125 -22.85 41.26 -6.83
N ASN B 126 -22.78 42.59 -6.67
CA ASN B 126 -22.59 43.16 -5.34
C ASN B 126 -23.83 42.95 -4.46
N TYR B 127 -25.02 43.08 -5.03
CA TYR B 127 -26.26 43.17 -4.27
C TYR B 127 -27.04 41.85 -4.24
N THR B 128 -26.36 40.72 -4.42
CA THR B 128 -27.08 39.46 -4.65
C THR B 128 -27.79 38.98 -3.39
N GLN B 129 -27.09 38.98 -2.25
CA GLN B 129 -27.64 38.36 -1.05
C GLN B 129 -28.84 39.12 -0.53
N ILE B 130 -28.87 40.44 -0.69
CA ILE B 130 -30.06 41.22 -0.36
C ILE B 130 -31.25 40.69 -1.15
N ILE B 131 -31.05 40.50 -2.45
CA ILE B 131 -32.14 40.04 -3.32
C ILE B 131 -32.62 38.68 -2.88
N TYR B 132 -31.69 37.75 -2.61
CA TYR B 132 -32.11 36.39 -2.24
C TYR B 132 -32.85 36.38 -0.91
N GLY B 133 -32.33 37.11 0.08
CA GLY B 133 -32.98 37.15 1.38
C GLY B 133 -34.38 37.74 1.31
N LEU B 134 -34.54 38.80 0.52
CA LEU B 134 -35.88 39.36 0.34
C LEU B 134 -36.77 38.39 -0.43
N LEU B 135 -36.20 37.67 -1.40
CA LEU B 135 -36.99 36.83 -2.29
C LEU B 135 -37.58 35.64 -1.55
N GLU B 136 -36.84 35.11 -0.56
CA GLU B 136 -37.38 34.02 0.26
C GLU B 136 -38.69 34.44 0.93
N GLU B 137 -38.68 35.59 1.62
CA GLU B 137 -39.90 36.03 2.30
C GLU B 137 -40.98 36.39 1.29
N SER B 138 -40.60 36.95 0.13
CA SER B 138 -41.61 37.24 -0.88
C SER B 138 -42.25 35.98 -1.44
N GLN B 139 -41.54 34.84 -1.42
CA GLN B 139 -42.17 33.58 -1.76
C GLN B 139 -43.07 33.09 -0.62
N ASN B 140 -42.65 33.34 0.62
CA ASN B 140 -43.48 32.93 1.76
C ASN B 140 -44.81 33.66 1.75
N GLN B 141 -44.82 34.92 1.29
CA GLN B 141 -46.07 35.67 1.15
C GLN B 141 -46.88 35.27 -0.09
N GLN B 142 -46.48 34.22 -0.80
CA GLN B 142 -47.35 33.53 -1.75
C GLN B 142 -47.72 32.13 -1.30
N GLU B 143 -46.89 31.50 -0.46
CA GLU B 143 -47.20 30.16 0.03
C GLU B 143 -48.16 30.21 1.21
N LYS B 144 -47.82 30.98 2.24
CA LYS B 144 -48.57 30.95 3.50
C LYS B 144 -49.99 31.46 3.30
N ASN B 145 -50.15 32.56 2.57
CA ASN B 145 -51.50 33.10 2.36
C ASN B 145 -52.35 32.13 1.55
N GLU B 146 -51.79 31.55 0.50
CA GLU B 146 -52.56 30.64 -0.34
C GLU B 146 -52.97 29.40 0.44
N GLN B 147 -52.14 28.91 1.36
CA GLN B 147 -52.52 27.71 2.12
C GLN B 147 -53.37 28.07 3.34
N ASP B 148 -53.30 29.31 3.84
CA ASP B 148 -54.27 29.79 4.81
C ASP B 148 -55.61 30.13 4.19
N LEU B 149 -55.69 30.20 2.86
CA LEU B 149 -56.99 30.36 2.22
C LEU B 149 -57.95 29.23 2.61
N LEU B 150 -57.43 28.06 2.95
CA LEU B 150 -58.21 26.93 3.44
C LEU B 150 -57.84 26.51 4.86
N ALA B 151 -56.55 26.55 5.22
CA ALA B 151 -56.15 26.16 6.57
C ALA B 151 -56.75 27.09 7.62
N LEU B 152 -56.99 28.35 7.27
CA LEU B 152 -57.74 29.29 8.09
C LEU B 152 -59.05 29.70 7.44
N ASP B 153 -59.00 30.18 6.20
CA ASP B 153 -60.20 30.52 5.44
C ASP B 153 -61.03 31.60 6.14
N GLN C 1 47.64 2.93 -56.49
CA GLN C 1 47.92 3.93 -55.41
C GLN C 1 48.41 3.23 -54.15
N VAL C 2 47.66 2.21 -53.73
CA VAL C 2 47.95 1.45 -52.51
C VAL C 2 48.62 0.14 -52.89
N GLN C 3 49.73 -0.17 -52.22
CA GLN C 3 50.41 -1.46 -52.35
C GLN C 3 50.84 -1.91 -50.96
N LEU C 4 50.60 -3.19 -50.66
CA LEU C 4 50.78 -3.72 -49.31
C LEU C 4 52.09 -4.47 -49.09
N VAL C 5 52.69 -5.03 -50.15
CA VAL C 5 53.97 -5.74 -50.14
C VAL C 5 54.19 -6.58 -48.87
N GLN C 6 53.71 -7.81 -48.90
CA GLN C 6 53.81 -8.72 -47.77
C GLN C 6 55.22 -9.31 -47.70
N SER C 7 55.51 -9.97 -46.57
CA SER C 7 56.78 -10.67 -46.44
C SER C 7 56.84 -11.85 -47.40
N GLY C 8 58.06 -12.32 -47.66
CA GLY C 8 58.27 -13.48 -48.51
C GLY C 8 57.95 -14.77 -47.80
N ALA C 9 58.72 -15.81 -48.12
CA ALA C 9 58.52 -17.10 -47.49
C ALA C 9 58.90 -17.04 -46.01
N GLN C 10 58.11 -17.73 -45.19
CA GLN C 10 58.41 -17.92 -43.78
C GLN C 10 58.37 -19.41 -43.45
N MET C 11 59.24 -19.82 -42.53
CA MET C 11 59.40 -21.22 -42.16
C MET C 11 59.30 -21.36 -40.65
N LYS C 12 58.48 -22.31 -40.20
CA LYS C 12 58.34 -22.62 -38.79
C LYS C 12 57.96 -24.08 -38.66
N ASN C 13 58.18 -24.63 -37.46
CA ASN C 13 57.81 -26.00 -37.14
C ASN C 13 56.45 -26.02 -36.44
N PRO C 14 55.76 -27.16 -36.42
CA PRO C 14 54.45 -27.20 -35.76
C PRO C 14 54.55 -26.91 -34.27
N GLY C 15 53.52 -26.24 -33.74
CA GLY C 15 53.42 -25.94 -32.33
C GLY C 15 54.02 -24.63 -31.90
N ALA C 16 54.73 -23.92 -32.79
CA ALA C 16 55.41 -22.68 -32.45
C ALA C 16 54.44 -21.51 -32.67
N SER C 17 55.00 -20.30 -32.80
CA SER C 17 54.24 -19.10 -33.14
C SER C 17 54.94 -18.38 -34.29
N VAL C 18 54.17 -17.99 -35.31
CA VAL C 18 54.70 -17.38 -36.53
C VAL C 18 54.30 -15.92 -36.54
N LYS C 19 55.28 -15.04 -36.81
CA LYS C 19 55.04 -13.60 -36.93
C LYS C 19 54.94 -13.25 -38.41
N VAL C 20 53.74 -13.37 -38.96
CA VAL C 20 53.47 -12.93 -40.33
C VAL C 20 53.18 -11.43 -40.31
N SER C 21 53.61 -10.75 -41.37
CA SER C 21 53.54 -9.29 -41.43
C SER C 21 53.21 -8.84 -42.85
N CYS C 22 52.57 -7.66 -42.93
CA CYS C 22 52.35 -6.96 -44.19
C CYS C 22 52.68 -5.49 -43.97
N ALA C 23 53.20 -4.83 -45.00
CA ALA C 23 53.81 -3.50 -44.91
C ALA C 23 53.09 -2.53 -45.82
N PRO C 24 51.97 -1.93 -45.38
CA PRO C 24 51.25 -1.00 -46.24
C PRO C 24 52.09 0.21 -46.63
N SER C 25 51.84 0.71 -47.85
CA SER C 25 52.55 1.85 -48.40
C SER C 25 51.62 2.59 -49.35
N GLY C 26 51.94 3.85 -49.60
CA GLY C 26 51.18 4.67 -50.51
C GLY C 26 49.93 5.32 -49.94
N TYR C 27 49.67 5.15 -48.64
CA TYR C 27 48.52 5.79 -48.02
C TYR C 27 48.78 5.93 -46.53
N THR C 28 47.97 6.76 -45.88
CA THR C 28 48.10 6.98 -44.45
C THR C 28 47.62 5.73 -43.70
N PHE C 29 48.54 5.08 -42.98
CA PHE C 29 48.27 3.76 -42.44
C PHE C 29 47.13 3.77 -41.43
N THR C 30 46.95 4.85 -40.69
CA THR C 30 46.01 4.90 -39.57
C THR C 30 44.62 5.37 -40.00
N ASP C 31 44.23 5.15 -41.26
CA ASP C 31 42.94 5.56 -41.77
C ASP C 31 42.08 4.42 -42.29
N PHE C 32 42.62 3.21 -42.40
CA PHE C 32 41.91 2.07 -42.96
C PHE C 32 42.06 0.86 -42.05
N TYR C 33 41.00 0.06 -41.95
CA TYR C 33 41.10 -1.21 -41.25
C TYR C 33 42.04 -2.16 -41.98
N ILE C 34 42.46 -3.20 -41.28
CA ILE C 34 43.30 -4.26 -41.84
C ILE C 34 42.59 -5.57 -41.57
N HIS C 35 42.28 -6.30 -42.65
CA HIS C 35 41.66 -7.61 -42.58
C HIS C 35 42.65 -8.65 -43.11
N TRP C 36 42.70 -9.80 -42.45
CA TRP C 36 43.59 -10.90 -42.81
C TRP C 36 42.79 -12.07 -43.34
N LEU C 37 43.28 -12.69 -44.40
CA LEU C 37 42.58 -13.77 -45.10
C LEU C 37 43.54 -14.92 -45.35
N ARG C 38 43.02 -16.14 -45.24
CA ARG C 38 43.75 -17.35 -45.52
C ARG C 38 43.20 -18.01 -46.78
N GLN C 39 44.10 -18.55 -47.59
CA GLN C 39 43.76 -19.29 -48.81
C GLN C 39 44.59 -20.56 -48.82
N ALA C 40 44.03 -21.64 -48.27
CA ALA C 40 44.68 -22.93 -48.33
C ALA C 40 44.64 -23.46 -49.77
N PRO C 41 45.54 -24.38 -50.12
CA PRO C 41 45.62 -24.82 -51.53
C PRO C 41 44.35 -25.54 -51.98
N GLY C 42 43.62 -24.92 -52.90
CA GLY C 42 42.35 -25.44 -53.37
C GLY C 42 41.17 -25.11 -52.49
N GLN C 43 41.40 -24.59 -51.28
CA GLN C 43 40.33 -24.20 -50.37
C GLN C 43 39.97 -22.74 -50.60
N GLY C 44 38.71 -22.41 -50.34
CA GLY C 44 38.28 -21.04 -50.50
C GLY C 44 38.83 -20.15 -49.41
N LEU C 45 38.66 -18.84 -49.62
CA LEU C 45 39.13 -17.87 -48.65
C LEU C 45 38.40 -18.09 -47.32
N GLN C 46 39.13 -17.85 -46.23
CA GLN C 46 38.56 -17.88 -44.88
C GLN C 46 39.04 -16.66 -44.13
N TRP C 47 38.10 -15.93 -43.54
CA TRP C 47 38.43 -14.71 -42.83
C TRP C 47 39.04 -15.04 -41.48
N MET C 48 40.03 -14.25 -41.06
CA MET C 48 40.78 -14.47 -39.84
C MET C 48 40.48 -13.44 -38.76
N GLY C 49 40.55 -12.15 -39.08
CA GLY C 49 40.29 -11.12 -38.10
C GLY C 49 40.63 -9.72 -38.57
N TRP C 50 39.79 -8.74 -38.24
CA TRP C 50 40.04 -7.36 -38.60
C TRP C 50 40.85 -6.66 -37.51
N MET C 51 41.48 -5.56 -37.88
CA MET C 51 42.35 -4.84 -36.97
C MET C 51 42.20 -3.34 -37.20
N ASN C 52 41.80 -2.65 -36.15
CA ASN C 52 41.85 -1.19 -36.15
C ASN C 52 43.31 -0.77 -35.98
N PRO C 53 43.86 0.11 -36.84
CA PRO C 53 45.25 0.58 -36.62
C PRO C 53 45.37 1.66 -35.56
N GLN C 54 44.39 2.56 -35.46
CA GLN C 54 44.49 3.67 -34.52
C GLN C 54 44.56 3.18 -33.08
N THR C 55 43.67 2.25 -32.72
CA THR C 55 43.70 1.57 -31.44
C THR C 55 43.79 0.07 -31.68
N GLY C 56 44.42 -0.64 -30.74
CA GLY C 56 44.74 -2.03 -30.96
C GLY C 56 43.61 -3.01 -30.74
N ARG C 57 42.37 -2.56 -30.80
CA ARG C 57 41.24 -3.47 -30.66
C ARG C 57 41.16 -4.39 -31.88
N THR C 58 40.95 -5.68 -31.62
CA THR C 58 40.92 -6.69 -32.68
C THR C 58 39.77 -7.65 -32.43
N ASN C 59 39.46 -8.42 -33.46
CA ASN C 59 38.47 -9.48 -33.38
C ASN C 59 38.89 -10.56 -34.36
N THR C 60 38.39 -11.78 -34.12
CA THR C 60 38.72 -12.91 -34.99
C THR C 60 37.50 -13.81 -35.11
N ALA C 61 37.46 -14.58 -36.19
CA ALA C 61 36.41 -15.57 -36.37
C ALA C 61 36.48 -16.62 -35.26
N ARG C 62 35.32 -17.17 -34.90
CA ARG C 62 35.24 -18.09 -33.78
C ARG C 62 36.03 -19.36 -34.06
N ASN C 63 36.16 -19.75 -35.33
CA ASN C 63 36.94 -20.92 -35.70
C ASN C 63 38.40 -20.82 -35.29
N PHE C 64 38.91 -19.61 -35.02
CA PHE C 64 40.31 -19.40 -34.71
C PHE C 64 40.49 -18.43 -33.55
N GLN C 65 39.48 -18.27 -32.69
CA GLN C 65 39.61 -17.39 -31.54
C GLN C 65 40.61 -17.97 -30.55
N GLY C 66 41.37 -17.10 -29.92
CA GLY C 66 42.39 -17.51 -28.96
C GLY C 66 43.73 -17.83 -29.59
N ARG C 67 43.70 -18.60 -30.68
CA ARG C 67 44.94 -18.98 -31.36
C ARG C 67 45.59 -17.83 -32.11
N VAL C 68 44.86 -16.76 -32.39
CA VAL C 68 45.34 -15.65 -33.21
C VAL C 68 45.47 -14.41 -32.35
N THR C 69 46.68 -13.85 -32.29
CA THR C 69 46.96 -12.59 -31.62
C THR C 69 47.67 -11.68 -32.61
N MET C 70 47.37 -10.39 -32.56
CA MET C 70 47.83 -9.45 -33.58
C MET C 70 48.23 -8.14 -32.90
N THR C 71 49.17 -7.44 -33.53
CA THR C 71 49.50 -6.07 -33.13
C THR C 71 49.89 -5.28 -34.39
N ARG C 72 50.30 -4.03 -34.20
CA ARG C 72 50.73 -3.19 -35.30
C ARG C 72 51.66 -2.13 -34.76
N ASP C 73 52.42 -1.51 -35.67
CA ASP C 73 53.25 -0.36 -35.36
C ASP C 73 52.76 0.82 -36.19
N THR C 74 52.56 1.96 -35.52
CA THR C 74 52.09 3.16 -36.21
C THR C 74 53.22 3.93 -36.88
N SER C 75 54.48 3.65 -36.52
CA SER C 75 55.60 4.38 -37.12
C SER C 75 55.87 3.89 -38.54
N ILE C 76 56.24 2.62 -38.68
CA ILE C 76 56.55 2.07 -40.00
C ILE C 76 55.27 1.62 -40.69
N GLY C 77 54.24 1.24 -39.93
CA GLY C 77 52.95 0.88 -40.47
C GLY C 77 52.75 -0.60 -40.77
N THR C 78 53.74 -1.44 -40.49
CA THR C 78 53.62 -2.87 -40.79
C THR C 78 52.86 -3.56 -39.65
N ALA C 79 51.71 -4.15 -39.98
CA ALA C 79 50.98 -4.93 -39.01
C ALA C 79 51.63 -6.31 -38.82
N TYR C 80 51.32 -6.93 -37.69
CA TYR C 80 51.87 -8.24 -37.33
C TYR C 80 50.74 -9.18 -36.94
N MET C 81 50.92 -10.46 -37.23
CA MET C 81 50.03 -11.52 -36.76
C MET C 81 50.86 -12.59 -36.07
N GLU C 82 50.53 -12.87 -34.81
CA GLU C 82 51.11 -13.98 -34.06
C GLU C 82 50.06 -15.08 -33.96
N LEU C 83 50.36 -16.24 -34.52
CA LEU C 83 49.44 -17.38 -34.55
C LEU C 83 50.05 -18.49 -33.70
N ARG C 84 49.59 -18.61 -32.47
CA ARG C 84 50.08 -19.62 -31.55
C ARG C 84 49.48 -20.98 -31.86
N SER C 85 50.11 -22.03 -31.34
CA SER C 85 49.64 -23.41 -31.49
C SER C 85 49.55 -23.80 -32.96
N LEU C 86 50.67 -23.67 -33.65
CA LEU C 86 50.73 -23.99 -35.07
C LEU C 86 50.47 -25.48 -35.32
N THR C 87 49.79 -25.75 -36.42
CA THR C 87 49.54 -27.09 -36.91
C THR C 87 49.82 -27.12 -38.41
N SER C 88 50.15 -28.31 -38.91
CA SER C 88 50.43 -28.44 -40.33
C SER C 88 49.21 -28.14 -41.20
N ASP C 89 48.01 -28.22 -40.63
CA ASP C 89 46.80 -27.85 -41.36
C ASP C 89 46.79 -26.37 -41.73
N ASP C 90 47.54 -25.54 -41.01
CA ASP C 90 47.68 -24.12 -41.32
C ASP C 90 48.70 -23.85 -42.43
N THR C 91 49.11 -24.88 -43.18
CA THR C 91 49.99 -24.70 -44.34
C THR C 91 49.17 -24.05 -45.45
N ALA C 92 48.96 -22.75 -45.31
CA ALA C 92 48.11 -21.98 -46.21
C ALA C 92 48.72 -20.59 -46.38
N ILE C 93 48.32 -19.92 -47.45
CA ILE C 93 48.88 -18.60 -47.75
C ILE C 93 48.09 -17.57 -46.96
N TYR C 94 48.79 -16.68 -46.28
CA TYR C 94 48.18 -15.67 -45.41
C TYR C 94 48.19 -14.31 -46.09
N TYR C 95 47.03 -13.67 -46.15
CA TYR C 95 46.82 -12.45 -46.90
C TYR C 95 46.60 -11.28 -45.93
N CYS C 96 46.68 -10.07 -46.49
CA CYS C 96 46.57 -8.82 -45.76
C CYS C 96 45.94 -7.79 -46.68
N THR C 97 44.91 -7.11 -46.19
CA THR C 97 44.06 -6.29 -47.03
C THR C 97 43.69 -5.01 -46.30
N THR C 98 43.35 -3.98 -47.09
CA THR C 98 42.85 -2.71 -46.56
C THR C 98 41.33 -2.74 -46.58
N GLY C 99 40.73 -2.56 -45.41
CA GLY C 99 39.30 -2.68 -45.25
C GLY C 99 38.56 -1.44 -45.68
N GLY C 100 37.51 -1.11 -44.95
CA GLY C 100 36.74 0.09 -45.23
C GLY C 100 37.45 1.35 -44.77
N TRP C 101 36.68 2.37 -44.40
CA TRP C 101 37.22 3.64 -43.95
C TRP C 101 36.76 3.87 -42.51
N ILE C 102 37.64 4.43 -41.71
CA ILE C 102 37.37 4.62 -40.29
C ILE C 102 36.66 5.95 -40.11
N SER C 103 35.72 5.98 -39.17
CA SER C 103 34.98 7.19 -38.84
C SER C 103 34.84 7.28 -37.33
N LEU C 104 34.46 8.46 -36.86
CA LEU C 104 34.07 8.67 -35.47
C LEU C 104 32.59 8.49 -35.25
N TYR C 105 31.83 8.11 -36.30
CA TYR C 105 30.37 8.19 -36.27
C TYR C 105 29.66 6.91 -36.66
N TYR C 106 30.33 5.91 -37.20
CA TYR C 106 29.66 4.65 -37.51
C TYR C 106 30.68 3.52 -37.60
N ASP C 107 30.35 2.40 -36.96
CA ASP C 107 31.23 1.24 -36.94
C ASP C 107 31.44 0.76 -38.37
N SER C 108 32.72 0.76 -38.79
CA SER C 108 33.09 0.40 -40.15
C SER C 108 33.92 -0.88 -40.21
N SER C 109 33.85 -1.72 -39.18
CA SER C 109 34.75 -2.87 -39.09
C SER C 109 34.37 -3.95 -40.11
N TYR C 110 33.10 -4.29 -40.20
CA TYR C 110 32.67 -5.50 -40.91
C TYR C 110 32.34 -5.25 -42.38
N TYR C 111 32.54 -4.05 -42.89
CA TYR C 111 32.28 -3.77 -44.31
C TYR C 111 33.25 -4.57 -45.19
N PRO C 112 32.80 -5.64 -45.89
CA PRO C 112 33.76 -6.51 -46.60
C PRO C 112 34.10 -6.04 -48.01
N ASN C 113 34.95 -5.02 -48.08
CA ASN C 113 35.40 -4.46 -49.36
C ASN C 113 36.72 -5.09 -49.78
N PHE C 114 37.75 -4.95 -48.96
CA PHE C 114 39.06 -5.58 -49.18
C PHE C 114 39.63 -5.17 -50.54
N ASP C 115 39.76 -3.85 -50.71
CA ASP C 115 40.02 -3.30 -52.04
C ASP C 115 41.38 -3.71 -52.57
N HIS C 116 42.42 -3.57 -51.75
CA HIS C 116 43.80 -3.78 -52.16
C HIS C 116 44.41 -4.95 -51.39
N TRP C 117 45.13 -5.80 -52.13
CA TRP C 117 45.66 -7.05 -51.61
C TRP C 117 47.16 -6.91 -51.38
N GLY C 118 47.74 -7.95 -50.80
CA GLY C 118 49.16 -8.22 -50.87
C GLY C 118 49.42 -9.48 -51.68
N GLN C 119 50.70 -9.78 -51.88
CA GLN C 119 51.09 -10.86 -52.79
C GLN C 119 51.16 -12.24 -52.14
N GLY C 120 50.87 -12.36 -50.84
CA GLY C 120 50.84 -13.65 -50.18
C GLY C 120 52.20 -14.07 -49.63
N THR C 121 52.16 -14.96 -48.65
CA THR C 121 53.36 -15.60 -48.11
C THR C 121 53.15 -17.12 -48.06
N LEU C 122 54.09 -17.86 -48.64
CA LEU C 122 53.99 -19.30 -48.78
C LEU C 122 54.41 -19.97 -47.48
N LEU C 123 53.56 -19.82 -46.47
CA LEU C 123 53.83 -20.38 -45.15
C LEU C 123 53.55 -21.87 -45.15
N THR C 124 54.56 -22.66 -44.85
CA THR C 124 54.45 -24.12 -44.72
C THR C 124 55.00 -24.53 -43.37
N VAL C 125 54.25 -25.36 -42.65
CA VAL C 125 54.58 -25.76 -41.30
C VAL C 125 54.54 -27.28 -41.24
N SER C 126 55.69 -27.90 -40.96
CA SER C 126 55.78 -29.35 -40.88
C SER C 126 57.10 -29.77 -40.27
N SER D 2 33.70 -23.65 -45.15
CA SER D 2 33.74 -22.27 -44.55
C SER D 2 32.36 -21.61 -44.61
N ALA D 3 31.30 -22.44 -44.56
CA ALA D 3 29.93 -21.98 -44.69
C ALA D 3 29.70 -21.30 -46.03
N LEU D 4 28.51 -20.74 -46.24
CA LEU D 4 28.14 -20.07 -47.48
C LEU D 4 28.34 -21.01 -48.69
N THR D 5 27.49 -22.04 -48.72
CA THR D 5 27.49 -22.98 -49.83
C THR D 5 27.28 -22.24 -51.14
N GLN D 6 28.05 -22.63 -52.15
CA GLN D 6 28.17 -21.92 -53.40
C GLN D 6 28.13 -22.92 -54.55
N PRO D 7 27.78 -22.47 -55.77
CA PRO D 7 27.89 -23.39 -56.93
C PRO D 7 29.35 -23.62 -57.31
N ALA D 8 29.98 -24.59 -56.65
CA ALA D 8 31.43 -24.74 -56.64
C ALA D 8 32.06 -24.84 -58.04
N SER D 9 31.27 -25.13 -59.07
CA SER D 9 31.81 -25.09 -60.44
C SER D 9 30.67 -24.98 -61.43
N VAL D 10 30.76 -23.99 -62.33
CA VAL D 10 29.84 -23.82 -63.44
C VAL D 10 30.67 -23.60 -64.69
N SER D 11 30.11 -23.98 -65.84
CA SER D 11 30.82 -23.94 -67.11
C SER D 11 29.95 -23.29 -68.18
N GLY D 12 30.60 -22.94 -69.28
CA GLY D 12 29.91 -22.31 -70.39
C GLY D 12 30.76 -22.10 -71.63
N SER D 13 30.52 -20.98 -72.29
CA SER D 13 31.12 -20.67 -73.58
C SER D 13 31.03 -19.17 -73.77
N PRO D 14 31.80 -18.61 -74.71
CA PRO D 14 31.80 -17.14 -74.82
C PRO D 14 30.53 -16.58 -75.43
N GLY D 15 29.92 -15.63 -74.73
CA GLY D 15 28.74 -14.91 -75.21
C GLY D 15 27.44 -15.22 -74.47
N GLN D 16 27.51 -15.80 -73.27
CA GLN D 16 26.33 -16.14 -72.47
C GLN D 16 26.33 -15.35 -71.16
N SER D 17 25.21 -15.45 -70.45
CA SER D 17 25.01 -14.79 -69.16
C SER D 17 24.64 -15.84 -68.13
N ILE D 18 25.41 -15.90 -67.05
CA ILE D 18 25.27 -16.92 -66.01
C ILE D 18 25.04 -16.23 -64.68
N THR D 19 24.21 -16.84 -63.84
CA THR D 19 23.94 -16.37 -62.48
C THR D 19 24.68 -17.26 -61.50
N ILE D 20 25.68 -16.71 -60.82
CA ILE D 20 26.42 -17.40 -59.76
C ILE D 20 25.88 -16.90 -58.44
N SER D 21 25.52 -17.84 -57.55
CA SER D 21 24.80 -17.55 -56.32
C SER D 21 25.72 -17.57 -55.11
N CYS D 22 25.16 -17.22 -53.95
CA CYS D 22 25.87 -17.25 -52.67
C CYS D 22 24.82 -17.26 -51.57
N THR D 23 24.76 -18.36 -50.82
CA THR D 23 23.62 -18.68 -49.96
C THR D 23 23.96 -18.44 -48.49
N GLY D 24 23.08 -17.71 -47.80
CA GLY D 24 23.21 -17.46 -46.38
C GLY D 24 22.15 -18.19 -45.59
N THR D 25 22.22 -18.07 -44.26
CA THR D 25 21.25 -18.76 -43.39
C THR D 25 20.08 -17.85 -43.02
N LYS D 26 20.31 -16.82 -42.20
CA LYS D 26 19.34 -15.73 -42.10
C LYS D 26 19.98 -14.36 -41.85
N TYR D 27 21.21 -14.30 -41.34
CA TYR D 27 21.96 -13.10 -41.03
C TYR D 27 22.98 -12.70 -42.10
N ASP D 28 23.84 -13.64 -42.49
CA ASP D 28 25.07 -13.28 -43.22
C ASP D 28 24.77 -12.59 -44.55
N VAL D 29 23.73 -13.03 -45.25
CA VAL D 29 23.22 -12.28 -46.41
C VAL D 29 21.91 -11.56 -46.09
N GLY D 30 21.18 -11.99 -45.07
CA GLY D 30 19.86 -11.44 -44.81
C GLY D 30 19.84 -10.22 -43.91
N SER D 31 20.92 -9.96 -43.17
CA SER D 31 20.91 -8.84 -42.23
C SER D 31 20.94 -7.51 -42.95
N HIS D 32 22.00 -7.26 -43.70
CA HIS D 32 22.24 -6.01 -44.41
C HIS D 32 22.53 -6.33 -45.88
N ASP D 33 22.86 -5.29 -46.65
CA ASP D 33 23.13 -5.39 -48.08
C ASP D 33 24.61 -5.34 -48.40
N LEU D 34 25.44 -6.00 -47.59
CA LEU D 34 26.90 -6.00 -47.75
C LEU D 34 27.35 -7.32 -48.37
N VAL D 35 27.73 -7.28 -49.65
CA VAL D 35 28.27 -8.45 -50.35
C VAL D 35 29.33 -7.98 -51.34
N SER D 36 30.27 -8.87 -51.66
CA SER D 36 31.31 -8.58 -52.63
C SER D 36 31.78 -9.87 -53.28
N TRP D 37 32.23 -9.76 -54.53
CA TRP D 37 32.66 -10.87 -55.38
C TRP D 37 34.06 -10.60 -55.91
N TYR D 38 34.96 -11.57 -55.78
CA TYR D 38 36.39 -11.34 -56.00
C TYR D 38 36.90 -12.33 -57.05
N GLN D 39 37.69 -11.83 -58.00
CA GLN D 39 38.15 -12.64 -59.13
C GLN D 39 39.51 -13.27 -58.82
N GLN D 40 39.52 -14.58 -58.57
CA GLN D 40 40.75 -15.34 -58.37
C GLN D 40 41.22 -15.86 -59.72
N TYR D 41 42.25 -15.24 -60.27
CA TYR D 41 42.96 -15.84 -61.40
C TYR D 41 43.65 -17.10 -60.86
N PRO D 42 43.71 -18.19 -61.64
CA PRO D 42 44.09 -19.48 -61.04
C PRO D 42 45.49 -19.48 -60.45
N GLY D 43 45.55 -19.76 -59.14
CA GLY D 43 46.80 -19.91 -58.43
C GLY D 43 47.45 -18.62 -57.98
N LYS D 44 46.74 -17.49 -58.02
CA LYS D 44 47.31 -16.18 -57.73
C LYS D 44 46.49 -15.47 -56.66
N VAL D 45 46.76 -14.18 -56.49
CA VAL D 45 46.04 -13.33 -55.56
C VAL D 45 44.78 -12.82 -56.26
N PRO D 46 43.57 -12.99 -55.70
CA PRO D 46 42.40 -12.41 -56.37
C PRO D 46 42.42 -10.89 -56.42
N LYS D 47 41.40 -10.33 -57.07
CA LYS D 47 41.20 -8.89 -57.14
C LYS D 47 39.71 -8.65 -56.94
N TYR D 48 39.24 -7.46 -57.31
CA TYR D 48 38.02 -6.89 -56.75
C TYR D 48 37.02 -6.55 -57.84
N MET D 49 35.71 -6.79 -57.58
CA MET D 49 34.67 -6.54 -58.59
C MET D 49 33.55 -5.61 -58.13
N ILE D 50 33.03 -5.78 -56.92
CA ILE D 50 31.70 -5.26 -56.55
C ILE D 50 31.72 -4.84 -55.08
N TYR D 51 31.02 -3.74 -54.79
CA TYR D 51 30.59 -3.42 -53.43
C TYR D 51 29.08 -3.20 -53.41
N GLU D 52 28.51 -3.47 -52.23
CA GLU D 52 27.11 -3.17 -51.96
C GLU D 52 26.20 -3.93 -52.91
N VAL D 53 26.52 -5.20 -53.15
CA VAL D 53 25.70 -6.14 -53.92
C VAL D 53 25.75 -5.83 -55.41
N ASN D 54 25.31 -4.62 -55.80
CA ASN D 54 24.99 -4.32 -57.19
C ASN D 54 25.60 -3.00 -57.66
N LYS D 55 26.85 -2.72 -57.28
CA LYS D 55 27.55 -1.53 -57.76
C LYS D 55 29.01 -1.89 -57.98
N ARG D 56 29.73 -1.01 -58.68
CA ARG D 56 31.07 -1.28 -59.18
C ARG D 56 32.06 -0.22 -58.72
N PRO D 57 33.37 -0.55 -58.69
CA PRO D 57 34.41 0.46 -58.46
C PRO D 57 34.89 1.11 -59.74
N SER D 58 35.96 1.89 -59.64
CA SER D 58 36.80 2.15 -60.82
C SER D 58 37.44 0.85 -61.29
N GLY D 59 37.54 0.68 -62.60
CA GLY D 59 38.28 -0.43 -63.18
C GLY D 59 37.52 -1.72 -63.38
N VAL D 60 36.19 -1.68 -63.40
CA VAL D 60 35.35 -2.85 -63.60
C VAL D 60 34.29 -2.50 -64.64
N SER D 61 34.01 -3.46 -65.52
CA SER D 61 33.09 -3.23 -66.63
C SER D 61 31.64 -3.39 -66.17
N ASN D 62 30.72 -3.26 -67.13
CA ASN D 62 29.30 -3.43 -66.87
C ASN D 62 28.97 -4.90 -66.63
N ARG D 63 29.76 -5.81 -67.20
CA ARG D 63 29.40 -7.23 -67.24
C ARG D 63 29.23 -7.82 -65.83
N PHE D 64 29.99 -7.32 -64.86
CA PHE D 64 30.02 -7.91 -63.52
C PHE D 64 28.93 -7.30 -62.63
N SER D 65 27.69 -7.55 -63.02
CA SER D 65 26.53 -7.06 -62.29
C SER D 65 26.19 -8.01 -61.14
N GLY D 66 25.15 -7.67 -60.39
CA GLY D 66 24.72 -8.52 -59.29
C GLY D 66 23.46 -7.96 -58.67
N SER D 67 22.94 -8.72 -57.70
CA SER D 67 21.74 -8.33 -56.97
C SER D 67 21.53 -9.33 -55.84
N LYS D 68 20.79 -8.90 -54.83
CA LYS D 68 20.39 -9.77 -53.72
C LYS D 68 18.99 -10.31 -54.00
N SER D 69 18.77 -11.55 -53.57
CA SER D 69 17.51 -12.27 -53.78
C SER D 69 16.97 -12.75 -52.43
N GLY D 70 16.91 -11.84 -51.47
CA GLY D 70 16.48 -12.20 -50.12
C GLY D 70 17.64 -12.81 -49.30
N ASN D 71 17.62 -14.13 -49.18
CA ASN D 71 18.65 -14.85 -48.44
C ASN D 71 19.67 -15.48 -49.39
N THR D 72 19.93 -14.86 -50.54
CA THR D 72 20.90 -15.42 -51.46
C THR D 72 21.34 -14.33 -52.43
N ALA D 73 22.59 -13.88 -52.31
CA ALA D 73 23.15 -12.89 -53.20
C ALA D 73 23.76 -13.59 -54.41
N SER D 74 23.62 -12.97 -55.58
CA SER D 74 23.95 -13.62 -56.83
C SER D 74 24.65 -12.64 -57.77
N LEU D 75 25.86 -12.99 -58.18
CA LEU D 75 26.52 -12.30 -59.27
C LEU D 75 25.87 -12.69 -60.59
N THR D 76 25.92 -11.79 -61.56
CA THR D 76 25.35 -12.01 -62.90
C THR D 76 26.42 -11.64 -63.92
N ILE D 77 27.20 -12.64 -64.34
CA ILE D 77 28.27 -12.43 -65.31
C ILE D 77 27.65 -12.44 -66.70
N SER D 78 27.18 -11.27 -67.15
CA SER D 78 26.53 -11.13 -68.45
C SER D 78 27.56 -10.68 -69.47
N GLY D 79 27.63 -11.41 -70.59
CA GLY D 79 28.64 -11.15 -71.60
C GLY D 79 29.91 -11.91 -71.32
N LEU D 80 29.78 -13.20 -71.00
CA LEU D 80 30.92 -14.01 -70.64
C LEU D 80 31.82 -14.24 -71.86
N ARG D 81 33.13 -14.11 -71.66
CA ARG D 81 34.11 -14.39 -72.69
C ARG D 81 35.29 -15.11 -72.02
N ALA D 82 36.36 -15.33 -72.79
CA ALA D 82 37.52 -16.06 -72.29
C ALA D 82 38.21 -15.38 -71.12
N GLU D 83 37.99 -14.07 -70.93
CA GLU D 83 38.58 -13.37 -69.79
C GLU D 83 38.08 -13.92 -68.46
N ASP D 84 36.90 -14.53 -68.44
CA ASP D 84 36.27 -14.99 -67.21
C ASP D 84 36.76 -16.36 -66.75
N GLU D 85 37.92 -16.82 -67.22
CA GLU D 85 38.52 -18.06 -66.74
C GLU D 85 39.17 -17.76 -65.40
N ALA D 86 38.42 -17.98 -64.32
CA ALA D 86 38.86 -17.64 -62.98
C ALA D 86 37.82 -18.18 -61.99
N ASP D 87 38.07 -17.98 -60.70
CA ASP D 87 37.17 -18.38 -59.63
C ASP D 87 36.67 -17.13 -58.92
N TYR D 88 35.37 -17.10 -58.64
CA TYR D 88 34.69 -15.91 -58.11
C TYR D 88 34.19 -16.20 -56.69
N TYR D 89 34.84 -15.58 -55.71
CA TYR D 89 34.51 -15.80 -54.30
C TYR D 89 33.62 -14.69 -53.77
N CYS D 90 32.49 -15.09 -53.16
CA CYS D 90 31.57 -14.17 -52.53
C CYS D 90 31.90 -14.02 -51.06
N CYS D 91 32.02 -12.78 -50.60
CA CYS D 91 32.19 -12.46 -49.19
C CYS D 91 31.10 -11.48 -48.79
N SER D 92 30.70 -11.52 -47.52
CA SER D 92 29.56 -10.75 -47.06
C SER D 92 29.62 -10.58 -45.56
N PHE D 93 28.66 -9.83 -45.04
CA PHE D 93 28.47 -9.70 -43.60
C PHE D 93 28.21 -11.09 -43.02
N GLY D 94 28.52 -11.26 -41.73
CA GLY D 94 28.42 -12.57 -41.09
C GLY D 94 27.80 -12.55 -39.71
N GLY D 95 27.12 -11.46 -39.36
CA GLY D 95 26.54 -11.36 -38.04
C GLY D 95 27.59 -11.03 -37.01
N SER D 96 27.16 -10.61 -35.82
CA SER D 96 28.06 -10.13 -34.79
C SER D 96 28.97 -9.05 -35.36
N ALA D 97 30.26 -9.30 -35.53
CA ALA D 97 31.14 -8.40 -36.27
C ALA D 97 32.12 -9.20 -37.11
N THR D 98 31.64 -10.28 -37.71
CA THR D 98 32.48 -11.22 -38.46
C THR D 98 32.11 -11.19 -39.93
N VAL D 99 33.13 -11.28 -40.78
CA VAL D 99 32.98 -11.39 -42.23
C VAL D 99 33.24 -12.83 -42.62
N VAL D 100 32.33 -13.40 -43.41
CA VAL D 100 32.44 -14.78 -43.87
C VAL D 100 32.72 -14.78 -45.36
N CYS D 101 33.28 -15.90 -45.83
CA CYS D 101 33.64 -16.09 -47.23
C CYS D 101 33.13 -17.43 -47.72
N GLY D 102 32.61 -17.45 -48.95
CA GLY D 102 32.03 -18.64 -49.52
C GLY D 102 33.07 -19.62 -50.01
N GLY D 103 32.57 -20.75 -50.53
CA GLY D 103 33.41 -21.83 -50.98
C GLY D 103 33.99 -21.67 -52.37
N GLY D 104 33.70 -20.58 -53.06
CA GLY D 104 34.26 -20.34 -54.37
C GLY D 104 33.46 -21.00 -55.48
N THR D 105 33.79 -20.62 -56.71
CA THR D 105 33.16 -21.21 -57.89
C THR D 105 34.02 -20.91 -59.11
N LYS D 106 34.56 -21.95 -59.74
CA LYS D 106 35.31 -21.76 -60.98
C LYS D 106 34.37 -21.63 -62.17
N VAL D 107 34.69 -20.70 -63.05
CA VAL D 107 33.96 -20.50 -64.31
C VAL D 107 34.91 -20.87 -65.44
N THR D 108 34.53 -21.88 -66.23
CA THR D 108 35.37 -22.43 -67.28
C THR D 108 34.82 -22.01 -68.64
N VAL D 109 35.70 -21.52 -69.50
CA VAL D 109 35.35 -21.10 -70.86
C VAL D 109 36.01 -22.08 -71.82
N LEU D 110 35.20 -22.82 -72.57
CA LEU D 110 35.70 -23.83 -73.49
C LEU D 110 35.89 -23.25 -74.88
N ALA E 1 -57.57 6.93 -34.33
CA ALA E 1 -58.04 8.24 -33.81
C ALA E 1 -57.87 9.33 -34.87
N GLU E 2 -58.56 10.46 -34.67
CA GLU E 2 -58.53 11.53 -35.65
C GLU E 2 -57.18 12.23 -35.65
N ASN E 3 -56.81 12.84 -34.52
CA ASN E 3 -55.52 13.49 -34.37
C ASN E 3 -55.06 13.30 -32.93
N LEU E 4 -53.80 12.89 -32.77
CA LEU E 4 -53.23 12.58 -31.47
C LEU E 4 -51.99 13.43 -31.22
N TRP E 5 -51.49 13.32 -29.99
CA TRP E 5 -50.44 14.19 -29.48
C TRP E 5 -49.52 13.36 -28.59
N VAL E 6 -48.23 13.73 -28.58
CA VAL E 6 -47.23 12.96 -27.85
C VAL E 6 -47.52 13.05 -26.35
N THR E 7 -47.31 11.94 -25.66
CA THR E 7 -47.46 11.86 -24.21
C THR E 7 -46.23 11.16 -23.63
N VAL E 8 -45.85 11.58 -22.44
CA VAL E 8 -44.61 11.13 -21.78
C VAL E 8 -44.99 10.43 -20.49
N TYR E 9 -44.59 9.16 -20.37
CA TYR E 9 -44.81 8.35 -19.18
C TYR E 9 -43.47 8.06 -18.52
N TYR E 10 -43.41 8.22 -17.20
CA TYR E 10 -42.22 7.90 -16.42
C TYR E 10 -42.53 6.72 -15.51
N GLY E 11 -41.54 5.86 -15.30
CA GLY E 11 -41.76 4.62 -14.58
C GLY E 11 -42.25 3.48 -15.44
N VAL E 12 -42.07 3.56 -16.75
CA VAL E 12 -42.48 2.48 -17.65
C VAL E 12 -41.60 1.25 -17.38
N PRO E 13 -42.15 0.02 -17.39
CA PRO E 13 -41.29 -1.18 -17.21
C PRO E 13 -40.68 -1.72 -18.51
N VAL E 14 -39.59 -1.09 -18.95
CA VAL E 14 -38.81 -1.55 -20.09
C VAL E 14 -37.35 -1.62 -19.66
N TRP E 15 -36.60 -2.50 -20.33
CA TRP E 15 -35.22 -2.79 -19.95
C TRP E 15 -34.34 -2.92 -21.19
N LYS E 16 -33.03 -2.93 -20.93
CA LYS E 16 -32.02 -3.20 -21.95
C LYS E 16 -30.98 -4.12 -21.34
N GLU E 17 -30.28 -4.85 -22.21
CA GLU E 17 -29.16 -5.67 -21.76
C GLU E 17 -28.10 -4.74 -21.18
N ALA E 18 -27.53 -5.14 -20.05
CA ALA E 18 -26.68 -4.27 -19.24
C ALA E 18 -25.28 -4.87 -19.08
N LYS E 19 -24.40 -4.06 -18.47
CA LYS E 19 -23.00 -4.46 -18.26
C LYS E 19 -22.52 -3.61 -17.08
N THR E 20 -22.51 -4.20 -15.88
CA THR E 20 -22.22 -3.46 -14.67
C THR E 20 -21.46 -4.33 -13.68
N THR E 21 -21.16 -3.76 -12.52
CA THR E 21 -20.43 -4.44 -11.45
C THR E 21 -21.41 -4.84 -10.35
N LEU E 22 -21.43 -6.13 -10.03
CA LEU E 22 -22.36 -6.70 -9.06
C LEU E 22 -21.73 -6.67 -7.67
N PHE E 23 -22.53 -6.33 -6.67
CA PHE E 23 -22.06 -6.42 -5.29
C PHE E 23 -21.94 -7.88 -4.88
N CYS E 24 -21.41 -8.09 -3.68
CA CYS E 24 -21.38 -9.40 -3.04
C CYS E 24 -21.96 -9.27 -1.65
N ALA E 25 -22.79 -10.23 -1.27
CA ALA E 25 -23.45 -10.25 0.04
C ALA E 25 -23.23 -11.62 0.68
N SER E 26 -22.68 -11.63 1.89
CA SER E 26 -22.42 -12.87 2.60
C SER E 26 -23.70 -13.37 3.25
N ASP E 27 -23.61 -14.54 3.88
CA ASP E 27 -24.75 -15.20 4.52
C ASP E 27 -24.33 -15.80 5.86
N ALA E 28 -23.49 -15.10 6.60
CA ALA E 28 -22.96 -15.58 7.87
C ALA E 28 -23.94 -15.30 9.01
N ARG E 29 -23.69 -15.94 10.15
CA ARG E 29 -24.57 -15.88 11.31
C ARG E 29 -23.83 -15.61 12.62
N ALA E 30 -22.53 -15.36 12.58
CA ALA E 30 -21.75 -15.25 13.81
C ALA E 30 -20.49 -14.41 13.51
N TYR E 31 -19.51 -14.48 14.41
CA TYR E 31 -18.26 -13.73 14.27
C TYR E 31 -17.43 -14.22 13.08
N GLU E 32 -17.80 -15.34 12.45
CA GLU E 32 -17.12 -15.79 11.24
C GLU E 32 -17.19 -14.74 10.14
N LYS E 33 -18.19 -13.86 10.16
CA LYS E 33 -18.26 -12.79 9.18
C LYS E 33 -17.06 -11.85 9.28
N GLU E 34 -16.54 -11.63 10.49
CA GLU E 34 -15.38 -10.78 10.70
C GLU E 34 -14.07 -11.55 10.72
N VAL E 35 -14.06 -12.78 11.22
CA VAL E 35 -12.92 -13.66 10.99
C VAL E 35 -12.78 -13.85 9.49
N HIS E 36 -11.57 -13.61 8.99
CA HIS E 36 -11.38 -13.50 7.54
C HIS E 36 -11.60 -14.87 6.92
N ASN E 37 -12.77 -15.05 6.29
CA ASN E 37 -13.05 -16.21 5.45
C ASN E 37 -12.78 -15.90 3.99
N VAL E 38 -11.85 -14.99 3.72
CA VAL E 38 -11.52 -14.44 2.40
C VAL E 38 -12.69 -13.57 1.94
N TRP E 39 -13.90 -14.14 1.85
CA TRP E 39 -15.11 -13.43 1.43
C TRP E 39 -15.87 -12.89 2.64
N ALA E 40 -15.14 -12.48 3.67
CA ALA E 40 -15.74 -12.12 4.94
C ALA E 40 -16.46 -10.78 4.80
N THR E 41 -16.96 -10.26 5.93
CA THR E 41 -17.60 -8.95 5.94
C THR E 41 -16.64 -7.83 5.58
N HIS E 42 -15.33 -8.07 5.60
CA HIS E 42 -14.35 -7.07 5.20
C HIS E 42 -14.43 -6.71 3.72
N ALA E 43 -15.14 -7.50 2.90
CA ALA E 43 -15.24 -7.23 1.48
C ALA E 43 -16.64 -7.42 0.91
N CYS E 44 -17.66 -7.64 1.75
CA CYS E 44 -19.02 -7.88 1.26
C CYS E 44 -20.02 -7.37 2.28
N VAL E 45 -21.27 -7.25 1.82
CA VAL E 45 -22.40 -6.82 2.65
C VAL E 45 -22.55 -7.86 3.76
N PRO E 46 -22.93 -7.48 5.01
CA PRO E 46 -22.87 -8.45 6.11
C PRO E 46 -23.71 -9.71 5.93
N THR E 47 -25.03 -9.59 5.81
CA THR E 47 -25.90 -10.77 5.78
C THR E 47 -27.33 -10.32 5.47
N ASP E 48 -28.25 -11.28 5.54
CA ASP E 48 -29.70 -11.09 5.40
C ASP E 48 -30.08 -10.38 4.10
N PRO E 49 -30.00 -11.05 2.96
CA PRO E 49 -30.67 -10.55 1.76
C PRO E 49 -32.17 -10.79 1.83
N SER E 50 -32.88 -10.16 0.91
CA SER E 50 -34.33 -10.30 0.81
C SER E 50 -34.70 -11.63 0.15
N PRO E 51 -35.95 -12.07 0.27
CA PRO E 51 -36.39 -13.24 -0.50
C PRO E 51 -36.51 -12.92 -1.98
N GLN E 52 -36.90 -13.94 -2.75
CA GLN E 52 -36.96 -13.88 -4.20
C GLN E 52 -38.38 -14.18 -4.66
N GLU E 53 -38.96 -13.27 -5.44
CA GLU E 53 -40.38 -13.35 -5.79
C GLU E 53 -40.61 -12.58 -7.11
N LEU E 54 -41.86 -12.22 -7.38
CA LEU E 54 -42.29 -11.48 -8.58
C LEU E 54 -42.11 -12.26 -9.88
N PHE E 55 -42.83 -13.39 -10.02
CA PHE E 55 -42.95 -14.04 -11.32
C PHE E 55 -43.66 -13.10 -12.29
N LEU E 56 -43.19 -13.12 -13.55
CA LEU E 56 -43.72 -12.26 -14.61
C LEU E 56 -44.46 -13.10 -15.64
N GLU E 57 -45.55 -12.56 -16.15
CA GLU E 57 -46.41 -13.24 -17.11
C GLU E 57 -46.08 -12.81 -18.53
N ASN E 58 -46.06 -13.77 -19.44
CA ASN E 58 -45.96 -13.57 -20.89
C ASN E 58 -44.61 -13.02 -21.34
N VAL E 59 -43.62 -12.95 -20.46
CA VAL E 59 -42.33 -12.36 -20.81
C VAL E 59 -41.50 -13.40 -21.56
N THR E 60 -40.58 -12.92 -22.40
CA THR E 60 -39.62 -13.78 -23.08
C THR E 60 -38.33 -13.00 -23.29
N GLU E 61 -37.20 -13.65 -23.01
CA GLU E 61 -35.89 -13.05 -23.20
C GLU E 61 -34.90 -14.14 -23.58
N ASN E 62 -33.93 -13.78 -24.43
CA ASN E 62 -32.95 -14.73 -24.94
C ASN E 62 -31.74 -14.75 -24.02
N PHE E 63 -31.65 -15.78 -23.18
CA PHE E 63 -30.52 -15.95 -22.27
C PHE E 63 -29.29 -16.45 -23.04
N ASN E 64 -28.17 -16.55 -22.32
CA ASN E 64 -26.95 -17.18 -22.80
C ASN E 64 -25.98 -17.21 -21.62
N MET E 65 -25.15 -18.26 -21.55
CA MET E 65 -24.13 -18.34 -20.50
C MET E 65 -22.73 -18.17 -21.04
N TRP E 66 -22.45 -18.70 -22.24
CA TRP E 66 -21.09 -18.82 -22.74
C TRP E 66 -20.50 -17.47 -23.13
N LYS E 67 -21.30 -16.39 -23.08
CA LYS E 67 -20.82 -15.02 -23.22
C LYS E 67 -21.32 -14.13 -22.09
N ASN E 68 -21.64 -14.72 -20.94
CA ASN E 68 -22.21 -13.99 -19.82
C ASN E 68 -21.13 -13.14 -19.14
N ASP E 69 -21.58 -12.06 -18.48
CA ASP E 69 -20.67 -11.18 -17.76
C ASP E 69 -20.33 -11.63 -16.36
N MET E 70 -21.30 -12.19 -15.64
CA MET E 70 -21.16 -12.42 -14.21
C MET E 70 -19.96 -13.31 -13.90
N VAL E 71 -19.66 -14.27 -14.78
CA VAL E 71 -18.57 -15.19 -14.53
C VAL E 71 -17.23 -14.47 -14.57
N ASP E 72 -17.03 -13.56 -15.52
CA ASP E 72 -15.74 -12.86 -15.57
C ASP E 72 -15.61 -11.88 -14.41
N GLN E 73 -16.68 -11.17 -14.07
CA GLN E 73 -16.65 -10.29 -12.91
C GLN E 73 -16.29 -11.08 -11.66
N MET E 74 -16.94 -12.23 -11.45
CA MET E 74 -16.60 -13.05 -10.29
C MET E 74 -15.18 -13.57 -10.35
N HIS E 75 -14.68 -13.95 -11.54
CA HIS E 75 -13.30 -14.42 -11.61
C HIS E 75 -12.33 -13.32 -11.19
N GLU E 76 -12.50 -12.12 -11.73
CA GLU E 76 -11.60 -11.01 -11.36
C GLU E 76 -11.74 -10.67 -9.88
N ASP E 77 -12.96 -10.68 -9.35
CA ASP E 77 -13.14 -10.42 -7.93
C ASP E 77 -12.43 -11.45 -7.08
N ILE E 78 -12.50 -12.73 -7.49
CA ILE E 78 -11.90 -13.81 -6.73
C ILE E 78 -10.38 -13.64 -6.71
N ILE E 79 -9.79 -13.36 -7.88
CA ILE E 79 -8.34 -13.15 -7.96
C ILE E 79 -7.92 -11.96 -7.09
N SER E 80 -8.63 -10.83 -7.21
CA SER E 80 -8.24 -9.64 -6.46
C SER E 80 -8.36 -9.84 -4.96
N LEU E 81 -9.47 -10.43 -4.51
CA LEU E 81 -9.65 -10.69 -3.08
C LEU E 81 -8.58 -11.62 -2.56
N TRP E 82 -8.26 -12.67 -3.32
CA TRP E 82 -7.22 -13.59 -2.89
C TRP E 82 -5.87 -12.89 -2.75
N ASP E 83 -5.50 -12.10 -3.76
CA ASP E 83 -4.21 -11.40 -3.72
C ASP E 83 -4.18 -10.43 -2.55
N GLN E 84 -5.30 -9.78 -2.26
CA GLN E 84 -5.35 -8.90 -1.10
C GLN E 84 -5.24 -9.68 0.20
N SER E 85 -5.72 -10.92 0.23
CA SER E 85 -5.65 -11.70 1.45
C SER E 85 -4.23 -12.15 1.75
N LEU E 86 -3.47 -12.54 0.72
CA LEU E 86 -2.15 -13.12 0.98
C LEU E 86 -1.05 -12.08 1.22
N LYS E 87 -1.22 -10.83 0.79
CA LYS E 87 -0.13 -9.86 0.88
C LYS E 87 0.33 -9.56 2.31
N PRO E 88 -0.53 -9.34 3.31
CA PRO E 88 -0.02 -8.79 4.58
C PRO E 88 0.94 -9.71 5.32
N CYS E 89 0.74 -11.02 5.28
CA CYS E 89 1.54 -11.95 6.06
C CYS E 89 2.85 -12.25 5.32
N VAL E 90 3.63 -13.20 5.87
CA VAL E 90 4.92 -13.54 5.27
C VAL E 90 4.69 -14.03 3.84
N LYS E 91 5.62 -13.77 2.92
CA LYS E 91 7.05 -13.40 2.85
C LYS E 91 7.95 -14.48 3.43
N LEU E 92 7.92 -15.64 2.77
CA LEU E 92 8.69 -16.83 3.12
C LEU E 92 10.06 -16.86 2.43
N THR E 93 10.62 -15.70 2.09
CA THR E 93 11.91 -15.69 1.40
C THR E 93 13.09 -16.28 2.18
N PRO E 94 13.15 -16.28 3.52
CA PRO E 94 14.35 -16.83 4.17
C PRO E 94 14.59 -18.31 3.92
N LEU E 95 13.57 -19.07 3.53
CA LEU E 95 13.72 -20.51 3.41
C LEU E 95 14.31 -20.97 2.09
N CYS E 96 14.67 -20.05 1.19
CA CYS E 96 15.43 -20.42 -0.02
C CYS E 96 16.89 -20.66 0.37
N VAL E 97 17.08 -21.75 1.10
CA VAL E 97 18.37 -22.11 1.69
C VAL E 97 18.66 -23.55 1.30
N THR E 98 19.95 -23.90 1.25
CA THR E 98 20.33 -25.26 0.90
C THR E 98 19.82 -26.24 1.94
N LEU E 99 19.01 -27.20 1.51
CA LEU E 99 18.43 -28.21 2.38
C LEU E 99 19.15 -29.54 2.20
N ILE E 100 19.55 -30.14 3.31
CA ILE E 100 20.15 -31.47 3.32
C ILE E 100 19.07 -32.45 3.74
N CYS E 101 18.67 -33.34 2.82
CA CYS E 101 17.54 -34.23 3.03
C CYS E 101 17.97 -35.68 2.87
N SER E 102 17.30 -36.55 3.64
CA SER E 102 17.54 -37.99 3.60
C SER E 102 16.20 -38.69 3.72
N ASN E 103 16.24 -40.02 3.61
CA ASN E 103 15.02 -40.82 3.74
C ASN E 103 15.35 -42.19 4.31
N GLU E 130 7.82 -40.85 0.25
CA GLU E 130 7.00 -39.69 -0.08
C GLU E 130 7.50 -38.44 0.62
N MET E 131 7.84 -38.59 1.91
CA MET E 131 8.26 -37.48 2.76
C MET E 131 9.76 -37.60 3.01
N LYS E 132 10.49 -36.53 2.70
CA LYS E 132 11.93 -36.47 2.90
C LYS E 132 12.23 -35.61 4.13
N ASN E 133 13.10 -36.12 5.00
CA ASN E 133 13.47 -35.43 6.23
C ASN E 133 14.58 -34.44 5.92
N CYS E 134 14.23 -33.17 5.75
CA CYS E 134 15.16 -32.11 5.40
C CYS E 134 15.55 -31.31 6.63
N SER E 135 16.83 -30.96 6.70
CA SER E 135 17.38 -30.12 7.76
C SER E 135 18.15 -28.97 7.13
N PHE E 136 18.17 -27.83 7.83
CA PHE E 136 18.73 -26.62 7.24
C PHE E 136 19.09 -25.64 8.36
N ASN E 137 20.02 -24.74 8.03
CA ASN E 137 20.37 -23.65 8.92
C ASN E 137 19.36 -22.51 8.77
N THR E 138 19.06 -21.86 9.89
CA THR E 138 18.13 -20.73 9.88
C THR E 138 18.49 -19.78 10.99
N THR E 139 17.97 -18.57 10.91
CA THR E 139 18.25 -17.52 11.87
C THR E 139 17.31 -17.62 13.07
N THR E 140 17.85 -17.35 14.25
CA THR E 140 17.05 -17.19 15.46
C THR E 140 16.57 -15.74 15.50
N GLU E 141 16.04 -15.29 16.65
CA GLU E 141 15.58 -13.91 16.76
C GLU E 141 16.71 -12.92 16.52
N ILE E 142 17.94 -13.28 16.88
CA ILE E 142 19.11 -12.46 16.61
C ILE E 142 19.61 -12.81 15.21
N ARG E 143 19.76 -11.79 14.35
CA ARG E 143 20.14 -12.04 12.97
C ARG E 143 21.56 -12.55 12.86
N ASP E 144 22.43 -12.23 13.82
CA ASP E 144 23.83 -12.63 13.78
C ASP E 144 24.05 -14.02 14.35
N LYS E 145 23.00 -14.75 14.72
CA LYS E 145 23.09 -16.09 15.28
C LYS E 145 22.21 -17.02 14.47
N GLU E 146 22.61 -18.29 14.39
CA GLU E 146 21.91 -19.28 13.60
C GLU E 146 21.81 -20.59 14.39
N LYS E 147 20.82 -21.40 14.02
CA LYS E 147 20.60 -22.70 14.62
C LYS E 147 20.04 -23.64 13.57
N LYS E 148 20.23 -24.94 13.81
CA LYS E 148 19.72 -25.97 12.91
C LYS E 148 18.29 -26.32 13.26
N GLU E 149 17.48 -26.57 12.22
CA GLU E 149 16.11 -27.02 12.37
C GLU E 149 15.85 -28.13 11.36
N TYR E 150 14.86 -28.97 11.68
CA TYR E 150 14.48 -30.08 10.84
C TYR E 150 12.97 -30.07 10.62
N ALA E 151 12.56 -30.52 9.44
CA ALA E 151 11.14 -30.59 9.11
C ALA E 151 10.98 -31.51 7.92
N LEU E 152 9.80 -32.13 7.83
CA LEU E 152 9.48 -33.03 6.72
C LEU E 152 8.78 -32.25 5.62
N PHE E 153 9.29 -32.39 4.40
CA PHE E 153 8.74 -31.74 3.22
C PHE E 153 8.33 -32.80 2.20
N TYR E 154 7.16 -32.62 1.62
CA TYR E 154 6.68 -33.58 0.63
C TYR E 154 7.53 -33.52 -0.63
N LYS E 155 7.72 -34.69 -1.25
CA LYS E 155 8.63 -34.80 -2.38
C LYS E 155 8.26 -33.91 -3.56
N PRO E 156 7.00 -33.75 -3.96
CA PRO E 156 6.71 -32.84 -5.09
C PRO E 156 7.09 -31.39 -4.86
N ASP E 157 7.24 -30.97 -3.60
CA ASP E 157 7.64 -29.59 -3.29
C ASP E 157 9.15 -29.40 -3.26
N ILE E 158 9.93 -30.41 -3.69
CA ILE E 158 11.37 -30.42 -3.55
C ILE E 158 12.00 -30.81 -4.88
N VAL E 159 13.08 -30.12 -5.25
CA VAL E 159 13.81 -30.37 -6.48
C VAL E 159 15.29 -30.44 -6.15
N PRO E 160 16.02 -31.53 -6.47
CA PRO E 160 17.45 -31.47 -6.21
C PRO E 160 18.18 -30.50 -7.14
N SER E 168 22.41 -34.99 -2.70
CA SER E 168 21.77 -34.90 -1.40
C SER E 168 21.53 -33.45 -0.95
N GLU E 169 21.53 -32.52 -1.91
CA GLU E 169 21.25 -31.11 -1.65
C GLU E 169 19.97 -30.75 -2.38
N TYR E 170 19.06 -30.06 -1.68
CA TYR E 170 17.74 -29.75 -2.19
C TYR E 170 17.35 -28.32 -1.86
N ARG E 171 16.48 -27.76 -2.70
CA ARG E 171 15.87 -26.45 -2.45
C ARG E 171 14.40 -26.52 -2.83
N LEU E 172 13.65 -25.53 -2.33
CA LEU E 172 12.23 -25.44 -2.68
C LEU E 172 12.09 -25.08 -4.15
N ILE E 173 10.96 -25.48 -4.75
CA ILE E 173 10.73 -25.23 -6.16
C ILE E 173 10.56 -23.74 -6.43
N ASN E 174 10.03 -22.99 -5.46
CA ASN E 174 9.60 -21.62 -5.75
C ASN E 174 10.76 -20.67 -5.97
N CYS E 175 11.95 -20.97 -5.43
CA CYS E 175 13.07 -20.04 -5.55
C CYS E 175 13.48 -19.83 -7.00
N ASN E 176 13.20 -20.79 -7.87
CA ASN E 176 13.45 -20.60 -9.30
C ASN E 176 12.44 -19.63 -9.90
N THR E 177 11.20 -19.64 -9.42
CA THR E 177 10.11 -18.91 -10.05
C THR E 177 9.82 -17.57 -9.36
N SER E 178 9.50 -17.61 -8.06
CA SER E 178 9.09 -16.39 -7.35
C SER E 178 8.98 -16.71 -5.87
N ALA E 179 8.85 -15.65 -5.08
CA ALA E 179 8.79 -15.79 -3.62
C ALA E 179 7.40 -16.22 -3.18
N CYS E 180 7.36 -17.14 -2.22
CA CYS E 180 6.11 -17.63 -1.65
C CYS E 180 5.66 -16.75 -0.49
N THR E 181 4.40 -16.94 -0.10
CA THR E 181 3.80 -16.24 1.02
C THR E 181 2.93 -17.23 1.78
N GLN E 182 3.22 -17.41 3.07
CA GLN E 182 2.45 -18.36 3.86
C GLN E 182 1.00 -17.89 4.01
N ALA E 183 0.08 -18.84 3.92
CA ALA E 183 -1.32 -18.59 4.24
C ALA E 183 -1.43 -18.54 5.75
N CYS E 184 -1.21 -17.36 6.31
CA CYS E 184 -1.09 -17.23 7.75
C CYS E 184 -2.42 -17.54 8.43
N PRO E 185 -2.39 -17.91 9.72
CA PRO E 185 -3.64 -18.28 10.40
C PRO E 185 -4.64 -17.14 10.44
N LYS E 186 -5.83 -17.46 10.94
CA LYS E 186 -7.03 -16.63 10.96
C LYS E 186 -7.72 -16.58 9.61
N VAL E 187 -7.18 -17.21 8.57
CA VAL E 187 -7.81 -17.29 7.25
C VAL E 187 -8.29 -18.72 7.06
N THR E 188 -9.55 -18.86 6.64
CA THR E 188 -10.18 -20.15 6.41
C THR E 188 -10.67 -20.21 4.96
N PHE E 189 -10.33 -21.30 4.28
CA PHE E 189 -10.69 -21.47 2.87
C PHE E 189 -12.08 -22.06 2.68
N GLU E 190 -12.87 -22.20 3.75
CA GLU E 190 -14.13 -22.92 3.66
C GLU E 190 -15.07 -22.16 2.73
N PRO E 191 -15.67 -22.80 1.71
CA PRO E 191 -16.48 -22.04 0.75
C PRO E 191 -17.85 -21.66 1.29
N ILE E 192 -17.94 -20.57 2.03
CA ILE E 192 -19.23 -20.08 2.53
C ILE E 192 -20.04 -19.61 1.33
N PRO E 193 -21.38 -19.64 1.37
CA PRO E 193 -22.16 -19.11 0.25
C PRO E 193 -22.24 -17.59 0.30
N ILE E 194 -22.16 -16.97 -0.88
CA ILE E 194 -22.25 -15.52 -1.03
C ILE E 194 -23.27 -15.22 -2.11
N HIS E 195 -24.17 -14.27 -1.83
CA HIS E 195 -25.23 -13.87 -2.74
C HIS E 195 -24.81 -12.63 -3.52
N TYR E 196 -24.94 -12.68 -4.84
CA TYR E 196 -24.76 -11.52 -5.69
C TYR E 196 -26.06 -10.77 -5.89
N CYS E 197 -25.96 -9.44 -5.89
CA CYS E 197 -27.08 -8.53 -5.91
C CYS E 197 -26.81 -7.42 -6.91
N ALA E 198 -27.91 -6.87 -7.49
CA ALA E 198 -27.74 -5.83 -8.50
C ALA E 198 -27.71 -4.45 -7.85
N PRO E 199 -26.91 -3.51 -8.36
CA PRO E 199 -26.81 -2.21 -7.69
C PRO E 199 -28.08 -1.39 -7.91
N ALA E 200 -28.10 -0.16 -7.42
CA ALA E 200 -29.29 0.68 -7.57
C ALA E 200 -29.53 0.96 -9.05
N GLY E 201 -30.75 0.68 -9.51
CA GLY E 201 -31.14 0.96 -10.88
C GLY E 201 -30.98 -0.18 -11.86
N TYR E 202 -30.79 -1.41 -11.38
CA TYR E 202 -30.76 -2.60 -12.24
C TYR E 202 -31.63 -3.69 -11.60
N ALA E 203 -31.76 -4.80 -12.30
CA ALA E 203 -32.52 -5.94 -11.79
C ALA E 203 -31.94 -7.22 -12.38
N ILE E 204 -32.23 -8.34 -11.72
CA ILE E 204 -31.73 -9.66 -12.08
C ILE E 204 -32.90 -10.50 -12.55
N LEU E 205 -32.76 -11.12 -13.72
CA LEU E 205 -33.78 -11.98 -14.31
C LEU E 205 -33.32 -13.43 -14.28
N LYS E 206 -34.25 -14.33 -13.99
CA LYS E 206 -33.98 -15.75 -13.80
C LYS E 206 -34.81 -16.58 -14.76
N CYS E 207 -34.32 -17.78 -15.06
CA CYS E 207 -35.04 -18.78 -15.84
C CYS E 207 -35.52 -19.87 -14.90
N ASN E 208 -36.82 -20.13 -14.91
CA ASN E 208 -37.40 -21.20 -14.10
C ASN E 208 -37.64 -22.49 -14.87
N ASN E 209 -37.38 -22.52 -16.17
CA ASN E 209 -37.58 -23.74 -16.94
C ASN E 209 -36.58 -24.80 -16.50
N GLU E 210 -37.08 -25.94 -16.02
CA GLU E 210 -36.22 -26.90 -15.35
C GLU E 210 -35.22 -27.54 -16.31
N THR E 211 -35.67 -27.87 -17.54
CA THR E 211 -34.81 -28.44 -18.56
C THR E 211 -34.17 -27.37 -19.45
N PHE E 212 -33.95 -26.17 -18.93
CA PHE E 212 -33.32 -25.10 -19.68
C PHE E 212 -31.90 -25.52 -20.07
N ASN E 213 -31.67 -25.68 -21.38
CA ASN E 213 -30.39 -26.17 -21.87
C ASN E 213 -29.34 -25.07 -21.99
N GLY E 214 -29.69 -23.82 -21.63
CA GLY E 214 -28.75 -22.74 -21.49
C GLY E 214 -28.87 -21.62 -22.50
N THR E 215 -29.51 -21.86 -23.65
CA THR E 215 -29.63 -20.86 -24.70
C THR E 215 -31.05 -20.89 -25.25
N GLY E 216 -31.38 -19.86 -26.03
CA GLY E 216 -32.71 -19.72 -26.57
C GLY E 216 -33.67 -19.12 -25.55
N PRO E 217 -34.85 -18.72 -26.00
CA PRO E 217 -35.77 -17.96 -25.12
C PRO E 217 -36.40 -18.83 -24.05
N CYS E 218 -36.18 -18.45 -22.79
CA CYS E 218 -36.85 -19.02 -21.63
C CYS E 218 -38.09 -18.20 -21.31
N SER E 219 -39.24 -18.86 -21.28
CA SER E 219 -40.50 -18.13 -21.08
C SER E 219 -40.83 -17.93 -19.61
N ASN E 220 -40.52 -18.91 -18.75
CA ASN E 220 -40.85 -18.81 -17.33
C ASN E 220 -39.79 -17.96 -16.64
N VAL E 221 -39.92 -16.65 -16.80
CA VAL E 221 -38.95 -15.68 -16.29
C VAL E 221 -39.47 -15.11 -14.98
N SER E 222 -38.56 -14.84 -14.05
CA SER E 222 -38.90 -14.23 -12.77
C SER E 222 -37.78 -13.29 -12.35
N THR E 223 -38.15 -12.28 -11.56
CA THR E 223 -37.21 -11.27 -11.09
C THR E 223 -36.61 -11.70 -9.75
N VAL E 224 -35.38 -11.26 -9.51
CA VAL E 224 -34.65 -11.56 -8.29
C VAL E 224 -33.93 -10.31 -7.81
N GLN E 225 -33.97 -10.08 -6.50
CA GLN E 225 -33.16 -9.02 -5.90
C GLN E 225 -31.72 -9.48 -5.72
N CYS E 226 -31.53 -10.62 -5.07
CA CYS E 226 -30.23 -11.16 -4.73
C CYS E 226 -30.22 -12.63 -5.11
N THR E 227 -29.15 -13.08 -5.76
CA THR E 227 -29.08 -14.46 -6.22
C THR E 227 -29.09 -15.44 -5.05
N HIS E 228 -29.43 -16.69 -5.35
CA HIS E 228 -29.38 -17.72 -4.33
C HIS E 228 -27.94 -17.98 -3.91
N GLY E 229 -27.78 -18.75 -2.85
CA GLY E 229 -26.47 -19.06 -2.32
C GLY E 229 -25.59 -19.76 -3.33
N ILE E 230 -24.40 -19.22 -3.55
CA ILE E 230 -23.43 -19.76 -4.50
C ILE E 230 -22.15 -20.07 -3.73
N ARG E 231 -21.73 -21.34 -3.79
CA ARG E 231 -20.56 -21.78 -3.04
C ARG E 231 -19.33 -21.63 -3.95
N PRO E 232 -18.41 -20.70 -3.67
CA PRO E 232 -17.30 -20.50 -4.63
C PRO E 232 -16.15 -21.50 -4.43
N VAL E 233 -16.43 -22.76 -4.74
CA VAL E 233 -15.44 -23.82 -4.60
C VAL E 233 -14.58 -23.87 -5.86
N VAL E 234 -13.38 -24.44 -5.73
CA VAL E 234 -12.49 -24.69 -6.85
C VAL E 234 -12.13 -26.16 -6.84
N SER E 235 -12.37 -26.84 -7.96
CA SER E 235 -12.15 -28.28 -8.01
C SER E 235 -12.20 -28.80 -9.45
N THR E 236 -11.15 -29.47 -9.89
CA THR E 236 -10.99 -29.86 -11.28
C THR E 236 -11.46 -31.30 -11.50
N GLN E 237 -11.95 -31.54 -12.72
CA GLN E 237 -12.39 -32.85 -13.22
C GLN E 237 -13.72 -33.33 -12.65
N LEU E 238 -14.29 -32.63 -11.68
CA LEU E 238 -15.61 -32.94 -11.18
C LEU E 238 -16.12 -31.67 -10.52
N LEU E 239 -17.38 -31.68 -10.08
CA LEU E 239 -17.97 -30.55 -9.37
C LEU E 239 -18.39 -30.99 -7.98
N LEU E 240 -18.18 -30.11 -6.99
CA LEU E 240 -18.40 -30.43 -5.59
C LEU E 240 -19.32 -29.41 -4.94
N ASN E 241 -20.28 -29.90 -4.15
CA ASN E 241 -21.18 -29.10 -3.34
C ASN E 241 -22.04 -28.14 -4.16
N GLY E 242 -22.10 -28.29 -5.47
CA GLY E 242 -22.83 -27.36 -6.32
C GLY E 242 -24.33 -27.52 -6.20
N SER E 243 -25.05 -27.04 -7.22
CA SER E 243 -26.51 -27.07 -7.26
C SER E 243 -26.97 -28.11 -8.27
N LEU E 244 -27.88 -28.97 -7.86
CA LEU E 244 -28.45 -29.98 -8.74
C LEU E 244 -29.52 -29.34 -9.63
N ALA E 245 -30.26 -30.17 -10.35
CA ALA E 245 -31.43 -29.76 -11.12
C ALA E 245 -32.59 -30.66 -10.74
N GLU E 246 -33.78 -30.05 -10.58
CA GLU E 246 -34.92 -30.80 -10.06
C GLU E 246 -35.32 -31.91 -11.01
N LYS E 247 -35.39 -31.63 -12.31
CA LYS E 247 -35.69 -32.65 -13.30
C LYS E 247 -34.43 -33.47 -13.58
N GLU E 248 -34.52 -34.39 -14.53
CA GLU E 248 -33.47 -35.37 -14.77
C GLU E 248 -32.20 -34.68 -15.30
N ILE E 249 -31.18 -35.50 -15.57
CA ILE E 249 -29.83 -35.01 -15.82
C ILE E 249 -29.82 -34.09 -17.04
N VAL E 250 -29.13 -32.96 -16.89
CA VAL E 250 -28.98 -31.95 -17.93
C VAL E 250 -27.57 -32.06 -18.51
N ILE E 251 -27.43 -31.70 -19.79
CA ILE E 251 -26.15 -31.67 -20.48
C ILE E 251 -26.04 -30.33 -21.19
N ARG E 252 -24.87 -29.70 -21.11
CA ARG E 252 -24.66 -28.34 -21.56
C ARG E 252 -23.35 -28.21 -22.32
N SER E 253 -23.37 -27.42 -23.40
CA SER E 253 -22.18 -27.14 -24.18
C SER E 253 -22.53 -26.06 -25.19
N GLU E 254 -21.50 -25.48 -25.82
CA GLU E 254 -21.73 -24.54 -26.91
C GLU E 254 -22.20 -25.26 -28.15
N ASN E 255 -21.37 -26.17 -28.66
CA ASN E 255 -21.59 -26.79 -29.96
C ASN E 255 -21.03 -28.20 -29.88
N LEU E 256 -21.91 -29.18 -29.66
CA LEU E 256 -21.47 -30.56 -29.51
C LEU E 256 -20.82 -31.09 -30.79
N THR E 257 -21.06 -30.44 -31.93
CA THR E 257 -20.35 -30.80 -33.16
C THR E 257 -18.88 -30.47 -33.09
N ASN E 258 -18.47 -29.56 -32.19
CA ASN E 258 -17.07 -29.25 -31.98
C ASN E 258 -16.53 -30.24 -30.95
N ASN E 259 -15.31 -30.74 -31.17
CA ASN E 259 -14.72 -31.75 -30.30
C ASN E 259 -13.98 -31.14 -29.10
N ALA E 260 -13.82 -29.82 -29.06
CA ALA E 260 -12.93 -29.20 -28.09
C ALA E 260 -13.65 -28.70 -26.84
N LYS E 261 -14.91 -28.28 -26.97
CA LYS E 261 -15.58 -27.63 -25.86
C LYS E 261 -15.90 -28.63 -24.75
N ILE E 262 -15.94 -28.10 -23.52
CA ILE E 262 -16.14 -28.90 -22.33
C ILE E 262 -17.63 -29.01 -22.05
N ILE E 263 -18.09 -30.22 -21.80
CA ILE E 263 -19.47 -30.49 -21.40
C ILE E 263 -19.56 -30.34 -19.89
N ILE E 264 -20.67 -29.77 -19.42
CA ILE E 264 -20.96 -29.64 -17.99
C ILE E 264 -22.28 -30.37 -17.76
N VAL E 265 -22.28 -31.33 -16.84
CA VAL E 265 -23.41 -32.20 -16.57
C VAL E 265 -23.89 -31.94 -15.15
N HIS E 266 -25.19 -31.73 -15.00
CA HIS E 266 -25.84 -31.62 -13.69
C HIS E 266 -26.58 -32.90 -13.39
N LEU E 267 -26.24 -33.54 -12.27
CA LEU E 267 -26.82 -34.81 -11.91
C LEU E 267 -28.17 -34.62 -11.24
N ASN E 268 -29.08 -35.56 -11.50
CA ASN E 268 -30.39 -35.54 -10.86
C ASN E 268 -30.28 -35.72 -9.35
N THR E 269 -29.32 -36.53 -8.90
CA THR E 269 -29.06 -36.73 -7.48
C THR E 269 -27.56 -36.82 -7.26
N SER E 270 -27.11 -36.35 -6.11
CA SER E 270 -25.69 -36.34 -5.78
C SER E 270 -25.23 -37.73 -5.36
N VAL E 271 -23.91 -37.91 -5.33
CA VAL E 271 -23.27 -39.09 -4.78
C VAL E 271 -22.36 -38.64 -3.63
N GLU E 272 -22.19 -39.52 -2.66
CA GLU E 272 -21.52 -39.21 -1.41
C GLU E 272 -20.05 -39.64 -1.49
N ILE E 273 -19.14 -38.70 -1.22
CA ILE E 273 -17.70 -38.92 -1.32
C ILE E 273 -17.04 -38.49 -0.02
N VAL E 274 -16.09 -39.29 0.45
CA VAL E 274 -15.36 -39.05 1.70
C VAL E 274 -13.88 -39.18 1.42
N CYS E 275 -13.09 -38.27 1.99
CA CYS E 275 -11.64 -38.27 1.84
C CYS E 275 -10.98 -38.07 3.20
N THR E 276 -9.84 -38.72 3.39
CA THR E 276 -9.18 -38.74 4.68
C THR E 276 -7.66 -38.78 4.53
N ARG E 277 -6.98 -38.45 5.61
CA ARG E 277 -5.53 -38.51 5.70
C ARG E 277 -5.19 -39.16 7.03
N PRO E 278 -5.27 -40.49 7.12
CA PRO E 278 -5.22 -41.15 8.44
C PRO E 278 -3.95 -40.89 9.25
N GLY E 279 -2.86 -40.46 8.62
CA GLY E 279 -1.67 -40.12 9.38
C GLY E 279 -1.90 -39.00 10.36
N ASN E 280 -1.57 -39.21 11.62
CA ASN E 280 -1.77 -38.23 12.69
C ASN E 280 -0.55 -37.32 12.72
N ASN E 281 -0.58 -36.29 11.89
CA ASN E 281 0.58 -35.44 11.71
C ASN E 281 0.84 -34.61 12.98
N THR E 282 1.90 -33.82 12.94
CA THR E 282 2.19 -32.85 13.99
C THR E 282 2.84 -31.64 13.35
N ARG E 283 2.56 -30.47 13.93
CA ARG E 283 3.09 -29.20 13.46
C ARG E 283 4.06 -28.62 14.47
N LYS E 284 5.18 -28.10 13.99
CA LYS E 284 6.15 -27.37 14.79
C LYS E 284 6.37 -25.99 14.19
N SER E 285 6.55 -25.01 15.06
CA SER E 285 6.79 -23.63 14.66
C SER E 285 8.27 -23.29 14.84
N VAL E 286 8.87 -22.73 13.79
CA VAL E 286 10.25 -22.25 13.81
C VAL E 286 10.23 -20.77 13.50
N ARG E 287 10.92 -19.98 14.33
CA ARG E 287 10.88 -18.54 14.23
C ARG E 287 12.00 -18.04 13.32
N ILE E 288 11.74 -16.92 12.64
CA ILE E 288 12.68 -16.32 11.71
C ILE E 288 12.72 -14.82 11.96
N GLY E 289 13.89 -14.32 12.38
CA GLY E 289 14.11 -12.90 12.55
C GLY E 289 13.16 -12.27 13.57
N PRO E 290 12.33 -11.28 13.17
CA PRO E 290 11.38 -10.70 14.13
C PRO E 290 10.25 -11.68 14.44
N GLY E 291 9.22 -11.23 15.14
CA GLY E 291 8.17 -12.15 15.59
C GLY E 291 7.36 -12.66 14.43
N GLN E 292 7.98 -13.53 13.64
CA GLN E 292 7.54 -13.90 12.30
C GLN E 292 7.78 -15.40 12.14
N THR E 293 6.75 -16.19 12.43
CA THR E 293 6.90 -17.64 12.54
C THR E 293 6.66 -18.33 11.20
N PHE E 294 6.79 -19.65 11.20
CA PHE E 294 6.55 -20.47 10.01
C PHE E 294 6.34 -21.91 10.46
N TYR E 295 5.19 -22.48 10.13
CA TYR E 295 4.84 -23.83 10.55
C TYR E 295 5.29 -24.85 9.51
N ALA E 296 5.60 -26.05 9.98
CA ALA E 296 6.02 -27.14 9.11
C ALA E 296 5.67 -28.47 9.75
N THR E 297 5.61 -29.50 8.93
CA THR E 297 5.16 -30.81 9.38
C THR E 297 6.27 -31.49 10.18
N GLY E 298 5.97 -31.84 11.43
CA GLY E 298 6.93 -32.52 12.28
C GLY E 298 7.00 -34.00 11.99
N ASP E 299 7.11 -34.81 13.05
CA ASP E 299 7.22 -36.26 12.91
C ASP E 299 5.84 -36.89 12.97
N ILE E 300 5.71 -38.03 12.28
CA ILE E 300 4.43 -38.71 12.15
C ILE E 300 4.25 -39.60 13.37
N ILE E 301 3.32 -39.25 14.25
CA ILE E 301 3.07 -40.02 15.46
C ILE E 301 2.28 -41.26 15.09
N GLY E 302 2.76 -42.42 15.50
CA GLY E 302 2.08 -43.68 15.25
C GLY E 302 2.59 -44.34 13.97
N ASP E 303 1.66 -44.80 13.13
CA ASP E 303 1.97 -45.46 11.88
C ASP E 303 1.67 -44.53 10.71
N ILE E 304 2.18 -44.90 9.54
CA ILE E 304 2.06 -44.11 8.32
C ILE E 304 1.05 -44.78 7.40
N ARG E 305 0.19 -43.97 6.79
CA ARG E 305 -0.81 -44.47 5.86
C ARG E 305 -1.02 -43.45 4.75
N GLN E 306 -1.60 -43.90 3.65
CA GLN E 306 -1.74 -43.11 2.44
C GLN E 306 -3.12 -42.44 2.41
N ALA E 307 -3.14 -41.14 2.15
CA ALA E 307 -4.40 -40.42 2.05
C ALA E 307 -5.20 -40.95 0.87
N HIS E 308 -6.50 -41.16 1.08
CA HIS E 308 -7.36 -41.81 0.11
C HIS E 308 -8.76 -41.21 0.14
N CYS E 309 -9.51 -41.43 -0.93
CA CYS E 309 -10.90 -41.03 -1.04
C CYS E 309 -11.78 -42.24 -1.30
N ASN E 310 -13.00 -42.19 -0.76
CA ASN E 310 -13.96 -43.27 -0.84
C ASN E 310 -15.23 -42.78 -1.52
N ILE E 311 -15.67 -43.51 -2.54
CA ILE E 311 -16.89 -43.22 -3.29
C ILE E 311 -17.75 -44.46 -3.28
N SER E 312 -19.03 -44.31 -2.95
CA SER E 312 -19.95 -45.43 -3.01
C SER E 312 -20.05 -45.92 -4.45
N GLU E 313 -19.85 -47.23 -4.64
CA GLU E 313 -19.76 -47.76 -6.00
C GLU E 313 -21.12 -47.99 -6.61
N LYS E 314 -22.13 -48.36 -5.82
CA LYS E 314 -23.46 -48.60 -6.37
C LYS E 314 -24.03 -47.30 -6.95
N GLN E 315 -24.02 -46.23 -6.16
CA GLN E 315 -24.52 -44.95 -6.63
C GLN E 315 -23.71 -44.44 -7.81
N TRP E 316 -22.38 -44.61 -7.76
CA TRP E 316 -21.56 -44.12 -8.87
C TRP E 316 -21.85 -44.87 -10.16
N ASN E 317 -21.99 -46.20 -10.08
CA ASN E 317 -22.31 -46.97 -11.28
C ASN E 317 -23.68 -46.59 -11.82
N GLU E 318 -24.67 -46.41 -10.93
CA GLU E 318 -26.00 -46.02 -11.36
C GLU E 318 -25.98 -44.67 -12.06
N THR E 319 -25.31 -43.69 -11.47
CA THR E 319 -25.26 -42.35 -12.05
C THR E 319 -24.50 -42.36 -13.37
N LEU E 320 -23.40 -43.11 -13.44
CA LEU E 320 -22.64 -43.16 -14.69
C LEU E 320 -23.47 -43.80 -15.79
N GLN E 321 -24.23 -44.85 -15.45
CA GLN E 321 -25.11 -45.48 -16.43
C GLN E 321 -26.19 -44.50 -16.89
N LYS E 322 -26.75 -43.72 -15.96
CA LYS E 322 -27.78 -42.76 -16.35
C LYS E 322 -27.23 -41.69 -17.27
N VAL E 323 -26.03 -41.17 -16.96
CA VAL E 323 -25.45 -40.14 -17.81
C VAL E 323 -25.13 -40.72 -19.19
N GLY E 324 -24.67 -41.98 -19.23
CA GLY E 324 -24.46 -42.63 -20.51
C GLY E 324 -25.76 -42.78 -21.29
N LYS E 325 -26.85 -43.08 -20.59
CA LYS E 325 -28.15 -43.18 -21.24
C LYS E 325 -28.57 -41.84 -21.84
N GLU E 326 -28.34 -40.75 -21.10
CA GLU E 326 -28.74 -39.44 -21.58
C GLU E 326 -27.92 -39.00 -22.79
N LEU E 327 -26.61 -39.27 -22.78
CA LEU E 327 -25.73 -38.75 -23.81
C LEU E 327 -26.02 -39.33 -25.19
N GLN E 328 -26.65 -40.50 -25.27
CA GLN E 328 -26.92 -41.10 -26.57
C GLN E 328 -27.93 -40.30 -27.40
N LYS E 329 -28.69 -39.40 -26.78
CA LYS E 329 -29.67 -38.64 -27.54
C LYS E 329 -29.01 -37.60 -28.43
N HIS E 330 -28.03 -36.87 -27.89
CA HIS E 330 -27.40 -35.80 -28.66
C HIS E 330 -26.46 -36.35 -29.73
N PHE E 331 -25.86 -37.51 -29.50
CA PHE E 331 -25.02 -38.17 -30.49
C PHE E 331 -25.78 -39.37 -31.03
N PRO E 332 -26.17 -39.42 -32.31
CA PRO E 332 -27.29 -40.29 -32.69
C PRO E 332 -26.96 -41.77 -32.65
N ASN E 333 -27.43 -42.43 -31.60
CA ASN E 333 -27.47 -43.89 -31.49
C ASN E 333 -26.09 -44.52 -31.70
N LYS E 334 -25.07 -43.93 -31.10
CA LYS E 334 -23.74 -44.50 -31.02
C LYS E 334 -23.51 -45.09 -29.63
N THR E 335 -22.52 -45.98 -29.54
CA THR E 335 -22.05 -46.41 -28.23
C THR E 335 -21.30 -45.27 -27.56
N ILE E 336 -21.26 -45.32 -26.22
CA ILE E 336 -20.58 -44.30 -25.43
C ILE E 336 -19.77 -45.00 -24.35
N LYS E 337 -18.57 -44.47 -24.09
CA LYS E 337 -17.65 -45.05 -23.13
C LYS E 337 -16.91 -43.93 -22.41
N TYR E 338 -16.27 -44.30 -21.30
CA TYR E 338 -15.43 -43.40 -20.52
C TYR E 338 -14.06 -44.03 -20.36
N GLU E 339 -13.03 -43.20 -20.44
CA GLU E 339 -11.65 -43.65 -20.40
C GLU E 339 -10.87 -42.75 -19.44
N ARG E 340 -9.63 -43.15 -19.19
CA ARG E 340 -8.77 -42.42 -18.26
C ARG E 340 -8.49 -41.02 -18.79
N SER E 341 -8.14 -40.13 -17.86
CA SER E 341 -8.00 -38.72 -18.19
C SER E 341 -6.85 -38.48 -19.16
N ALA E 342 -6.78 -37.26 -19.67
CA ALA E 342 -5.79 -36.91 -20.69
C ALA E 342 -4.36 -36.98 -20.17
N GLY E 343 -4.16 -36.86 -18.87
CA GLY E 343 -2.81 -36.86 -18.33
C GLY E 343 -2.15 -35.50 -18.44
N GLY E 344 -0.83 -35.51 -18.28
CA GLY E 344 -0.04 -34.29 -18.31
C GLY E 344 0.35 -33.85 -16.90
N ASP E 345 0.15 -32.57 -16.60
CA ASP E 345 0.38 -32.09 -15.24
C ASP E 345 -0.55 -32.81 -14.27
N MET E 346 -0.04 -33.07 -13.07
CA MET E 346 -0.84 -33.80 -12.09
C MET E 346 -2.11 -33.04 -11.73
N GLU E 347 -2.02 -31.71 -11.62
CA GLU E 347 -3.19 -30.91 -11.29
C GLU E 347 -4.26 -31.05 -12.38
N ILE E 348 -3.86 -31.04 -13.65
CA ILE E 348 -4.80 -31.26 -14.73
C ILE E 348 -5.22 -32.74 -14.77
N ALA E 349 -4.29 -33.64 -14.49
CA ALA E 349 -4.52 -35.07 -14.61
C ALA E 349 -5.12 -35.70 -13.35
N THR E 350 -5.41 -34.90 -12.32
CA THR E 350 -5.96 -35.43 -11.08
C THR E 350 -7.04 -34.49 -10.57
N HIS E 351 -7.83 -35.01 -9.65
CA HIS E 351 -8.90 -34.29 -8.99
C HIS E 351 -8.45 -33.76 -7.64
N SER E 352 -8.59 -32.45 -7.43
CA SER E 352 -8.05 -31.74 -6.29
C SER E 352 -9.15 -31.04 -5.51
N PHE E 353 -9.10 -31.12 -4.17
CA PHE E 353 -10.01 -30.41 -3.28
C PHE E 353 -9.29 -29.24 -2.62
N ASN E 354 -9.96 -28.65 -1.62
CA ASN E 354 -9.31 -27.91 -0.54
C ASN E 354 -9.99 -28.25 0.79
N CYS E 355 -9.63 -29.42 1.33
CA CYS E 355 -10.25 -29.95 2.54
C CYS E 355 -9.43 -29.54 3.76
N GLY E 356 -10.11 -28.96 4.74
CA GLY E 356 -9.50 -28.70 6.04
C GLY E 356 -8.24 -27.88 5.98
N GLY E 357 -8.10 -27.00 4.98
CA GLY E 357 -6.87 -26.27 4.80
C GLY E 357 -5.74 -27.07 4.22
N GLU E 358 -6.04 -28.19 3.55
CA GLU E 358 -5.04 -29.02 2.90
C GLU E 358 -5.49 -29.31 1.48
N PHE E 359 -4.52 -29.41 0.57
CA PHE E 359 -4.77 -29.57 -0.85
C PHE E 359 -4.44 -31.00 -1.28
N PHE E 360 -5.36 -31.62 -2.00
CA PHE E 360 -5.26 -33.00 -2.44
C PHE E 360 -5.03 -33.07 -3.94
N TYR E 361 -4.59 -34.26 -4.39
CA TYR E 361 -4.50 -34.56 -5.81
C TYR E 361 -4.75 -36.06 -5.96
N CYS E 362 -5.99 -36.40 -6.31
CA CYS E 362 -6.46 -37.79 -6.32
C CYS E 362 -6.55 -38.32 -7.74
N ASN E 363 -6.21 -39.60 -7.91
CA ASN E 363 -6.25 -40.26 -9.20
C ASN E 363 -7.66 -40.79 -9.44
N THR E 364 -8.21 -40.45 -10.61
CA THR E 364 -9.58 -40.81 -10.99
C THR E 364 -9.64 -41.93 -12.01
N SER E 365 -8.55 -42.70 -12.16
CA SER E 365 -8.51 -43.74 -13.19
C SER E 365 -9.55 -44.82 -12.93
N LYS E 366 -9.68 -45.26 -11.67
CA LYS E 366 -10.64 -46.30 -11.35
C LYS E 366 -12.07 -45.84 -11.50
N LEU E 367 -12.33 -44.54 -11.47
CA LEU E 367 -13.70 -44.04 -11.53
C LEU E 367 -14.30 -44.22 -12.92
N PHE E 368 -13.55 -43.87 -13.96
CA PHE E 368 -14.06 -43.78 -15.33
C PHE E 368 -13.60 -45.02 -16.10
N ASN E 369 -14.42 -46.08 -16.05
CA ASN E 369 -14.12 -47.31 -16.78
C ASN E 369 -15.45 -48.03 -16.98
N GLY E 370 -16.01 -47.96 -18.18
CA GLY E 370 -17.29 -48.58 -18.45
C GLY E 370 -17.78 -48.25 -19.84
N THR E 371 -19.09 -48.38 -20.02
CA THR E 371 -19.73 -48.14 -21.30
C THR E 371 -21.14 -47.60 -21.06
N TYR E 372 -21.82 -47.28 -22.15
CA TYR E 372 -23.15 -46.67 -22.10
C TYR E 372 -24.15 -47.53 -21.35
N THR E 386 -17.29 -50.88 -2.39
CA THR E 386 -16.99 -49.47 -2.61
C THR E 386 -15.71 -49.32 -3.42
N ILE E 387 -15.31 -48.09 -3.67
CA ILE E 387 -14.12 -47.75 -4.45
C ILE E 387 -13.22 -46.87 -3.61
N THR E 388 -11.91 -47.12 -3.69
CA THR E 388 -10.90 -46.34 -2.98
C THR E 388 -9.92 -45.77 -3.99
N LEU E 389 -9.67 -44.46 -3.90
CA LEU E 389 -8.76 -43.75 -4.80
C LEU E 389 -7.56 -43.28 -4.00
N GLN E 390 -6.37 -43.67 -4.41
CA GLN E 390 -5.15 -43.16 -3.79
C GLN E 390 -5.00 -41.68 -4.11
N CYS E 391 -4.43 -40.93 -3.16
CA CYS E 391 -4.29 -39.49 -3.30
C CYS E 391 -2.92 -39.05 -2.78
N ARG E 392 -2.43 -37.95 -3.34
CA ARG E 392 -1.22 -37.30 -2.89
C ARG E 392 -1.52 -35.83 -2.64
N ILE E 393 -0.83 -35.24 -1.67
CA ILE E 393 -1.08 -33.88 -1.23
C ILE E 393 0.18 -33.06 -1.40
N LYS E 394 -0.01 -31.75 -1.56
CA LYS E 394 1.07 -30.79 -1.73
C LYS E 394 0.91 -29.66 -0.72
N GLN E 395 2.02 -28.97 -0.48
CA GLN E 395 2.04 -27.78 0.37
C GLN E 395 2.31 -26.51 -0.42
N ILE E 396 3.15 -26.58 -1.45
CA ILE E 396 3.48 -25.43 -2.30
C ILE E 396 2.45 -25.42 -3.43
N ILE E 397 1.49 -24.50 -3.36
CA ILE E 397 0.39 -24.42 -4.31
C ILE E 397 0.55 -23.13 -5.12
N ASN E 398 0.62 -23.26 -6.43
CA ASN E 398 0.36 -22.16 -7.34
C ASN E 398 -1.15 -22.13 -7.54
N MET E 399 -1.75 -20.94 -7.40
CA MET E 399 -3.20 -20.84 -7.51
C MET E 399 -3.63 -21.31 -8.89
N TRP E 400 -4.67 -22.12 -8.93
CA TRP E 400 -4.88 -22.99 -10.08
C TRP E 400 -5.34 -22.28 -11.33
N GLN E 401 -5.38 -20.95 -11.42
CA GLN E 401 -5.32 -20.31 -12.72
C GLN E 401 -3.93 -20.37 -13.33
N GLY E 402 -2.89 -20.62 -12.52
CA GLY E 402 -1.53 -20.38 -12.93
C GLY E 402 -1.14 -18.93 -12.99
N VAL E 403 -2.05 -18.02 -12.63
CA VAL E 403 -1.78 -16.59 -12.65
C VAL E 403 -1.63 -16.02 -11.25
N GLY E 404 -2.35 -16.54 -10.28
CA GLY E 404 -2.15 -16.12 -8.90
C GLY E 404 -0.78 -16.49 -8.40
N ARG E 405 -0.39 -15.83 -7.30
CA ARG E 405 0.94 -15.99 -6.75
C ARG E 405 1.04 -17.27 -5.93
N CYS E 406 2.27 -17.65 -5.61
CA CYS E 406 2.52 -18.90 -4.91
C CYS E 406 1.98 -18.84 -3.49
N MET E 407 1.54 -19.99 -2.99
CA MET E 407 1.08 -20.12 -1.60
C MET E 407 1.69 -21.37 -0.99
N TYR E 408 2.05 -21.26 0.28
CA TYR E 408 2.42 -22.41 1.12
C TYR E 408 1.26 -22.66 2.08
N ALA E 409 0.52 -23.75 1.86
CA ALA E 409 -0.56 -24.10 2.77
C ALA E 409 0.01 -24.69 4.04
N PRO E 410 -0.24 -24.12 5.23
CA PRO E 410 0.38 -24.66 6.43
C PRO E 410 -0.19 -26.03 6.76
N PRO E 411 0.60 -26.92 7.36
CA PRO E 411 0.04 -28.20 7.78
C PRO E 411 -0.93 -28.04 8.92
N ILE E 412 -1.86 -28.98 9.01
CA ILE E 412 -2.92 -28.98 10.02
C ILE E 412 -2.78 -30.24 10.87
N ALA E 413 -2.77 -30.05 12.19
CA ALA E 413 -2.59 -31.17 13.11
C ALA E 413 -3.82 -32.06 13.11
N GLY E 414 -3.64 -33.27 13.62
CA GLY E 414 -4.72 -34.25 13.63
C GLY E 414 -4.95 -34.84 12.26
N ASN E 415 -5.79 -35.87 12.18
CA ASN E 415 -6.13 -36.50 10.91
C ASN E 415 -7.43 -35.93 10.38
N ILE E 416 -7.44 -35.63 9.09
CA ILE E 416 -8.47 -34.82 8.46
C ILE E 416 -9.53 -35.73 7.87
N THR E 417 -10.79 -35.28 7.94
CA THR E 417 -11.91 -35.91 7.26
C THR E 417 -12.65 -34.84 6.49
N CYS E 418 -13.17 -35.23 5.32
CA CYS E 418 -13.71 -34.30 4.35
C CYS E 418 -14.86 -34.99 3.63
N LYS E 419 -16.10 -34.59 3.95
CA LYS E 419 -17.29 -35.25 3.44
C LYS E 419 -18.03 -34.28 2.54
N SER E 420 -18.28 -34.70 1.29
CA SER E 420 -18.77 -33.81 0.25
C SER E 420 -19.84 -34.51 -0.56
N ASN E 421 -20.61 -33.70 -1.30
CA ASN E 421 -21.58 -34.16 -2.27
C ASN E 421 -21.07 -33.82 -3.65
N ILE E 422 -20.79 -34.84 -4.46
CA ILE E 422 -20.49 -34.62 -5.87
C ILE E 422 -21.81 -34.47 -6.62
N THR E 423 -21.87 -33.48 -7.51
CA THR E 423 -23.13 -33.11 -8.16
C THR E 423 -22.99 -32.99 -9.67
N GLY E 424 -21.80 -32.68 -10.17
CA GLY E 424 -21.60 -32.46 -11.59
C GLY E 424 -20.25 -32.99 -12.04
N LEU E 425 -20.16 -33.20 -13.36
CA LEU E 425 -18.96 -33.73 -13.99
C LEU E 425 -18.53 -32.79 -15.10
N LEU E 426 -17.24 -32.83 -15.42
CA LEU E 426 -16.67 -32.11 -16.55
C LEU E 426 -16.04 -33.13 -17.50
N LEU E 427 -16.57 -33.20 -18.72
CA LEU E 427 -16.13 -34.14 -19.73
C LEU E 427 -15.69 -33.39 -20.98
N THR E 428 -15.03 -34.12 -21.88
CA THR E 428 -14.69 -33.61 -23.20
C THR E 428 -14.81 -34.77 -24.19
N ARG E 429 -15.55 -34.55 -25.27
CA ARG E 429 -15.75 -35.61 -26.24
C ARG E 429 -14.46 -35.83 -27.03
N ASP E 430 -14.06 -37.09 -27.15
CA ASP E 430 -12.79 -37.47 -27.76
C ASP E 430 -12.77 -37.10 -29.24
N ASN E 436 -17.96 -44.83 -34.34
CA ASN E 436 -18.32 -45.04 -32.94
C ASN E 436 -17.15 -45.45 -32.06
N LYS E 437 -16.08 -45.96 -32.68
CA LYS E 437 -14.95 -46.49 -31.91
C LYS E 437 -14.22 -45.40 -31.16
N THR E 438 -14.22 -44.17 -31.67
CA THR E 438 -13.57 -43.03 -31.03
C THR E 438 -14.55 -42.00 -30.50
N GLU E 439 -15.72 -41.85 -31.12
CA GLU E 439 -16.73 -40.92 -30.61
C GLU E 439 -17.35 -41.41 -29.32
N GLU E 440 -17.19 -42.70 -28.98
CA GLU E 440 -17.79 -43.24 -27.77
C GLU E 440 -17.02 -42.81 -26.52
N THR E 441 -15.69 -42.75 -26.60
CA THR E 441 -14.89 -42.46 -25.41
C THR E 441 -15.04 -41.00 -25.00
N PHE E 442 -15.22 -40.78 -23.70
CA PHE E 442 -15.28 -39.46 -23.10
C PHE E 442 -14.17 -39.34 -22.05
N ARG E 443 -13.43 -38.23 -22.11
CA ARG E 443 -12.27 -38.01 -21.25
C ARG E 443 -12.58 -36.90 -20.25
N PRO E 444 -12.56 -37.15 -18.93
CA PRO E 444 -12.66 -36.01 -18.00
C PRO E 444 -11.51 -35.05 -18.18
N ALA E 445 -11.80 -33.76 -18.03
CA ALA E 445 -10.81 -32.72 -18.27
C ALA E 445 -11.16 -31.51 -17.42
N GLY E 446 -10.39 -30.45 -17.61
CA GLY E 446 -10.56 -29.24 -16.84
C GLY E 446 -9.27 -28.43 -16.85
N GLY E 447 -9.17 -27.52 -15.88
CA GLY E 447 -8.01 -26.65 -15.77
C GLY E 447 -8.39 -25.21 -15.50
N ASP E 448 -9.60 -24.82 -15.91
CA ASP E 448 -10.10 -23.46 -15.74
C ASP E 448 -11.08 -23.44 -14.59
N MET E 449 -10.89 -22.50 -13.66
CA MET E 449 -11.83 -22.31 -12.56
C MET E 449 -13.12 -21.64 -13.01
N ARG E 450 -13.15 -21.04 -14.20
CA ARG E 450 -14.37 -20.39 -14.66
C ARG E 450 -15.49 -21.42 -14.88
N ASP E 451 -15.15 -22.56 -15.49
CA ASP E 451 -16.16 -23.57 -15.78
C ASP E 451 -16.78 -24.15 -14.52
N ASN E 452 -16.08 -24.09 -13.39
CA ASN E 452 -16.67 -24.54 -12.14
C ASN E 452 -17.81 -23.64 -11.68
N TRP E 453 -17.85 -22.38 -12.16
CA TRP E 453 -18.87 -21.43 -11.76
C TRP E 453 -19.89 -21.12 -12.85
N ARG E 454 -19.57 -21.37 -14.12
CA ARG E 454 -20.55 -21.19 -15.18
C ARG E 454 -21.65 -22.24 -15.16
N SER E 455 -21.61 -23.19 -14.22
CA SER E 455 -22.67 -24.16 -14.00
C SER E 455 -23.70 -23.70 -12.98
N GLU E 456 -23.42 -22.66 -12.20
CA GLU E 456 -24.36 -22.09 -11.24
C GLU E 456 -24.98 -20.78 -11.71
N LEU E 457 -24.24 -19.98 -12.47
CA LEU E 457 -24.70 -18.69 -12.96
C LEU E 457 -25.25 -18.78 -14.38
N TYR E 458 -25.92 -19.88 -14.69
CA TYR E 458 -26.47 -20.11 -16.03
C TYR E 458 -27.90 -19.59 -16.18
N LYS E 459 -28.66 -19.51 -15.09
CA LYS E 459 -30.05 -19.10 -15.14
C LYS E 459 -30.24 -17.60 -15.20
N TYR E 460 -29.17 -16.82 -15.02
CA TYR E 460 -29.24 -15.44 -14.58
C TYR E 460 -28.75 -14.46 -15.63
N LYS E 461 -29.38 -13.29 -15.63
CA LYS E 461 -29.10 -12.22 -16.58
C LYS E 461 -29.26 -10.89 -15.86
N VAL E 462 -28.52 -9.87 -16.31
CA VAL E 462 -28.50 -8.55 -15.70
C VAL E 462 -29.14 -7.59 -16.68
N VAL E 463 -30.09 -6.78 -16.20
CA VAL E 463 -30.84 -5.86 -17.06
C VAL E 463 -30.75 -4.45 -16.48
N LYS E 464 -30.83 -3.47 -17.38
CA LYS E 464 -30.82 -2.05 -17.04
C LYS E 464 -32.19 -1.47 -17.38
N ILE E 465 -32.80 -0.79 -16.42
CA ILE E 465 -34.13 -0.21 -16.63
C ILE E 465 -33.98 1.10 -17.40
N GLU E 466 -34.96 1.37 -18.27
CA GLU E 466 -35.03 2.61 -19.06
C GLU E 466 -36.41 3.20 -18.80
N PRO E 467 -36.62 3.82 -17.64
CA PRO E 467 -38.01 4.05 -17.16
C PRO E 467 -38.83 4.96 -18.05
N LEU E 468 -38.22 5.86 -18.80
CA LEU E 468 -38.98 6.86 -19.56
C LEU E 468 -39.43 6.27 -20.89
N GLY E 469 -40.67 6.57 -21.26
CA GLY E 469 -41.22 6.10 -22.52
C GLY E 469 -42.26 7.07 -23.04
N VAL E 470 -42.40 7.10 -24.36
CA VAL E 470 -43.29 8.03 -25.05
C VAL E 470 -44.36 7.23 -25.78
N ALA E 471 -45.60 7.68 -25.70
CA ALA E 471 -46.73 7.03 -26.34
C ALA E 471 -47.71 8.08 -26.86
N PRO E 472 -48.50 7.75 -27.88
CA PRO E 472 -49.50 8.68 -28.40
C PRO E 472 -50.89 8.46 -27.79
N THR E 473 -51.60 9.57 -27.60
CA THR E 473 -52.99 9.56 -27.18
C THR E 473 -53.53 10.97 -27.28
N ARG E 474 -54.84 11.09 -27.09
CA ARG E 474 -55.47 12.42 -27.10
C ARG E 474 -54.98 13.23 -25.90
N CYS E 475 -54.61 14.48 -26.17
CA CYS E 475 -53.96 15.32 -25.17
C CYS E 475 -54.04 16.79 -25.58
N LYS E 476 -53.73 17.65 -24.61
CA LYS E 476 -53.37 19.04 -24.85
C LYS E 476 -52.90 19.62 -23.53
N ARG E 477 -51.87 20.45 -23.56
CA ARG E 477 -51.38 21.07 -22.34
C ARG E 477 -52.42 22.02 -21.75
N GLY F 10 -45.64 -4.92 -7.17
CA GLY F 10 -44.19 -5.20 -7.03
C GLY F 10 -43.38 -4.66 -8.19
N PHE F 11 -42.06 -4.61 -8.02
CA PHE F 11 -41.18 -4.09 -9.06
C PHE F 11 -41.23 -4.98 -10.30
N LEU F 12 -41.33 -4.35 -11.47
CA LEU F 12 -41.47 -5.04 -12.74
C LEU F 12 -42.67 -5.98 -12.76
N GLY F 13 -43.69 -5.70 -11.95
CA GLY F 13 -44.83 -6.58 -11.82
C GLY F 13 -45.79 -6.57 -12.98
N ALA F 14 -45.56 -5.70 -13.99
CA ALA F 14 -46.42 -5.62 -15.16
C ALA F 14 -45.60 -5.48 -16.43
N ALA F 15 -44.42 -6.08 -16.46
CA ALA F 15 -43.56 -5.98 -17.63
C ALA F 15 -44.12 -6.69 -18.85
N GLY F 16 -45.06 -7.62 -18.65
CA GLY F 16 -45.65 -8.37 -19.74
C GLY F 16 -47.04 -7.91 -20.13
N SER F 17 -47.72 -7.21 -19.22
CA SER F 17 -49.10 -6.81 -19.46
C SER F 17 -49.17 -5.78 -20.59
N THR F 18 -50.40 -5.46 -20.98
CA THR F 18 -50.61 -4.52 -22.06
C THR F 18 -50.27 -3.10 -21.62
N MET F 19 -50.18 -2.20 -22.61
CA MET F 19 -49.85 -0.81 -22.32
C MET F 19 -50.91 -0.15 -21.45
N GLY F 20 -52.18 -0.52 -21.64
CA GLY F 20 -53.24 0.04 -20.82
C GLY F 20 -53.28 -0.48 -19.39
N ALA F 21 -52.69 -1.65 -19.15
CA ALA F 21 -52.65 -2.23 -17.82
C ALA F 21 -51.40 -1.84 -17.05
N ALA F 22 -50.24 -1.82 -17.71
CA ALA F 22 -49.02 -1.37 -17.05
C ALA F 22 -49.05 0.12 -16.73
N SER F 23 -49.93 0.89 -17.40
CA SER F 23 -50.04 2.31 -17.10
C SER F 23 -50.54 2.57 -15.69
N MET F 24 -51.18 1.59 -15.05
CA MET F 24 -51.49 1.72 -13.63
C MET F 24 -50.21 1.60 -12.81
N THR F 25 -50.34 1.92 -11.53
CA THR F 25 -49.19 1.97 -10.62
C THR F 25 -48.21 3.05 -11.09
N LEU F 26 -47.11 2.67 -11.74
CA LEU F 26 -46.05 3.56 -12.20
C LEU F 26 -45.30 4.26 -11.07
N THR F 27 -45.55 3.90 -9.80
CA THR F 27 -44.78 4.42 -8.68
C THR F 27 -43.67 3.46 -8.27
N VAL F 28 -43.90 2.16 -8.38
CA VAL F 28 -42.89 1.18 -7.97
C VAL F 28 -41.71 1.18 -8.93
N GLN F 29 -41.97 1.29 -10.23
CA GLN F 29 -40.89 1.28 -11.21
C GLN F 29 -40.09 2.58 -11.23
N ALA F 30 -40.57 3.63 -10.57
CA ALA F 30 -39.84 4.88 -10.43
C ALA F 30 -39.30 5.12 -9.03
N ARG F 31 -39.91 4.51 -8.01
CA ARG F 31 -39.43 4.67 -6.64
C ARG F 31 -38.21 3.81 -6.34
N ASN F 32 -37.99 2.74 -7.10
CA ASN F 32 -36.88 1.82 -6.83
C ASN F 32 -35.54 2.33 -7.37
N LEU F 33 -35.54 3.33 -8.24
CA LEU F 33 -34.32 3.70 -8.95
C LEU F 33 -33.24 4.32 -8.07
N LEU F 34 -33.56 4.66 -6.82
CA LEU F 34 -32.58 5.22 -5.88
C LEU F 34 -32.41 4.38 -4.62
N SER F 35 -33.51 3.98 -3.99
CA SER F 35 -33.45 3.38 -2.67
C SER F 35 -32.76 2.01 -2.70
N GLY F 36 -32.54 1.46 -1.53
CA GLY F 36 -31.92 0.16 -1.39
C GLY F 36 -31.37 -0.03 0.01
N ILE F 37 -30.73 -1.19 0.19
CA ILE F 37 -30.06 -1.48 1.46
C ILE F 37 -28.93 -0.48 1.69
N VAL F 38 -28.16 -0.20 0.65
CA VAL F 38 -27.04 0.73 0.74
C VAL F 38 -27.56 2.14 0.99
N LYS F 56 -9.72 1.19 6.76
CA LYS F 56 -8.71 0.80 5.78
C LYS F 56 -9.21 1.07 4.36
N LEU F 57 -8.29 1.42 3.47
CA LEU F 57 -8.62 1.56 2.05
C LEU F 57 -8.74 0.19 1.41
N THR F 58 -9.85 -0.04 0.73
CA THR F 58 -10.11 -1.29 0.04
C THR F 58 -10.83 -1.02 -1.27
N VAL F 59 -10.68 -1.95 -2.21
CA VAL F 59 -11.32 -1.82 -3.51
C VAL F 59 -12.84 -1.84 -3.38
N TRP F 60 -13.37 -2.45 -2.32
CA TRP F 60 -14.80 -2.42 -2.05
C TRP F 60 -15.33 -0.99 -2.03
N GLY F 61 -14.60 -0.09 -1.39
CA GLY F 61 -15.01 1.30 -1.28
C GLY F 61 -15.21 1.98 -2.62
N ILE F 62 -14.17 1.99 -3.44
CA ILE F 62 -14.27 2.65 -4.75
C ILE F 62 -15.30 1.94 -5.62
N LYS F 63 -15.31 0.60 -5.61
CA LYS F 63 -16.19 -0.14 -6.50
C LYS F 63 -17.66 -0.11 -6.07
N GLN F 64 -17.95 0.36 -4.85
CA GLN F 64 -19.32 0.62 -4.42
C GLN F 64 -19.72 2.08 -4.61
N LEU F 65 -18.81 3.02 -4.31
CA LEU F 65 -19.12 4.43 -4.52
C LEU F 65 -19.33 4.76 -5.99
N GLN F 66 -18.58 4.12 -6.89
CA GLN F 66 -18.80 4.35 -8.31
C GLN F 66 -20.21 3.92 -8.72
N ALA F 67 -20.66 2.77 -8.24
CA ALA F 67 -22.02 2.32 -8.55
C ALA F 67 -23.06 3.29 -8.00
N ARG F 68 -22.86 3.74 -6.75
CA ARG F 68 -23.79 4.69 -6.15
C ARG F 68 -23.90 5.97 -6.98
N VAL F 69 -22.74 6.54 -7.33
CA VAL F 69 -22.74 7.81 -8.05
C VAL F 69 -23.33 7.63 -9.44
N LEU F 70 -23.09 6.48 -10.08
CA LEU F 70 -23.68 6.26 -11.40
C LEU F 70 -25.20 6.16 -11.32
N ALA F 71 -25.71 5.46 -10.31
CA ALA F 71 -27.17 5.38 -10.13
C ALA F 71 -27.76 6.77 -9.92
N VAL F 72 -27.13 7.57 -9.06
CA VAL F 72 -27.61 8.92 -8.78
C VAL F 72 -27.60 9.76 -10.04
N GLU F 73 -26.50 9.71 -10.80
CA GLU F 73 -26.40 10.55 -11.99
C GLU F 73 -27.42 10.15 -13.05
N ARG F 74 -27.67 8.85 -13.21
CA ARG F 74 -28.70 8.42 -14.15
C ARG F 74 -30.07 8.96 -13.74
N TYR F 75 -30.40 8.86 -12.45
CA TYR F 75 -31.69 9.36 -12.00
C TYR F 75 -31.81 10.87 -12.20
N LEU F 76 -30.73 11.62 -11.93
CA LEU F 76 -30.81 13.07 -12.11
C LEU F 76 -30.90 13.45 -13.57
N ARG F 77 -30.24 12.71 -14.47
CA ARG F 77 -30.43 12.98 -15.89
C ARG F 77 -31.88 12.77 -16.29
N ASP F 78 -32.50 11.69 -15.80
CA ASP F 78 -33.91 11.46 -16.12
C ASP F 78 -34.79 12.59 -15.59
N GLN F 79 -34.57 13.01 -14.34
CA GLN F 79 -35.40 14.07 -13.77
C GLN F 79 -35.19 15.40 -14.49
N GLN F 80 -33.95 15.73 -14.82
CA GLN F 80 -33.67 16.96 -15.55
C GLN F 80 -34.31 16.95 -16.93
N LEU F 81 -34.26 15.80 -17.61
CA LEU F 81 -34.89 15.70 -18.91
C LEU F 81 -36.41 15.83 -18.81
N LEU F 82 -37.00 15.32 -17.74
CA LEU F 82 -38.44 15.56 -17.53
C LEU F 82 -38.71 17.03 -17.20
N GLY F 83 -37.77 17.70 -16.54
CA GLY F 83 -37.99 19.09 -16.16
C GLY F 83 -37.84 20.07 -17.31
N ILE F 84 -37.01 19.73 -18.30
CA ILE F 84 -36.91 20.59 -19.48
C ILE F 84 -38.22 20.62 -20.23
N TRP F 85 -38.96 19.51 -20.25
CA TRP F 85 -40.23 19.42 -20.95
C TRP F 85 -41.40 19.96 -20.13
N GLY F 86 -41.16 20.47 -18.93
CA GLY F 86 -42.21 21.00 -18.09
C GLY F 86 -42.99 19.98 -17.29
N CYS F 87 -42.63 18.70 -17.38
CA CYS F 87 -43.39 17.62 -16.79
C CYS F 87 -42.85 17.17 -15.44
N SER F 88 -41.88 17.89 -14.86
CA SER F 88 -41.35 17.51 -13.57
C SER F 88 -42.43 17.60 -12.50
N GLY F 89 -42.48 16.58 -11.64
CA GLY F 89 -43.52 16.44 -10.64
C GLY F 89 -44.64 15.53 -11.13
N LYS F 90 -44.98 15.64 -12.41
CA LYS F 90 -45.95 14.74 -13.01
C LYS F 90 -45.34 13.37 -13.26
N LEU F 91 -46.20 12.40 -13.55
CA LEU F 91 -45.80 11.08 -14.05
C LEU F 91 -46.39 10.79 -15.42
N ILE F 92 -47.63 11.19 -15.65
CA ILE F 92 -48.27 11.14 -16.96
C ILE F 92 -48.55 12.59 -17.36
N CYS F 93 -47.98 13.01 -18.48
CA CYS F 93 -47.88 14.42 -18.82
C CYS F 93 -48.14 14.61 -20.31
N CYS F 94 -49.25 15.25 -20.63
CA CYS F 94 -49.59 15.56 -22.00
C CYS F 94 -48.66 16.65 -22.57
N THR F 95 -48.48 16.63 -23.89
CA THR F 95 -47.58 17.54 -24.58
C THR F 95 -48.14 17.88 -25.95
N ASN F 96 -47.66 19.00 -26.49
CA ASN F 96 -48.10 19.52 -27.80
C ASN F 96 -47.01 19.26 -28.83
N VAL F 97 -47.02 18.05 -29.39
CA VAL F 97 -46.18 17.69 -30.54
C VAL F 97 -46.98 16.71 -31.37
N PRO F 98 -47.22 16.96 -32.67
CA PRO F 98 -48.04 16.02 -33.45
C PRO F 98 -47.39 14.66 -33.60
N TRP F 99 -48.22 13.63 -33.73
CA TRP F 99 -47.78 12.26 -33.91
C TRP F 99 -47.95 11.91 -35.38
N ASN F 100 -46.93 12.23 -36.17
CA ASN F 100 -46.91 11.88 -37.59
C ASN F 100 -47.08 10.38 -37.77
N SER F 101 -47.95 10.01 -38.72
CA SER F 101 -48.26 8.60 -38.93
C SER F 101 -47.04 7.79 -39.37
N SER F 102 -46.03 8.44 -39.97
CA SER F 102 -44.85 7.72 -40.40
C SER F 102 -44.09 7.10 -39.24
N TRP F 103 -44.24 7.64 -38.02
CA TRP F 103 -43.60 7.02 -36.86
C TRP F 103 -44.30 5.74 -36.44
N SER F 104 -45.54 5.51 -36.86
CA SER F 104 -46.23 4.26 -36.54
C SER F 104 -47.34 4.04 -37.56
N ASN F 105 -47.17 3.03 -38.42
CA ASN F 105 -48.24 2.63 -39.33
C ASN F 105 -49.35 1.86 -38.62
N ARG F 106 -49.00 1.09 -37.60
CA ARG F 106 -49.97 0.35 -36.81
C ARG F 106 -50.94 1.31 -36.13
N ASN F 107 -52.21 0.89 -36.04
CA ASN F 107 -53.28 1.78 -35.64
C ASN F 107 -53.07 2.27 -34.21
N LEU F 108 -53.45 3.52 -33.97
CA LEU F 108 -53.13 4.22 -32.74
C LEU F 108 -54.14 3.97 -31.62
N SER F 109 -55.24 3.27 -31.90
CA SER F 109 -56.17 2.79 -30.88
C SER F 109 -56.01 1.31 -30.57
N GLU F 110 -55.09 0.61 -31.26
CA GLU F 110 -54.83 -0.81 -31.02
C GLU F 110 -53.65 -1.04 -30.09
N ILE F 111 -52.70 -0.10 -30.03
CA ILE F 111 -51.51 -0.30 -29.21
C ILE F 111 -51.88 -0.35 -27.73
N TRP F 112 -52.88 0.42 -27.32
CA TRP F 112 -53.16 0.58 -25.90
C TRP F 112 -53.78 -0.64 -25.24
N ASP F 113 -54.16 -1.67 -26.02
CA ASP F 113 -54.75 -2.88 -25.44
C ASP F 113 -54.25 -4.17 -26.07
N ASN F 114 -53.24 -4.11 -26.94
CA ASN F 114 -52.65 -5.29 -27.56
C ASN F 114 -51.19 -5.47 -27.20
N MET F 115 -50.38 -4.42 -27.34
CA MET F 115 -48.93 -4.51 -27.22
C MET F 115 -48.48 -4.45 -25.77
N THR F 116 -47.25 -4.88 -25.55
CA THR F 116 -46.54 -4.75 -24.28
C THR F 116 -45.51 -3.65 -24.43
N TRP F 117 -45.21 -2.97 -23.32
CA TRP F 117 -44.32 -1.80 -23.37
C TRP F 117 -42.94 -2.16 -23.92
N LEU F 118 -42.48 -3.39 -23.70
CA LEU F 118 -41.20 -3.82 -24.27
C LEU F 118 -41.25 -3.75 -25.79
N GLN F 119 -42.32 -4.31 -26.38
CA GLN F 119 -42.46 -4.26 -27.83
C GLN F 119 -42.53 -2.84 -28.34
N TRP F 120 -43.21 -1.96 -27.60
CA TRP F 120 -43.28 -0.56 -27.98
C TRP F 120 -41.91 0.09 -27.97
N ASP F 121 -41.10 -0.19 -26.95
CA ASP F 121 -39.75 0.36 -26.89
C ASP F 121 -38.92 -0.14 -28.06
N LYS F 122 -39.04 -1.43 -28.40
CA LYS F 122 -38.31 -1.94 -29.56
C LYS F 122 -38.77 -1.25 -30.84
N GLU F 123 -40.06 -0.96 -30.95
CA GLU F 123 -40.58 -0.37 -32.18
C GLU F 123 -40.13 1.07 -32.36
N ILE F 124 -40.29 1.90 -31.32
CA ILE F 124 -40.14 3.35 -31.45
C ILE F 124 -38.72 3.84 -31.13
N SER F 125 -37.85 2.97 -30.60
CA SER F 125 -36.51 3.40 -30.22
C SER F 125 -35.70 3.93 -31.40
N ASN F 126 -36.11 3.65 -32.63
CA ASN F 126 -35.44 4.22 -33.80
C ASN F 126 -35.58 5.74 -33.84
N TYR F 127 -36.78 6.26 -33.55
CA TYR F 127 -37.13 7.65 -33.82
C TYR F 127 -37.13 8.52 -32.56
N THR F 128 -36.45 8.10 -31.49
CA THR F 128 -36.60 8.75 -30.20
C THR F 128 -36.04 10.18 -30.20
N GLN F 129 -34.86 10.36 -30.79
CA GLN F 129 -34.19 11.66 -30.69
C GLN F 129 -34.95 12.75 -31.43
N ILE F 130 -35.69 12.41 -32.48
CA ILE F 130 -36.55 13.38 -33.14
C ILE F 130 -37.57 13.93 -32.16
N ILE F 131 -38.23 13.03 -31.41
CA ILE F 131 -39.26 13.44 -30.47
C ILE F 131 -38.66 14.29 -29.37
N TYR F 132 -37.50 13.88 -28.84
CA TYR F 132 -36.88 14.66 -27.78
C TYR F 132 -36.47 16.05 -28.28
N GLY F 133 -35.91 16.13 -29.49
CA GLY F 133 -35.54 17.42 -30.03
C GLY F 133 -36.74 18.33 -30.23
N LEU F 134 -37.85 17.77 -30.72
CA LEU F 134 -39.06 18.57 -30.89
C LEU F 134 -39.59 19.06 -29.53
N LEU F 135 -39.62 18.18 -28.53
CA LEU F 135 -40.15 18.57 -27.23
C LEU F 135 -39.28 19.63 -26.56
N GLU F 136 -37.96 19.51 -26.70
CA GLU F 136 -37.07 20.44 -26.01
C GLU F 136 -37.24 21.88 -26.49
N GLU F 137 -37.75 22.09 -27.70
CA GLU F 137 -38.10 23.42 -28.18
C GLU F 137 -39.57 23.75 -27.99
N SER F 138 -40.46 22.75 -28.01
CA SER F 138 -41.88 22.99 -27.86
C SER F 138 -42.30 23.27 -26.42
N GLN F 139 -41.35 23.32 -25.47
CA GLN F 139 -41.60 23.86 -24.15
C GLN F 139 -41.28 25.34 -24.08
N ASN F 140 -40.20 25.77 -24.75
CA ASN F 140 -39.91 27.20 -24.84
C ASN F 140 -41.04 27.93 -25.56
N GLN F 141 -41.57 27.33 -26.61
CA GLN F 141 -42.72 27.92 -27.31
C GLN F 141 -43.94 28.00 -26.39
N GLN F 142 -44.10 27.01 -25.51
CA GLN F 142 -45.22 27.05 -24.57
C GLN F 142 -45.09 28.20 -23.59
N GLU F 143 -43.92 28.32 -22.95
CA GLU F 143 -43.73 29.37 -21.94
C GLU F 143 -43.55 30.75 -22.58
N LYS F 144 -43.36 30.83 -23.90
CA LYS F 144 -43.28 32.14 -24.54
C LYS F 144 -44.56 32.93 -24.30
N ASN F 145 -45.72 32.28 -24.46
CA ASN F 145 -46.99 32.94 -24.24
C ASN F 145 -47.14 33.38 -22.78
N GLU F 146 -46.80 32.49 -21.84
CA GLU F 146 -46.94 32.84 -20.43
C GLU F 146 -46.03 34.00 -20.06
N GLN F 147 -44.78 33.97 -20.54
CA GLN F 147 -43.84 35.04 -20.24
C GLN F 147 -44.32 36.36 -20.82
N ASP F 148 -44.79 36.34 -22.07
CA ASP F 148 -45.26 37.58 -22.68
C ASP F 148 -46.51 38.12 -21.98
N LEU F 149 -47.43 37.24 -21.61
CA LEU F 149 -48.64 37.69 -20.91
C LEU F 149 -48.29 38.29 -19.55
N LEU F 150 -47.46 37.62 -18.76
CA LEU F 150 -47.19 38.11 -17.40
C LEU F 150 -46.13 39.19 -17.33
N ALA F 151 -45.33 39.40 -18.38
CA ALA F 151 -44.30 40.43 -18.39
C ALA F 151 -44.55 41.50 -19.45
N LEU F 152 -44.65 41.13 -20.73
CA LEU F 152 -44.81 42.11 -21.78
C LEU F 152 -46.14 42.85 -21.64
N ASP F 153 -47.17 42.16 -21.18
CA ASP F 153 -48.48 42.78 -20.92
C ASP F 153 -49.06 43.40 -22.18
N GLN G 1 -6.53 -71.70 16.59
CA GLN G 1 -6.09 -71.43 15.20
C GLN G 1 -4.65 -70.93 15.25
N VAL G 2 -4.42 -69.96 16.12
CA VAL G 2 -3.13 -69.26 16.22
C VAL G 2 -2.38 -69.80 17.42
N GLN G 3 -1.07 -69.97 17.26
CA GLN G 3 -0.18 -70.29 18.37
C GLN G 3 1.17 -69.66 18.08
N LEU G 4 1.71 -68.96 19.08
CA LEU G 4 2.91 -68.14 18.91
C LEU G 4 4.20 -68.83 19.34
N VAL G 5 4.12 -69.81 20.25
CA VAL G 5 5.21 -70.64 20.79
C VAL G 5 6.57 -69.94 20.80
N GLN G 6 6.88 -69.26 21.89
CA GLN G 6 8.12 -68.50 21.99
C GLN G 6 9.27 -69.39 22.46
N SER G 7 10.41 -68.76 22.75
CA SER G 7 11.57 -69.45 23.26
C SER G 7 11.32 -69.89 24.71
N GLY G 8 12.19 -70.77 25.20
CA GLY G 8 12.16 -71.20 26.59
C GLY G 8 12.93 -70.27 27.49
N ALA G 9 13.61 -70.85 28.47
CA ALA G 9 14.42 -70.07 29.39
C ALA G 9 15.60 -69.42 28.67
N GLN G 10 15.99 -68.24 29.14
CA GLN G 10 17.15 -67.52 28.64
C GLN G 10 17.97 -67.01 29.83
N MET G 11 19.27 -66.84 29.59
CA MET G 11 20.22 -66.47 30.63
C MET G 11 21.14 -65.39 30.07
N LYS G 12 21.16 -64.23 30.72
CA LYS G 12 22.08 -63.16 30.37
C LYS G 12 22.48 -62.42 31.63
N ASN G 13 23.60 -61.71 31.55
CA ASN G 13 24.12 -60.89 32.65
C ASN G 13 23.69 -59.45 32.46
N PRO G 14 23.70 -58.64 33.52
CA PRO G 14 23.32 -57.22 33.37
C PRO G 14 24.24 -56.47 32.43
N GLY G 15 23.67 -55.51 31.70
CA GLY G 15 24.42 -54.69 30.79
C GLY G 15 24.51 -55.19 29.36
N ALA G 16 24.04 -56.41 29.10
CA ALA G 16 24.16 -57.04 27.79
C ALA G 16 22.91 -56.75 26.98
N SER G 17 22.66 -57.56 25.94
CA SER G 17 21.45 -57.51 25.13
C SER G 17 20.85 -58.90 25.02
N VAL G 18 19.54 -59.01 25.20
CA VAL G 18 18.83 -60.29 25.25
C VAL G 18 18.04 -60.46 23.96
N LYS G 19 18.10 -61.67 23.39
CA LYS G 19 17.35 -62.03 22.18
C LYS G 19 16.15 -62.87 22.57
N VAL G 20 15.09 -62.21 23.03
CA VAL G 20 13.79 -62.85 23.21
C VAL G 20 13.05 -62.84 21.87
N SER G 21 12.29 -63.91 21.60
CA SER G 21 11.67 -64.09 20.29
C SER G 21 10.39 -64.87 20.46
N CYS G 22 9.47 -64.71 19.49
CA CYS G 22 8.25 -65.50 19.40
C CYS G 22 8.07 -65.98 17.97
N ALA G 23 7.54 -67.20 17.82
CA ALA G 23 7.49 -67.90 16.52
C ALA G 23 6.05 -68.13 16.09
N PRO G 24 5.41 -67.16 15.41
CA PRO G 24 4.00 -67.35 15.01
C PRO G 24 3.79 -68.54 14.09
N SER G 25 2.61 -69.14 14.24
CA SER G 25 2.20 -70.30 13.47
C SER G 25 0.69 -70.28 13.34
N GLY G 26 0.18 -70.95 12.32
CA GLY G 26 -1.24 -71.06 12.11
C GLY G 26 -1.91 -69.87 11.45
N TYR G 27 -1.15 -68.85 11.05
CA TYR G 27 -1.72 -67.70 10.36
C TYR G 27 -0.62 -67.03 9.56
N THR G 28 -1.03 -66.16 8.63
CA THR G 28 -0.09 -65.43 7.79
C THR G 28 0.58 -64.33 8.61
N PHE G 29 1.90 -64.43 8.76
CA PHE G 29 2.61 -63.60 9.74
C PHE G 29 2.51 -62.11 9.42
N THR G 30 2.46 -61.75 8.13
CA THR G 30 2.54 -60.37 7.70
C THR G 30 1.18 -59.67 7.63
N ASP G 31 0.20 -60.14 8.41
CA ASP G 31 -1.14 -59.56 8.42
C ASP G 31 -1.60 -59.05 9.77
N PHE G 32 -0.82 -59.26 10.84
CA PHE G 32 -1.20 -58.85 12.19
C PHE G 32 -0.03 -58.15 12.85
N TYR G 33 -0.34 -57.11 13.63
CA TYR G 33 0.67 -56.47 14.45
C TYR G 33 1.17 -57.45 15.51
N ILE G 34 2.35 -57.13 16.05
CA ILE G 34 2.95 -57.89 17.14
C ILE G 34 3.16 -56.93 18.29
N HIS G 35 2.59 -57.26 19.44
CA HIS G 35 2.70 -56.47 20.66
C HIS G 35 3.46 -57.26 21.71
N TRP G 36 4.41 -56.60 22.37
CA TRP G 36 5.24 -57.19 23.41
C TRP G 36 4.84 -56.64 24.77
N LEU G 37 4.79 -57.53 25.76
CA LEU G 37 4.28 -57.18 27.08
C LEU G 37 5.20 -57.74 28.16
N ARG G 38 5.51 -56.91 29.16
CA ARG G 38 6.35 -57.28 30.29
C ARG G 38 5.49 -57.45 31.53
N GLN G 39 5.44 -58.68 32.05
CA GLN G 39 4.78 -58.97 33.32
C GLN G 39 5.86 -59.05 34.39
N ALA G 40 6.12 -57.92 35.04
CA ALA G 40 7.12 -57.89 36.10
C ALA G 40 6.68 -58.78 37.26
N PRO G 41 7.62 -59.35 38.03
CA PRO G 41 7.24 -60.35 39.03
C PRO G 41 6.36 -59.79 40.12
N GLY G 42 5.10 -60.24 40.16
CA GLY G 42 4.14 -59.77 41.11
C GLY G 42 3.41 -58.51 40.72
N GLN G 43 3.81 -57.85 39.63
CA GLN G 43 3.17 -56.64 39.14
C GLN G 43 2.19 -57.02 38.03
N GLY G 44 1.53 -56.00 37.49
CA GLY G 44 0.67 -56.18 36.32
C GLY G 44 1.44 -56.03 35.03
N LEU G 45 0.75 -56.32 33.93
CA LEU G 45 1.35 -56.19 32.61
C LEU G 45 1.74 -54.74 32.36
N GLN G 46 2.87 -54.56 31.67
CA GLN G 46 3.36 -53.25 31.27
C GLN G 46 3.72 -53.30 29.80
N TRP G 47 3.16 -52.38 29.02
CA TRP G 47 3.36 -52.39 27.58
C TRP G 47 4.78 -51.99 27.23
N MET G 48 5.31 -52.58 26.15
CA MET G 48 6.69 -52.38 25.74
C MET G 48 6.80 -51.75 24.35
N GLY G 49 6.10 -52.28 23.35
CA GLY G 49 6.17 -51.73 22.01
C GLY G 49 5.53 -52.59 20.95
N TRP G 50 4.88 -51.97 19.96
CA TRP G 50 4.24 -52.70 18.86
C TRP G 50 5.17 -52.76 17.65
N MET G 51 5.05 -53.84 16.91
CA MET G 51 5.83 -54.08 15.69
C MET G 51 4.92 -54.30 14.50
N ASN G 52 5.30 -53.70 13.37
CA ASN G 52 4.59 -53.83 12.12
C ASN G 52 5.36 -54.81 11.24
N PRO G 53 4.88 -56.04 11.02
CA PRO G 53 5.72 -57.00 10.28
C PRO G 53 5.99 -56.62 8.84
N GLN G 54 5.12 -55.85 8.19
CA GLN G 54 5.33 -55.52 6.78
C GLN G 54 6.33 -54.38 6.62
N THR G 55 5.99 -53.21 7.16
CA THR G 55 6.85 -52.04 6.99
C THR G 55 8.09 -52.10 7.87
N GLY G 56 8.00 -52.74 9.04
CA GLY G 56 9.10 -52.80 9.98
C GLY G 56 9.18 -51.63 10.94
N ARG G 57 8.34 -50.61 10.78
CA ARG G 57 8.35 -49.49 11.70
C ARG G 57 7.87 -49.93 13.07
N THR G 58 8.53 -49.40 14.11
CA THR G 58 8.30 -49.82 15.49
C THR G 58 8.12 -48.60 16.38
N ASN G 59 7.57 -48.85 17.57
CA ASN G 59 7.41 -47.84 18.60
C ASN G 59 7.52 -48.52 19.95
N THR G 60 7.81 -47.73 20.98
CA THR G 60 7.97 -48.26 22.33
C THR G 60 7.44 -47.25 23.33
N ALA G 61 7.08 -47.76 24.51
CA ALA G 61 6.59 -46.91 25.58
C ALA G 61 7.72 -45.99 26.07
N ARG G 62 7.32 -44.85 26.65
CA ARG G 62 8.30 -43.84 27.00
C ARG G 62 9.21 -44.31 28.13
N ASN G 63 8.72 -45.19 28.99
CA ASN G 63 9.54 -45.75 30.06
C ASN G 63 10.61 -46.71 29.54
N PHE G 64 10.56 -47.09 28.26
CA PHE G 64 11.50 -48.02 27.67
C PHE G 64 12.25 -47.45 26.48
N GLN G 65 12.00 -46.19 26.10
CA GLN G 65 12.51 -45.68 24.84
C GLN G 65 14.03 -45.65 24.83
N GLY G 66 14.61 -45.99 23.69
CA GLY G 66 16.05 -46.10 23.54
C GLY G 66 16.60 -47.46 23.90
N ARG G 67 16.17 -48.01 25.03
CA ARG G 67 16.71 -49.28 25.49
C ARG G 67 16.19 -50.48 24.70
N VAL G 68 15.04 -50.36 24.03
CA VAL G 68 14.37 -51.47 23.39
C VAL G 68 14.48 -51.32 21.89
N THR G 69 15.00 -52.36 21.22
CA THR G 69 15.08 -52.44 19.77
C THR G 69 14.57 -53.80 19.33
N MET G 70 13.96 -53.84 18.15
CA MET G 70 13.26 -55.01 17.66
C MET G 70 13.56 -55.18 16.18
N THR G 71 13.33 -56.40 15.67
CA THR G 71 13.34 -56.62 14.24
C THR G 71 12.44 -57.80 13.91
N ARG G 72 11.83 -57.73 12.73
CA ARG G 72 11.02 -58.81 12.17
C ARG G 72 11.81 -59.56 11.11
N ASP G 73 11.25 -60.69 10.69
CA ASP G 73 11.82 -61.46 9.58
C ASP G 73 10.74 -62.36 9.03
N THR G 74 10.26 -62.06 7.82
CA THR G 74 9.23 -62.87 7.19
C THR G 74 9.76 -64.19 6.62
N SER G 75 11.08 -64.35 6.53
CA SER G 75 11.64 -65.61 6.04
C SER G 75 11.28 -66.76 6.97
N ILE G 76 11.39 -66.55 8.27
CA ILE G 76 11.03 -67.54 9.27
C ILE G 76 9.85 -67.11 10.14
N GLY G 77 9.49 -65.83 10.15
CA GLY G 77 8.29 -65.37 10.84
C GLY G 77 8.49 -65.03 12.30
N THR G 78 9.63 -65.35 12.89
CA THR G 78 9.85 -65.24 14.32
C THR G 78 10.49 -63.90 14.64
N ALA G 79 9.72 -62.99 15.22
CA ALA G 79 10.24 -61.67 15.54
C ALA G 79 11.27 -61.77 16.67
N TYR G 80 12.01 -60.67 16.85
CA TYR G 80 13.12 -60.62 17.80
C TYR G 80 13.00 -59.38 18.68
N MET G 81 13.55 -59.51 19.89
CA MET G 81 13.67 -58.41 20.83
C MET G 81 15.15 -58.15 21.06
N GLU G 82 15.51 -56.87 21.20
CA GLU G 82 16.84 -56.46 21.62
C GLU G 82 16.69 -55.38 22.67
N LEU G 83 17.04 -55.72 23.92
CA LEU G 83 16.94 -54.80 25.04
C LEU G 83 18.35 -54.48 25.52
N ARG G 84 18.82 -53.29 25.15
CA ARG G 84 20.14 -52.83 25.54
C ARG G 84 20.11 -52.28 26.96
N SER G 85 21.27 -52.32 27.61
CA SER G 85 21.43 -51.87 29.00
C SER G 85 20.54 -52.67 29.94
N LEU G 86 20.79 -53.98 29.99
CA LEU G 86 20.04 -54.87 30.87
C LEU G 86 20.30 -54.54 32.33
N THR G 87 19.26 -54.74 33.15
CA THR G 87 19.33 -54.59 34.59
C THR G 87 18.60 -55.74 35.25
N SER G 88 19.00 -56.07 36.48
CA SER G 88 18.37 -57.18 37.19
C SER G 88 16.93 -56.89 37.57
N ASP G 89 16.52 -55.62 37.56
CA ASP G 89 15.12 -55.29 37.78
C ASP G 89 14.21 -55.85 36.68
N ASP G 90 14.78 -56.21 35.52
CA ASP G 90 14.02 -56.77 34.42
C ASP G 90 13.83 -58.29 34.57
N THR G 91 14.09 -58.86 35.74
CA THR G 91 13.93 -60.30 35.91
C THR G 91 12.43 -60.59 35.88
N ALA G 92 11.88 -60.63 34.67
CA ALA G 92 10.45 -60.61 34.45
C ALA G 92 10.09 -61.51 33.27
N ILE G 93 8.82 -61.89 33.22
CA ILE G 93 8.34 -62.73 32.14
C ILE G 93 8.11 -61.83 30.92
N TYR G 94 8.43 -62.34 29.73
CA TYR G 94 8.12 -61.66 28.47
C TYR G 94 7.08 -62.43 27.67
N TYR G 95 6.15 -61.67 27.08
CA TYR G 95 5.04 -62.13 26.27
C TYR G 95 5.10 -61.53 24.87
N CYS G 96 4.42 -62.21 23.94
CA CYS G 96 4.32 -61.79 22.54
C CYS G 96 2.92 -62.09 22.06
N THR G 97 2.25 -61.07 21.51
CA THR G 97 0.82 -61.15 21.22
C THR G 97 0.53 -60.61 19.83
N THR G 98 -0.50 -61.17 19.20
CA THR G 98 -0.99 -60.67 17.93
C THR G 98 -1.92 -59.48 18.18
N GLY G 99 -1.66 -58.37 17.50
CA GLY G 99 -2.45 -57.17 17.67
C GLY G 99 -3.73 -57.20 16.87
N GLY G 100 -4.13 -56.03 16.39
CA GLY G 100 -5.32 -55.93 15.56
C GLY G 100 -5.09 -56.44 14.16
N TRP G 101 -5.78 -55.85 13.20
CA TRP G 101 -5.66 -56.21 11.79
C TRP G 101 -5.04 -55.05 11.03
N ILE G 102 -3.99 -55.32 10.27
CA ILE G 102 -3.30 -54.30 9.51
C ILE G 102 -4.03 -54.13 8.17
N SER G 103 -4.20 -52.88 7.75
CA SER G 103 -4.87 -52.57 6.50
C SER G 103 -4.26 -51.30 5.93
N LEU G 104 -4.73 -50.92 4.74
CA LEU G 104 -4.16 -49.81 4.00
C LEU G 104 -4.90 -48.49 4.23
N TYR G 105 -5.93 -48.47 5.08
CA TYR G 105 -6.87 -47.35 5.14
C TYR G 105 -7.07 -46.76 6.52
N TYR G 106 -6.57 -47.37 7.59
CA TYR G 106 -6.71 -46.78 8.91
C TYR G 106 -5.65 -47.34 9.84
N ASP G 107 -5.02 -46.46 10.61
CA ASP G 107 -3.98 -46.86 11.55
C ASP G 107 -4.56 -47.83 12.55
N SER G 108 -4.01 -49.05 12.57
CA SER G 108 -4.52 -50.15 13.40
C SER G 108 -3.51 -50.58 14.45
N SER G 109 -2.63 -49.67 14.88
CA SER G 109 -1.54 -50.06 15.77
C SER G 109 -1.98 -50.10 17.23
N TYR G 110 -2.60 -49.03 17.71
CA TYR G 110 -2.90 -48.89 19.13
C TYR G 110 -4.15 -49.62 19.59
N TYR G 111 -4.86 -50.30 18.70
CA TYR G 111 -6.03 -51.07 19.09
C TYR G 111 -5.64 -52.18 20.07
N PRO G 112 -5.96 -52.08 21.38
CA PRO G 112 -5.43 -53.06 22.35
C PRO G 112 -6.31 -54.29 22.51
N ASN G 113 -6.19 -55.21 21.55
CA ASN G 113 -6.92 -56.47 21.56
C ASN G 113 -6.08 -57.58 22.16
N PHE G 114 -4.90 -57.83 21.57
CA PHE G 114 -3.91 -58.81 22.04
C PHE G 114 -4.58 -60.19 22.21
N ASP G 115 -5.14 -60.69 21.10
CA ASP G 115 -6.07 -61.82 21.17
C ASP G 115 -5.37 -63.09 21.64
N HIS G 116 -4.25 -63.44 21.01
CA HIS G 116 -3.56 -64.71 21.24
C HIS G 116 -2.21 -64.44 21.90
N TRP G 117 -1.77 -65.40 22.73
CA TRP G 117 -0.69 -65.19 23.69
C TRP G 117 0.48 -66.15 23.45
N GLY G 118 1.60 -65.84 24.12
CA GLY G 118 2.68 -66.79 24.32
C GLY G 118 2.71 -67.28 25.77
N GLN G 119 3.60 -68.23 26.02
CA GLN G 119 3.55 -69.05 27.23
C GLN G 119 4.52 -68.61 28.32
N GLY G 120 5.12 -67.42 28.20
CA GLY G 120 5.91 -66.83 29.25
C GLY G 120 7.30 -67.46 29.35
N THR G 121 8.30 -66.60 29.28
CA THR G 121 9.70 -66.99 29.29
C THR G 121 10.35 -66.38 30.51
N LEU G 122 11.02 -67.23 31.29
CA LEU G 122 11.47 -66.86 32.63
C LEU G 122 12.91 -66.33 32.54
N LEU G 123 13.01 -65.17 31.89
CA LEU G 123 14.28 -64.48 31.78
C LEU G 123 14.73 -63.99 33.14
N THR G 124 15.95 -64.33 33.53
CA THR G 124 16.56 -63.90 34.78
C THR G 124 17.91 -63.28 34.46
N VAL G 125 18.15 -62.08 34.98
CA VAL G 125 19.34 -61.30 34.68
C VAL G 125 20.00 -60.94 35.99
N SER G 126 21.20 -61.47 36.21
CA SER G 126 21.96 -61.19 37.43
C SER G 126 23.40 -61.70 37.29
N SER H 2 2.31 -48.63 36.91
CA SER H 2 2.13 -48.52 35.44
C SER H 2 0.91 -47.65 35.10
N ALA H 3 0.63 -46.68 35.97
CA ALA H 3 -0.54 -45.82 35.84
C ALA H 3 -1.83 -46.64 35.85
N LEU H 4 -2.97 -45.99 35.58
CA LEU H 4 -4.27 -46.65 35.55
C LEU H 4 -4.57 -47.33 36.90
N THR H 5 -4.72 -46.48 37.92
CA THR H 5 -5.11 -46.96 39.25
C THR H 5 -6.41 -47.75 39.17
N GLN H 6 -6.48 -48.84 39.91
CA GLN H 6 -7.53 -49.83 39.79
C GLN H 6 -7.83 -50.37 41.17
N PRO H 7 -9.05 -50.90 41.41
CA PRO H 7 -9.30 -51.52 42.72
C PRO H 7 -8.57 -52.84 42.88
N ALA H 8 -7.31 -52.76 43.32
CA ALA H 8 -6.34 -53.84 43.22
C ALA H 8 -6.75 -55.12 43.95
N SER H 9 -7.82 -55.12 44.75
CA SER H 9 -8.33 -56.37 45.31
C SER H 9 -9.76 -56.16 45.75
N VAL H 10 -10.66 -56.97 45.21
CA VAL H 10 -12.06 -57.03 45.62
C VAL H 10 -12.39 -58.49 45.88
N SER H 11 -13.33 -58.72 46.79
CA SER H 11 -13.67 -60.08 47.23
C SER H 11 -15.18 -60.27 47.27
N GLY H 12 -15.59 -61.53 47.40
CA GLY H 12 -16.99 -61.87 47.44
C GLY H 12 -17.28 -63.33 47.67
N SER H 13 -18.24 -63.85 46.92
CA SER H 13 -18.82 -65.16 47.12
C SER H 13 -19.53 -65.54 45.83
N PRO H 14 -19.94 -66.80 45.66
CA PRO H 14 -20.69 -67.14 44.45
C PRO H 14 -22.11 -66.59 44.47
N GLY H 15 -22.52 -66.02 43.33
CA GLY H 15 -23.89 -65.57 43.13
C GLY H 15 -24.10 -64.07 43.12
N GLN H 16 -23.04 -63.27 43.29
CA GLN H 16 -23.12 -61.81 43.30
C GLN H 16 -22.55 -61.23 42.01
N SER H 17 -22.77 -59.91 41.86
CA SER H 17 -22.27 -59.13 40.73
C SER H 17 -21.43 -57.97 41.27
N ILE H 18 -20.29 -57.73 40.63
CA ILE H 18 -19.33 -56.72 41.08
C ILE H 18 -18.93 -55.87 39.86
N THR H 19 -18.69 -54.59 40.11
CA THR H 19 -18.21 -53.64 39.11
C THR H 19 -16.74 -53.35 39.42
N ILE H 20 -15.83 -53.85 38.57
CA ILE H 20 -14.41 -53.56 38.65
C ILE H 20 -14.13 -52.40 37.71
N SER H 21 -13.43 -51.38 38.21
CA SER H 21 -13.25 -50.12 37.51
C SER H 21 -11.85 -50.04 36.88
N CYS H 22 -11.59 -48.93 36.19
CA CYS H 22 -10.33 -48.68 35.50
C CYS H 22 -10.20 -47.17 35.36
N THR H 23 -9.50 -46.53 36.29
CA THR H 23 -9.46 -45.08 36.39
C THR H 23 -8.22 -44.55 35.68
N GLY H 24 -8.43 -43.64 34.72
CA GLY H 24 -7.35 -43.08 33.93
C GLY H 24 -7.42 -41.57 33.81
N THR H 25 -6.58 -41.02 32.94
CA THR H 25 -6.49 -39.58 32.73
C THR H 25 -7.55 -39.14 31.71
N LYS H 26 -7.51 -37.87 31.31
CA LYS H 26 -8.44 -37.39 30.30
C LYS H 26 -8.13 -38.03 28.94
N TYR H 27 -6.88 -38.41 28.71
CA TYR H 27 -6.44 -38.87 27.39
C TYR H 27 -6.69 -40.35 27.17
N ASP H 28 -6.14 -41.20 28.04
CA ASP H 28 -6.09 -42.64 27.76
C ASP H 28 -7.48 -43.23 27.58
N VAL H 29 -8.33 -43.19 28.61
CA VAL H 29 -9.66 -43.77 28.50
C VAL H 29 -10.64 -42.80 27.84
N GLY H 30 -10.37 -41.49 27.89
CA GLY H 30 -11.32 -40.51 27.40
C GLY H 30 -11.22 -40.18 25.93
N SER H 31 -10.06 -40.43 25.32
CA SER H 31 -9.88 -40.04 23.91
C SER H 31 -10.80 -40.82 22.99
N HIS H 32 -10.79 -42.14 23.09
CA HIS H 32 -11.58 -43.02 22.24
C HIS H 32 -12.23 -44.09 23.12
N ASP H 33 -12.96 -45.00 22.48
CA ASP H 33 -13.75 -46.03 23.17
C ASP H 33 -13.07 -47.39 23.13
N LEU H 34 -11.75 -47.42 23.29
CA LEU H 34 -10.95 -48.65 23.20
C LEU H 34 -10.48 -49.05 24.59
N VAL H 35 -11.07 -50.13 25.12
CA VAL H 35 -10.64 -50.73 26.39
C VAL H 35 -10.78 -52.25 26.26
N SER H 36 -10.00 -52.98 27.05
CA SER H 36 -10.08 -54.44 27.07
C SER H 36 -9.61 -54.95 28.42
N TRP H 37 -10.20 -56.06 28.86
CA TRP H 37 -9.93 -56.69 30.15
C TRP H 37 -9.41 -58.11 29.92
N TYR H 38 -8.40 -58.51 30.68
CA TYR H 38 -7.67 -59.75 30.45
C TYR H 38 -7.62 -60.53 31.75
N GLN H 39 -7.94 -61.82 31.70
CA GLN H 39 -8.05 -62.66 32.88
C GLN H 39 -6.80 -63.53 33.02
N GLN H 40 -6.14 -63.44 34.17
CA GLN H 40 -4.96 -64.23 34.50
C GLN H 40 -5.31 -65.18 35.62
N TYR H 41 -5.13 -66.49 35.38
CA TYR H 41 -5.17 -67.45 36.47
C TYR H 41 -3.87 -67.35 37.25
N PRO H 42 -3.85 -67.83 38.52
CA PRO H 42 -2.69 -67.56 39.38
C PRO H 42 -1.38 -68.13 38.85
N GLY H 43 -0.46 -67.25 38.49
CA GLY H 43 0.85 -67.66 38.00
C GLY H 43 0.88 -68.13 36.56
N LYS H 44 -0.18 -67.92 35.80
CA LYS H 44 -0.32 -68.43 34.44
C LYS H 44 -0.29 -67.27 33.45
N VAL H 45 -0.50 -67.60 32.18
CA VAL H 45 -0.56 -66.62 31.10
C VAL H 45 -2.01 -66.19 30.94
N PRO H 46 -2.33 -64.88 30.87
CA PRO H 46 -3.74 -64.50 30.77
C PRO H 46 -4.38 -64.84 29.43
N LYS H 47 -5.69 -64.59 29.34
CA LYS H 47 -6.47 -64.80 28.14
C LYS H 47 -7.43 -63.62 28.03
N TYR H 48 -8.48 -63.76 27.23
CA TYR H 48 -9.14 -62.62 26.63
C TYR H 48 -10.65 -62.71 26.80
N MET H 49 -11.30 -61.58 27.11
CA MET H 49 -12.77 -61.56 27.23
C MET H 49 -13.49 -60.39 26.56
N ILE H 50 -12.86 -59.25 26.24
CA ILE H 50 -13.62 -58.05 25.86
C ILE H 50 -12.86 -57.26 24.81
N TYR H 51 -13.61 -56.75 23.82
CA TYR H 51 -13.17 -55.65 22.97
C TYR H 51 -14.23 -54.55 22.99
N GLU H 52 -13.77 -53.33 22.72
CA GLU H 52 -14.63 -52.15 22.60
C GLU H 52 -15.47 -51.96 23.86
N VAL H 53 -14.85 -52.21 25.01
CA VAL H 53 -15.45 -51.97 26.32
C VAL H 53 -16.58 -52.95 26.62
N ASN H 54 -17.63 -52.95 25.80
CA ASN H 54 -18.88 -53.64 26.11
C ASN H 54 -19.27 -54.62 25.00
N LYS H 55 -18.31 -55.39 24.50
CA LYS H 55 -18.60 -56.48 23.57
C LYS H 55 -17.68 -57.65 23.88
N ARG H 56 -17.98 -58.81 23.30
CA ARG H 56 -17.35 -60.08 23.63
C ARG H 56 -16.82 -60.78 22.39
N PRO H 57 -15.79 -61.64 22.55
CA PRO H 57 -15.32 -62.45 21.41
C PRO H 57 -16.06 -63.77 21.33
N SER H 58 -15.61 -64.66 20.45
CA SER H 58 -15.99 -66.05 20.53
C SER H 58 -15.41 -66.68 21.79
N GLY H 59 -16.20 -67.53 22.44
CA GLY H 59 -15.72 -68.29 23.58
C GLY H 59 -15.80 -67.60 24.92
N VAL H 60 -16.68 -66.60 25.08
CA VAL H 60 -16.86 -65.89 26.34
C VAL H 60 -18.36 -65.81 26.62
N SER H 61 -18.72 -66.00 27.90
CA SER H 61 -20.12 -66.02 28.30
C SER H 61 -20.70 -64.61 28.33
N ASN H 62 -21.99 -64.53 28.62
CA ASN H 62 -22.66 -63.25 28.81
C ASN H 62 -22.20 -62.54 30.09
N ARG H 63 -21.61 -63.28 31.03
CA ARG H 63 -21.31 -62.72 32.35
C ARG H 63 -20.29 -61.59 32.26
N PHE H 64 -19.28 -61.74 31.41
CA PHE H 64 -18.14 -60.82 31.38
C PHE H 64 -18.49 -59.53 30.65
N SER H 65 -19.44 -58.80 31.22
CA SER H 65 -19.96 -57.59 30.59
C SER H 65 -19.03 -56.41 30.90
N GLY H 66 -19.43 -55.21 30.47
CA GLY H 66 -18.65 -54.01 30.75
C GLY H 66 -19.35 -52.80 30.16
N SER H 67 -18.80 -51.64 30.47
CA SER H 67 -19.34 -50.38 29.96
C SER H 67 -18.36 -49.26 30.28
N LYS H 68 -18.46 -48.18 29.50
CA LYS H 68 -17.68 -46.98 29.71
C LYS H 68 -18.46 -45.99 30.57
N SER H 69 -17.73 -45.23 31.39
CA SER H 69 -18.31 -44.23 32.28
C SER H 69 -17.52 -42.93 32.20
N GLY H 70 -17.23 -42.48 30.97
CA GLY H 70 -16.52 -41.24 30.78
C GLY H 70 -15.03 -41.38 30.99
N ASN H 71 -14.52 -40.86 32.11
CA ASN H 71 -13.11 -40.95 32.45
C ASN H 71 -12.80 -42.22 33.25
N THR H 72 -13.60 -43.27 33.08
CA THR H 72 -13.36 -44.53 33.77
C THR H 72 -14.19 -45.61 33.09
N ALA H 73 -13.53 -46.68 32.66
CA ALA H 73 -14.18 -47.85 32.12
C ALA H 73 -14.22 -48.92 33.20
N SER H 74 -15.30 -49.71 33.21
CA SER H 74 -15.54 -50.64 34.31
C SER H 74 -16.11 -51.95 33.77
N LEU H 75 -15.39 -53.04 34.02
CA LEU H 75 -15.93 -54.38 33.82
C LEU H 75 -17.02 -54.62 34.86
N THR H 76 -18.01 -55.41 34.45
CA THR H 76 -19.16 -55.75 35.31
C THR H 76 -19.29 -57.27 35.32
N ILE H 77 -18.57 -57.91 36.24
CA ILE H 77 -18.66 -59.36 36.40
C ILE H 77 -19.99 -59.65 37.09
N SER H 78 -20.89 -60.33 36.37
CA SER H 78 -22.24 -60.63 36.85
C SER H 78 -22.40 -62.14 36.94
N GLY H 79 -23.14 -62.59 37.96
CA GLY H 79 -23.27 -64.00 38.21
C GLY H 79 -21.95 -64.63 38.57
N LEU H 80 -21.21 -63.97 39.47
CA LEU H 80 -19.89 -64.44 39.85
C LEU H 80 -19.97 -65.79 40.56
N ARG H 81 -19.01 -66.66 40.26
CA ARG H 81 -18.90 -67.98 40.86
C ARG H 81 -17.42 -68.28 41.09
N ALA H 82 -17.13 -69.53 41.48
CA ALA H 82 -15.76 -69.92 41.80
C ALA H 82 -14.83 -69.84 40.60
N GLU H 83 -15.37 -69.85 39.37
CA GLU H 83 -14.52 -69.74 38.19
C GLU H 83 -13.77 -68.41 38.12
N ASP H 84 -14.28 -67.38 38.77
CA ASP H 84 -13.72 -66.04 38.71
C ASP H 84 -12.56 -65.80 39.67
N GLU H 85 -11.93 -66.86 40.18
CA GLU H 85 -10.70 -66.73 40.97
C GLU H 85 -9.56 -66.44 40.00
N ALA H 86 -9.23 -65.17 39.83
CA ALA H 86 -8.24 -64.75 38.85
C ALA H 86 -7.99 -63.26 39.05
N ASP H 87 -7.12 -62.70 38.22
CA ASP H 87 -6.82 -61.28 38.18
C ASP H 87 -7.19 -60.73 36.82
N TYR H 88 -7.93 -59.61 36.81
CA TYR H 88 -8.51 -59.04 35.60
C TYR H 88 -7.78 -57.74 35.28
N TYR H 89 -6.98 -57.76 34.21
CA TYR H 89 -6.13 -56.63 33.86
C TYR H 89 -6.78 -55.75 32.81
N CYS H 90 -7.01 -54.49 33.17
CA CYS H 90 -7.52 -53.48 32.25
C CYS H 90 -6.40 -52.97 31.36
N CYS H 91 -6.67 -52.87 30.06
CA CYS H 91 -5.79 -52.23 29.10
C CYS H 91 -6.63 -51.37 28.17
N SER H 92 -6.04 -50.28 27.70
CA SER H 92 -6.80 -49.32 26.91
C SER H 92 -5.83 -48.49 26.08
N PHE H 93 -6.41 -47.73 25.14
CA PHE H 93 -5.64 -46.72 24.42
C PHE H 93 -5.04 -45.73 25.41
N GLY H 94 -3.78 -45.36 25.17
CA GLY H 94 -3.01 -44.57 26.12
C GLY H 94 -2.48 -43.27 25.57
N GLY H 95 -3.21 -42.65 24.65
CA GLY H 95 -2.76 -41.41 24.06
C GLY H 95 -1.61 -41.62 23.10
N SER H 96 -1.30 -40.60 22.28
CA SER H 96 -0.24 -40.68 21.29
C SER H 96 -0.44 -41.91 20.40
N ALA H 97 0.44 -42.91 20.48
CA ALA H 97 0.21 -44.20 19.83
C ALA H 97 0.70 -45.32 20.72
N THR H 98 0.46 -45.20 22.02
CA THR H 98 0.92 -46.17 23.02
C THR H 98 -0.25 -46.75 23.78
N VAL H 99 -0.21 -48.07 23.99
CA VAL H 99 -1.18 -48.77 24.80
C VAL H 99 -0.62 -48.86 26.22
N VAL H 100 -1.46 -48.54 27.20
CA VAL H 100 -1.10 -48.64 28.61
C VAL H 100 -1.90 -49.77 29.23
N CYS H 101 -1.41 -50.25 30.37
CA CYS H 101 -1.98 -51.40 31.06
C CYS H 101 -2.21 -51.07 32.53
N GLY H 102 -3.29 -51.59 33.08
CA GLY H 102 -3.66 -51.29 34.44
C GLY H 102 -2.81 -52.02 35.45
N GLY H 103 -3.00 -51.64 36.71
CA GLY H 103 -2.27 -52.23 37.81
C GLY H 103 -2.77 -53.58 38.28
N GLY H 104 -3.85 -54.09 37.69
CA GLY H 104 -4.37 -55.39 38.06
C GLY H 104 -5.32 -55.32 39.24
N THR H 105 -6.12 -56.38 39.37
CA THR H 105 -7.01 -56.52 40.53
C THR H 105 -7.41 -57.97 40.63
N LYS H 106 -7.23 -58.56 41.81
CA LYS H 106 -7.64 -59.93 42.04
C LYS H 106 -9.09 -59.98 42.49
N VAL H 107 -9.76 -61.09 42.16
CA VAL H 107 -11.12 -61.37 42.60
C VAL H 107 -11.09 -62.70 43.33
N THR H 108 -11.37 -62.67 44.62
CA THR H 108 -11.30 -63.84 45.49
C THR H 108 -12.70 -64.35 45.77
N VAL H 109 -12.93 -65.63 45.48
CA VAL H 109 -14.23 -66.26 45.67
C VAL H 109 -14.08 -67.25 46.83
N LEU H 110 -14.78 -66.98 47.92
CA LEU H 110 -14.66 -67.79 49.12
C LEU H 110 -15.69 -68.91 49.12
N ALA I 1 -62.49 20.08 15.40
CA ALA I 1 -62.98 20.52 14.06
C ALA I 1 -63.97 19.51 13.49
N GLU I 2 -64.72 19.93 12.46
CA GLU I 2 -65.75 19.08 11.89
C GLU I 2 -65.13 17.92 11.11
N ASN I 3 -64.38 18.24 10.05
CA ASN I 3 -63.70 17.23 9.25
C ASN I 3 -62.40 17.83 8.74
N LEU I 4 -61.29 17.13 9.00
CA LEU I 4 -59.96 17.59 8.65
C LEU I 4 -59.33 16.66 7.63
N TRP I 5 -58.15 17.05 7.15
CA TRP I 5 -57.46 16.32 6.08
C TRP I 5 -55.96 16.36 6.35
N VAL I 6 -55.27 15.34 5.84
CA VAL I 6 -53.83 15.23 6.04
C VAL I 6 -53.13 16.38 5.33
N THR I 7 -52.10 16.93 5.97
CA THR I 7 -51.24 17.96 5.39
C THR I 7 -49.79 17.56 5.61
N VAL I 8 -48.95 17.86 4.62
CA VAL I 8 -47.56 17.42 4.61
C VAL I 8 -46.68 18.66 4.72
N TYR I 9 -45.88 18.73 5.79
CA TYR I 9 -44.91 19.79 6.00
C TYR I 9 -43.51 19.23 5.83
N TYR I 10 -42.70 19.90 5.02
CA TYR I 10 -41.30 19.57 4.84
C TYR I 10 -40.44 20.65 5.48
N GLY I 11 -39.37 20.22 6.15
CA GLY I 11 -38.55 21.13 6.93
C GLY I 11 -38.95 21.24 8.39
N VAL I 12 -39.63 20.23 8.93
CA VAL I 12 -40.03 20.22 10.33
C VAL I 12 -38.80 19.99 11.22
N PRO I 13 -38.69 20.63 12.40
CA PRO I 13 -37.54 20.34 13.30
C PRO I 13 -37.76 19.17 14.27
N VAL I 14 -37.54 17.95 13.77
CA VAL I 14 -37.58 16.74 14.57
C VAL I 14 -36.31 15.96 14.33
N TRP I 15 -35.93 15.12 15.31
CA TRP I 15 -34.66 14.41 15.23
C TRP I 15 -34.80 13.02 15.85
N LYS I 16 -33.84 12.16 15.51
CA LYS I 16 -33.67 10.85 16.12
C LYS I 16 -32.20 10.68 16.46
N GLU I 17 -31.91 10.36 17.73
CA GLU I 17 -30.53 10.15 18.15
C GLU I 17 -29.99 8.89 17.48
N ALA I 18 -28.96 9.06 16.66
CA ALA I 18 -28.53 8.02 15.72
C ALA I 18 -27.01 7.91 15.74
N LYS I 19 -26.47 7.21 14.74
CA LYS I 19 -25.05 6.94 14.61
C LYS I 19 -24.57 7.52 13.28
N THR I 20 -23.29 7.88 13.21
CA THR I 20 -22.70 8.36 11.96
C THR I 20 -21.19 8.47 12.15
N THR I 21 -20.52 8.91 11.08
CA THR I 21 -19.09 9.18 11.09
C THR I 21 -18.88 10.69 11.00
N LEU I 22 -18.15 11.24 11.97
CA LEU I 22 -17.91 12.68 12.06
C LEU I 22 -16.52 13.01 11.54
N PHE I 23 -16.41 14.17 10.90
CA PHE I 23 -15.13 14.63 10.39
C PHE I 23 -14.26 15.14 11.53
N CYS I 24 -13.00 15.44 11.20
CA CYS I 24 -12.08 16.12 12.09
C CYS I 24 -11.62 17.42 11.44
N ALA I 25 -11.58 18.49 12.22
CA ALA I 25 -11.18 19.80 11.74
C ALA I 25 -10.05 20.32 12.63
N SER I 26 -8.92 20.65 12.01
CA SER I 26 -7.78 21.18 12.74
C SER I 26 -8.00 22.66 13.04
N ASP I 27 -7.06 23.24 13.81
CA ASP I 27 -7.14 24.64 14.22
C ASP I 27 -5.77 25.30 14.12
N ALA I 28 -5.06 25.03 13.02
CA ALA I 28 -3.70 25.54 12.83
C ALA I 28 -3.72 26.92 12.19
N ARG I 29 -2.55 27.57 12.20
CA ARG I 29 -2.39 28.94 11.72
C ARG I 29 -1.21 29.13 10.78
N ALA I 30 -0.47 28.09 10.45
CA ALA I 30 0.76 28.24 9.66
C ALA I 30 1.05 26.90 8.97
N TYR I 31 2.28 26.74 8.48
CA TYR I 31 2.69 25.50 7.84
C TYR I 31 2.81 24.34 8.81
N GLU I 32 2.60 24.58 10.11
CA GLU I 32 2.41 23.48 11.07
C GLU I 32 1.26 22.57 10.64
N LYS I 33 0.26 23.13 9.95
CA LYS I 33 -0.82 22.32 9.40
C LYS I 33 -0.33 21.31 8.37
N GLU I 34 0.82 21.56 7.74
CA GLU I 34 1.42 20.64 6.78
C GLU I 34 2.65 19.92 7.30
N VAL I 35 3.40 20.51 8.23
CA VAL I 35 4.32 19.71 9.02
C VAL I 35 3.50 18.66 9.75
N HIS I 36 3.94 17.40 9.68
CA HIS I 36 3.15 16.32 10.22
C HIS I 36 3.06 16.48 11.73
N ASN I 37 1.92 17.00 12.19
CA ASN I 37 1.52 16.95 13.59
C ASN I 37 0.66 15.73 13.88
N VAL I 38 0.89 14.63 13.16
CA VAL I 38 0.16 13.37 13.24
C VAL I 38 -1.25 13.62 12.69
N TRP I 39 -2.03 14.47 13.33
CA TRP I 39 -3.40 14.79 12.94
C TRP I 39 -3.47 16.05 12.08
N ALA I 40 -2.51 16.25 11.18
CA ALA I 40 -2.39 17.49 10.42
C ALA I 40 -3.41 17.52 9.29
N THR I 41 -3.21 18.45 8.35
CA THR I 41 -4.11 18.60 7.20
C THR I 41 -4.16 17.35 6.33
N HIS I 42 -3.16 16.48 6.45
CA HIS I 42 -3.15 15.22 5.69
C HIS I 42 -4.29 14.29 6.07
N ALA I 43 -4.99 14.54 7.19
CA ALA I 43 -6.11 13.70 7.59
C ALA I 43 -7.31 14.48 8.11
N CYS I 44 -7.32 15.81 8.02
CA CYS I 44 -8.39 16.62 8.58
C CYS I 44 -8.57 17.89 7.77
N VAL I 45 -9.71 18.54 7.98
CA VAL I 45 -10.06 19.81 7.35
C VAL I 45 -9.02 20.84 7.80
N PRO I 46 -8.63 21.83 6.96
CA PRO I 46 -7.49 22.69 7.34
C PRO I 46 -7.67 23.49 8.63
N THR I 47 -8.66 24.39 8.70
CA THR I 47 -8.79 25.27 9.85
C THR I 47 -10.08 26.07 9.72
N ASP I 48 -10.27 27.01 10.65
CA ASP I 48 -11.36 27.98 10.67
C ASP I 48 -12.74 27.34 10.68
N PRO I 49 -13.16 26.72 11.77
CA PRO I 49 -14.58 26.35 11.90
C PRO I 49 -15.41 27.56 12.33
N SER I 50 -16.72 27.39 12.22
CA SER I 50 -17.66 28.45 12.59
C SER I 50 -17.81 28.53 14.11
N PRO I 51 -18.33 29.66 14.64
CA PRO I 51 -18.63 29.72 16.08
C PRO I 51 -19.78 28.80 16.46
N GLN I 52 -20.12 28.75 17.75
CA GLN I 52 -21.13 27.85 18.29
C GLN I 52 -22.24 28.67 18.95
N GLU I 53 -23.49 28.43 18.54
CA GLU I 53 -24.57 29.35 18.88
C GLU I 53 -25.92 28.61 18.76
N LEU I 54 -27.01 29.38 18.74
CA LEU I 54 -28.41 28.90 18.65
C LEU I 54 -28.80 28.05 19.87
N PHE I 55 -28.91 28.73 21.01
CA PHE I 55 -29.56 28.12 22.18
C PHE I 55 -31.02 27.81 21.84
N LEU I 56 -31.51 26.69 22.39
CA LEU I 56 -32.87 26.21 22.15
C LEU I 56 -33.69 26.27 23.44
N GLU I 57 -34.97 26.63 23.30
CA GLU I 57 -35.87 26.81 24.44
C GLU I 57 -36.70 25.56 24.68
N ASN I 58 -36.90 25.23 25.96
CA ASN I 58 -37.87 24.24 26.42
C ASN I 58 -37.56 22.81 25.96
N VAL I 59 -36.36 22.56 25.45
CA VAL I 59 -36.02 21.23 24.93
C VAL I 59 -35.57 20.35 26.08
N THR I 60 -35.78 19.04 25.95
CA THR I 60 -35.27 18.08 26.92
C THR I 60 -35.01 16.75 26.21
N GLU I 61 -33.89 16.12 26.57
CA GLU I 61 -33.53 14.84 25.99
C GLU I 61 -32.57 14.14 26.95
N ASN I 62 -32.55 12.81 26.90
CA ASN I 62 -31.74 12.02 27.81
C ASN I 62 -30.36 11.81 27.21
N PHE I 63 -29.35 12.42 27.82
CA PHE I 63 -27.95 12.20 27.43
C PHE I 63 -27.43 10.91 28.04
N ASN I 64 -26.22 10.54 27.64
CA ASN I 64 -25.44 9.48 28.28
C ASN I 64 -24.03 9.52 27.73
N MET I 65 -23.04 9.29 28.61
CA MET I 65 -21.64 9.24 28.21
C MET I 65 -21.08 7.83 28.12
N TRP I 66 -21.54 6.90 28.95
CA TRP I 66 -20.90 5.60 29.02
C TRP I 66 -21.31 4.65 27.91
N LYS I 67 -22.24 5.05 27.04
CA LYS I 67 -22.53 4.33 25.80
C LYS I 67 -22.57 5.30 24.63
N ASN I 68 -21.66 6.28 24.64
CA ASN I 68 -21.60 7.29 23.60
C ASN I 68 -20.90 6.77 22.36
N ASP I 69 -21.17 7.42 21.22
CA ASP I 69 -20.48 7.13 19.98
C ASP I 69 -19.12 7.78 19.84
N MET I 70 -19.02 9.07 20.17
CA MET I 70 -17.87 9.86 19.73
C MET I 70 -16.55 9.32 20.28
N VAL I 71 -16.59 8.63 21.42
CA VAL I 71 -15.37 8.10 21.99
C VAL I 71 -14.83 6.94 21.16
N ASP I 72 -15.71 6.03 20.71
CA ASP I 72 -15.21 4.90 19.93
C ASP I 72 -14.68 5.35 18.57
N GLN I 73 -15.38 6.28 17.92
CA GLN I 73 -14.88 6.79 16.64
C GLN I 73 -13.58 7.53 16.83
N MET I 74 -13.45 8.32 17.91
CA MET I 74 -12.17 8.98 18.16
C MET I 74 -11.07 7.97 18.39
N HIS I 75 -11.35 6.89 19.12
CA HIS I 75 -10.30 5.91 19.38
C HIS I 75 -9.87 5.23 18.10
N GLU I 76 -10.82 4.80 17.26
CA GLU I 76 -10.43 4.17 16.00
C GLU I 76 -9.68 5.14 15.11
N ASP I 77 -10.10 6.42 15.09
CA ASP I 77 -9.36 7.43 14.34
C ASP I 77 -7.93 7.53 14.81
N ILE I 78 -7.73 7.58 16.14
CA ILE I 78 -6.39 7.72 16.68
C ILE I 78 -5.53 6.53 16.29
N ILE I 79 -6.07 5.31 16.47
CA ILE I 79 -5.28 4.11 16.17
C ILE I 79 -4.91 4.08 14.68
N SER I 80 -5.90 4.25 13.81
CA SER I 80 -5.64 4.14 12.38
C SER I 80 -4.69 5.24 11.90
N LEU I 81 -4.93 6.48 12.33
CA LEU I 81 -4.11 7.59 11.88
C LEU I 81 -2.68 7.46 12.38
N TRP I 82 -2.50 7.07 13.65
CA TRP I 82 -1.16 6.88 14.19
C TRP I 82 -0.42 5.78 13.44
N ASP I 83 -1.09 4.66 13.20
CA ASP I 83 -0.46 3.56 12.47
C ASP I 83 -0.06 3.99 11.07
N GLN I 84 -0.96 4.69 10.37
CA GLN I 84 -0.63 5.19 9.04
C GLN I 84 0.55 6.15 9.09
N SER I 85 0.67 6.93 10.17
CA SER I 85 1.82 7.82 10.30
C SER I 85 3.12 7.04 10.44
N LEU I 86 3.10 5.94 11.18
CA LEU I 86 4.35 5.22 11.46
C LEU I 86 4.84 4.34 10.32
N LYS I 87 3.99 3.99 9.35
CA LYS I 87 4.43 3.06 8.31
C LYS I 87 5.55 3.58 7.43
N PRO I 88 5.51 4.81 6.87
CA PRO I 88 6.49 5.16 5.82
C PRO I 88 7.86 5.59 6.34
N CYS I 89 8.42 4.81 7.28
CA CYS I 89 9.77 4.99 7.78
C CYS I 89 10.23 3.64 8.33
N VAL I 90 11.50 3.58 8.72
CA VAL I 90 12.08 2.35 9.29
C VAL I 90 11.22 1.87 10.44
N LYS I 91 11.09 0.54 10.62
CA LYS I 91 11.77 -0.70 10.20
C LYS I 91 13.23 -0.77 10.65
N LEU I 92 13.43 -0.88 11.97
CA LEU I 92 14.74 -1.06 12.58
C LEU I 92 15.11 -2.53 12.75
N THR I 93 14.66 -3.40 11.85
CA THR I 93 15.00 -4.81 11.95
C THR I 93 16.51 -5.13 11.95
N PRO I 94 17.41 -4.34 11.37
CA PRO I 94 18.83 -4.72 11.45
C PRO I 94 19.39 -4.73 12.86
N LEU I 95 18.75 -4.07 13.81
CA LEU I 95 19.34 -3.90 15.15
C LEU I 95 19.11 -5.11 16.06
N CYS I 96 18.40 -6.14 15.61
CA CYS I 96 18.28 -7.38 16.40
C CYS I 96 19.60 -8.16 16.29
N VAL I 97 20.63 -7.61 16.92
CA VAL I 97 21.98 -8.11 16.88
C VAL I 97 22.50 -8.23 18.30
N THR I 98 23.44 -9.15 18.52
CA THR I 98 23.95 -9.40 19.86
C THR I 98 24.67 -8.16 20.37
N LEU I 99 24.05 -7.47 21.32
CA LEU I 99 24.60 -6.26 21.90
C LEU I 99 25.49 -6.63 23.09
N ILE I 100 26.75 -6.23 23.04
CA ILE I 100 27.69 -6.41 24.14
C ILE I 100 27.69 -5.14 24.96
N CYS I 101 27.27 -5.23 26.22
CA CYS I 101 27.08 -4.06 27.08
C CYS I 101 27.84 -4.24 28.38
N SER I 102 28.17 -3.11 28.99
CA SER I 102 28.89 -3.10 30.27
C SER I 102 28.60 -1.77 30.95
N ASN I 103 28.09 -1.85 32.18
CA ASN I 103 27.74 -0.64 32.92
C ASN I 103 28.96 0.24 33.19
N MET I 128 24.09 5.83 37.27
CA MET I 128 24.50 5.35 35.96
C MET I 128 23.96 3.95 35.68
N GLY I 129 23.41 3.28 36.69
CA GLY I 129 22.86 1.96 36.50
C GLY I 129 21.70 1.92 35.51
N GLU I 130 21.05 3.07 35.28
CA GLU I 130 19.94 3.10 34.33
C GLU I 130 20.42 2.97 32.89
N MET I 131 21.56 3.58 32.54
CA MET I 131 22.08 3.55 31.17
C MET I 131 23.21 2.53 31.10
N LYS I 132 23.10 1.59 30.17
CA LYS I 132 24.17 0.64 29.87
C LYS I 132 24.82 1.00 28.54
N ASN I 133 26.15 1.01 28.53
CA ASN I 133 26.91 1.32 27.32
C ASN I 133 27.03 0.06 26.49
N CYS I 134 26.33 0.03 25.35
CA CYS I 134 26.28 -1.13 24.47
C CYS I 134 27.02 -0.84 23.16
N SER I 135 27.67 -1.87 22.64
CA SER I 135 28.37 -1.82 21.36
C SER I 135 27.97 -3.01 20.52
N PHE I 136 27.97 -2.83 19.20
CA PHE I 136 27.46 -3.87 18.30
C PHE I 136 28.06 -3.67 16.92
N ASN I 137 28.03 -4.76 16.14
CA ASN I 137 28.43 -4.72 14.74
C ASN I 137 27.24 -4.32 13.88
N THR I 138 27.50 -3.46 12.90
CA THR I 138 26.45 -3.00 12.00
C THR I 138 27.05 -2.75 10.62
N THR I 139 26.16 -2.72 9.63
CA THR I 139 26.59 -2.52 8.25
C THR I 139 26.80 -1.05 7.95
N THR I 140 27.80 -0.78 7.10
CA THR I 140 27.95 0.54 6.50
C THR I 140 27.10 0.59 5.24
N GLU I 141 27.30 1.60 4.38
CA GLU I 141 26.49 1.69 3.17
C GLU I 141 26.74 0.51 2.24
N ILE I 142 27.93 -0.08 2.28
CA ILE I 142 28.23 -1.28 1.52
C ILE I 142 27.81 -2.44 2.43
N ARG I 143 26.92 -3.30 1.94
CA ARG I 143 26.45 -4.38 2.81
C ARG I 143 27.52 -5.43 3.09
N ASP I 144 28.52 -5.56 2.22
CA ASP I 144 29.59 -6.53 2.42
C ASP I 144 30.58 -6.12 3.50
N LYS I 145 30.58 -4.85 3.92
CA LYS I 145 31.50 -4.33 4.92
C LYS I 145 30.74 -3.99 6.20
N GLU I 146 31.43 -4.08 7.33
CA GLU I 146 30.83 -3.82 8.63
C GLU I 146 31.79 -3.01 9.49
N LYS I 147 31.21 -2.29 10.46
CA LYS I 147 31.97 -1.48 11.39
C LYS I 147 31.29 -1.52 12.75
N LYS I 148 32.08 -1.25 13.79
CA LYS I 148 31.56 -1.22 15.16
C LYS I 148 30.99 0.16 15.48
N GLU I 149 29.89 0.16 16.23
CA GLU I 149 29.29 1.39 16.72
C GLU I 149 28.92 1.19 18.19
N TYR I 150 28.82 2.30 18.91
CA TYR I 150 28.48 2.30 20.32
C TYR I 150 27.36 3.30 20.57
N ALA I 151 26.50 2.95 21.52
CA ALA I 151 25.39 3.82 21.90
C ALA I 151 24.90 3.39 23.28
N LEU I 152 24.27 4.33 23.97
CA LEU I 152 23.74 4.09 25.31
C LEU I 152 22.26 3.78 25.21
N PHE I 153 21.85 2.64 25.77
CA PHE I 153 20.48 2.16 25.77
C PHE I 153 19.98 2.05 27.19
N TYR I 154 18.75 2.51 27.42
CA TYR I 154 18.18 2.47 28.77
C TYR I 154 17.92 1.04 29.19
N LYS I 155 18.13 0.77 30.47
CA LYS I 155 18.06 -0.59 30.98
C LYS I 155 16.70 -1.28 30.78
N PRO I 156 15.56 -0.62 30.95
CA PRO I 156 14.28 -1.31 30.70
C PRO I 156 14.10 -1.79 29.27
N ASP I 157 14.84 -1.25 28.31
CA ASP I 157 14.74 -1.65 26.91
C ASP I 157 15.68 -2.79 26.55
N ILE I 158 16.29 -3.44 27.54
CA ILE I 158 17.35 -4.41 27.31
C ILE I 158 17.08 -5.65 28.17
N VAL I 159 17.31 -6.83 27.58
CA VAL I 159 17.13 -8.10 28.26
C VAL I 159 18.40 -8.93 28.11
N PRO I 160 19.09 -9.32 29.21
CA PRO I 160 20.20 -10.27 29.02
C PRO I 160 19.74 -11.63 28.49
N SER I 168 26.57 -11.11 29.81
CA SER I 168 27.24 -10.05 29.06
C SER I 168 26.56 -9.81 27.71
N GLU I 169 25.92 -10.84 27.16
CA GLU I 169 25.17 -10.69 25.92
C GLU I 169 23.82 -10.05 26.20
N TYR I 170 23.43 -9.13 25.32
CA TYR I 170 22.14 -8.46 25.43
C TYR I 170 21.55 -8.29 24.03
N ARG I 171 20.21 -8.31 23.98
CA ARG I 171 19.48 -8.04 22.75
C ARG I 171 18.33 -7.09 23.05
N LEU I 172 17.88 -6.40 22.01
CA LEU I 172 16.77 -5.47 22.17
C LEU I 172 15.49 -6.22 22.54
N ILE I 173 14.62 -5.55 23.30
CA ILE I 173 13.41 -6.19 23.80
C ILE I 173 12.49 -6.64 22.66
N ASN I 174 12.41 -5.87 21.58
CA ASN I 174 11.35 -6.09 20.60
C ASN I 174 11.51 -7.38 19.81
N CYS I 175 12.73 -7.88 19.67
CA CYS I 175 12.97 -9.03 18.79
C CYS I 175 12.20 -10.27 19.22
N ASN I 176 11.85 -10.38 20.51
CA ASN I 176 11.03 -11.50 20.96
C ASN I 176 9.59 -11.36 20.49
N THR I 177 9.12 -10.13 20.25
CA THR I 177 7.70 -9.85 20.00
C THR I 177 7.43 -9.44 18.56
N SER I 178 8.09 -8.39 18.07
CA SER I 178 7.78 -7.85 16.74
C SER I 178 8.85 -6.82 16.39
N ALA I 179 8.77 -6.30 15.17
CA ALA I 179 9.75 -5.36 14.66
C ALA I 179 9.39 -3.93 15.07
N CYS I 180 10.42 -3.16 15.45
CA CYS I 180 10.22 -1.78 15.83
C CYS I 180 10.09 -0.90 14.59
N THR I 181 9.71 0.36 14.84
CA THR I 181 9.49 1.32 13.75
C THR I 181 9.82 2.70 14.31
N GLN I 182 10.94 3.27 13.91
CA GLN I 182 11.36 4.56 14.45
C GLN I 182 10.36 5.64 14.08
N ALA I 183 10.01 6.48 15.06
CA ALA I 183 9.20 7.65 14.81
C ALA I 183 10.10 8.71 14.19
N CYS I 184 10.24 8.62 12.86
CA CYS I 184 11.19 9.42 12.12
C CYS I 184 10.88 10.91 12.28
N PRO I 185 11.89 11.78 12.14
CA PRO I 185 11.64 13.22 12.32
C PRO I 185 10.65 13.75 11.30
N LYS I 186 10.24 15.00 11.52
CA LYS I 186 9.20 15.73 10.81
C LYS I 186 7.81 15.30 11.28
N VAL I 187 7.70 14.34 12.20
CA VAL I 187 6.47 13.99 12.89
C VAL I 187 6.61 14.45 14.34
N THR I 188 5.61 15.16 14.84
CA THR I 188 5.63 15.72 16.19
C THR I 188 4.40 15.24 16.95
N PHE I 189 4.61 14.77 18.17
CA PHE I 189 3.54 14.21 18.99
C PHE I 189 2.76 15.27 19.77
N GLU I 190 2.97 16.55 19.48
CA GLU I 190 2.37 17.60 20.29
C GLU I 190 0.85 17.55 20.11
N PRO I 191 0.05 17.56 21.20
CA PRO I 191 -1.40 17.44 21.01
C PRO I 191 -2.02 18.73 20.49
N ILE I 192 -2.38 18.76 19.20
CA ILE I 192 -3.04 19.93 18.64
C ILE I 192 -4.51 19.87 19.02
N PRO I 193 -5.20 20.99 19.24
CA PRO I 193 -6.66 20.92 19.38
C PRO I 193 -7.32 20.66 18.03
N ILE I 194 -8.25 19.71 18.01
CA ILE I 194 -8.99 19.34 16.80
C ILE I 194 -10.47 19.40 17.12
N HIS I 195 -11.24 20.04 16.23
CA HIS I 195 -12.69 20.17 16.36
C HIS I 195 -13.36 19.08 15.53
N TYR I 196 -14.42 18.50 16.09
CA TYR I 196 -15.19 17.41 15.46
C TYR I 196 -16.50 17.92 14.91
N CYS I 197 -16.59 18.00 13.59
CA CYS I 197 -17.70 18.65 12.92
C CYS I 197 -18.57 17.60 12.23
N ALA I 198 -19.92 17.70 12.47
CA ALA I 198 -20.85 16.68 12.05
C ALA I 198 -21.14 16.81 10.56
N PRO I 199 -21.39 15.69 9.88
CA PRO I 199 -21.51 15.75 8.41
C PRO I 199 -22.81 16.39 7.98
N ALA I 200 -23.05 16.45 6.68
CA ALA I 200 -24.25 17.08 6.17
C ALA I 200 -25.49 16.30 6.58
N GLY I 201 -26.47 17.00 7.15
CA GLY I 201 -27.73 16.41 7.54
C GLY I 201 -27.90 16.27 9.04
N TYR I 202 -26.85 15.87 9.73
CA TYR I 202 -26.89 15.67 11.17
C TYR I 202 -26.59 16.99 11.89
N ALA I 203 -26.65 16.97 13.22
CA ALA I 203 -26.33 18.13 14.03
C ALA I 203 -25.87 17.65 15.40
N ILE I 204 -25.17 18.55 16.11
CA ILE I 204 -24.58 18.27 17.41
C ILE I 204 -25.38 19.02 18.47
N LEU I 205 -25.73 18.34 19.55
CA LEU I 205 -26.43 18.91 20.69
C LEU I 205 -25.53 18.86 21.92
N LYS I 206 -25.72 19.83 22.81
CA LYS I 206 -24.84 20.05 23.95
C LYS I 206 -25.65 20.31 25.20
N CYS I 207 -25.03 20.01 26.35
CA CYS I 207 -25.56 20.32 27.67
C CYS I 207 -24.82 21.53 28.22
N ASN I 208 -25.58 22.53 28.67
CA ASN I 208 -24.99 23.70 29.32
C ASN I 208 -25.14 23.70 30.83
N ASN I 209 -25.79 22.68 31.40
CA ASN I 209 -25.92 22.62 32.86
C ASN I 209 -24.55 22.35 33.47
N GLU I 210 -24.09 23.28 34.31
CA GLU I 210 -22.70 23.26 34.77
C GLU I 210 -22.42 22.03 35.63
N THR I 211 -23.36 21.67 36.51
CA THR I 211 -23.22 20.49 37.37
C THR I 211 -23.79 19.23 36.74
N PHE I 212 -23.78 19.15 35.41
CA PHE I 212 -24.26 17.95 34.73
C PHE I 212 -23.38 16.76 35.08
N ASN I 213 -24.01 15.68 35.54
CA ASN I 213 -23.29 14.52 36.06
C ASN I 213 -23.14 13.40 35.02
N GLY I 214 -23.46 13.67 33.76
CA GLY I 214 -23.22 12.73 32.68
C GLY I 214 -24.44 11.97 32.19
N THR I 215 -25.52 11.95 32.98
CA THR I 215 -26.72 11.21 32.62
C THR I 215 -27.94 12.00 33.06
N GLY I 216 -29.11 11.59 32.55
CA GLY I 216 -30.36 12.23 32.88
C GLY I 216 -30.62 13.43 32.00
N PRO I 217 -31.87 13.89 31.96
CA PRO I 217 -32.22 14.96 31.01
C PRO I 217 -31.66 16.32 31.41
N CYS I 218 -30.83 16.88 30.51
CA CYS I 218 -30.29 18.22 30.61
C CYS I 218 -31.20 19.18 29.86
N SER I 219 -31.82 20.12 30.58
CA SER I 219 -32.74 21.04 29.94
C SER I 219 -32.02 22.15 29.17
N ASN I 220 -30.96 22.71 29.74
CA ASN I 220 -30.26 23.81 29.08
C ASN I 220 -29.46 23.29 27.89
N VAL I 221 -30.12 23.21 26.73
CA VAL I 221 -29.56 22.59 25.54
C VAL I 221 -29.26 23.69 24.53
N SER I 222 -28.23 23.46 23.72
CA SER I 222 -27.88 24.37 22.64
C SER I 222 -27.15 23.59 21.56
N THR I 223 -27.61 23.72 20.33
CA THR I 223 -26.96 23.04 19.22
C THR I 223 -25.60 23.68 18.94
N VAL I 224 -24.76 22.92 18.27
CA VAL I 224 -23.40 23.33 17.94
C VAL I 224 -23.11 22.87 16.53
N GLN I 225 -22.43 23.71 15.75
CA GLN I 225 -21.96 23.20 14.48
C GLN I 225 -20.81 22.22 14.70
N CYS I 226 -19.78 22.60 15.47
CA CYS I 226 -18.79 21.62 15.84
C CYS I 226 -17.97 21.97 17.07
N THR I 227 -17.43 20.92 17.69
CA THR I 227 -16.97 20.91 19.07
C THR I 227 -15.81 21.87 19.29
N HIS I 228 -15.76 22.44 20.49
CA HIS I 228 -14.62 23.23 20.91
C HIS I 228 -13.35 22.37 20.89
N GLY I 229 -12.20 23.04 20.97
CA GLY I 229 -10.92 22.37 20.83
C GLY I 229 -10.70 21.26 21.83
N ILE I 230 -10.46 20.05 21.33
CA ILE I 230 -10.18 18.88 22.16
C ILE I 230 -8.71 18.54 21.95
N ARG I 231 -7.95 18.55 23.04
CA ARG I 231 -6.54 18.19 22.98
C ARG I 231 -6.45 16.68 23.13
N PRO I 232 -6.05 15.92 22.08
CA PRO I 232 -6.01 14.45 22.24
C PRO I 232 -4.76 13.99 22.97
N VAL I 233 -4.59 14.45 24.20
CA VAL I 233 -3.46 14.03 25.02
C VAL I 233 -3.67 12.59 25.43
N VAL I 234 -2.60 11.97 25.94
CA VAL I 234 -2.67 10.61 26.46
C VAL I 234 -1.88 10.61 27.75
N SER I 235 -2.43 10.00 28.79
CA SER I 235 -1.79 9.98 30.11
C SER I 235 -2.58 9.05 31.02
N THR I 236 -1.88 8.36 31.91
CA THR I 236 -2.48 7.40 32.83
C THR I 236 -2.34 7.88 34.26
N GLN I 237 -3.37 7.59 35.06
CA GLN I 237 -3.49 7.93 36.47
C GLN I 237 -3.75 9.41 36.72
N LEU I 238 -3.72 10.25 35.69
CA LEU I 238 -4.04 11.66 35.82
C LEU I 238 -4.48 12.16 34.46
N LEU I 239 -5.06 13.35 34.44
CA LEU I 239 -5.44 14.05 33.22
C LEU I 239 -4.62 15.32 33.08
N LEU I 240 -4.31 15.67 31.84
CA LEU I 240 -3.40 16.78 31.54
C LEU I 240 -4.02 17.67 30.47
N ASN I 241 -3.95 18.98 30.68
CA ASN I 241 -4.36 19.98 29.69
C ASN I 241 -5.86 19.93 29.33
N GLY I 242 -6.64 19.11 30.02
CA GLY I 242 -8.03 18.96 29.67
C GLY I 242 -8.87 20.15 30.10
N SER I 243 -10.18 19.99 29.94
CA SER I 243 -11.13 21.06 30.22
C SER I 243 -11.66 20.95 31.65
N LEU I 244 -11.66 22.09 32.35
CA LEU I 244 -12.19 22.14 33.71
C LEU I 244 -13.72 22.25 33.66
N ALA I 245 -14.32 22.54 34.82
CA ALA I 245 -15.74 22.86 34.92
C ALA I 245 -15.89 24.17 35.69
N GLU I 246 -16.78 25.03 35.21
CA GLU I 246 -16.89 26.38 35.77
C GLU I 246 -17.31 26.34 37.23
N LYS I 247 -18.29 25.50 37.57
CA LYS I 247 -18.71 25.33 38.95
C LYS I 247 -17.74 24.38 39.65
N GLU I 248 -18.04 24.05 40.91
CA GLU I 248 -17.10 23.32 41.76
C GLU I 248 -16.90 21.89 41.23
N ILE I 249 -16.08 21.12 41.96
CA ILE I 249 -15.55 19.87 41.45
C ILE I 249 -16.69 18.88 41.19
N VAL I 250 -16.64 18.24 40.03
CA VAL I 250 -17.64 17.26 39.60
C VAL I 250 -17.05 15.86 39.78
N ILE I 251 -17.93 14.90 40.05
CA ILE I 251 -17.56 13.50 40.17
C ILE I 251 -18.49 12.70 39.27
N ARG I 252 -17.92 11.78 38.48
CA ARG I 252 -18.65 11.06 37.44
C ARG I 252 -18.33 9.57 37.50
N SER I 253 -19.36 8.75 37.27
CA SER I 253 -19.19 7.30 37.20
C SER I 253 -20.51 6.70 36.72
N GLU I 254 -20.46 5.43 36.32
CA GLU I 254 -21.69 4.72 35.96
C GLU I 254 -22.54 4.44 37.18
N ASN I 255 -22.02 3.64 38.10
CA ASN I 255 -22.76 3.11 39.24
C ASN I 255 -21.78 3.08 40.40
N LEU I 256 -21.86 4.09 41.28
CA LEU I 256 -20.94 4.13 42.42
C LEU I 256 -21.12 2.94 43.35
N THR I 257 -22.30 2.30 43.35
CA THR I 257 -22.48 1.10 44.16
C THR I 257 -21.59 -0.05 43.71
N ASN I 258 -21.03 0.01 42.50
CA ASN I 258 -20.08 -0.97 42.00
C ASN I 258 -18.66 -0.45 42.20
N ASN I 259 -17.78 -1.31 42.73
CA ASN I 259 -16.40 -0.92 43.02
C ASN I 259 -15.48 -1.01 41.80
N ALA I 260 -15.90 -1.66 40.72
CA ALA I 260 -15.00 -1.86 39.59
C ALA I 260 -14.85 -0.59 38.75
N LYS I 261 -15.92 0.19 38.63
CA LYS I 261 -15.93 1.31 37.71
C LYS I 261 -14.97 2.41 38.16
N ILE I 262 -14.42 3.13 37.17
CA ILE I 262 -13.43 4.16 37.40
C ILE I 262 -14.13 5.51 37.53
N ILE I 263 -13.81 6.23 38.60
CA ILE I 263 -14.32 7.59 38.80
C ILE I 263 -13.46 8.55 37.99
N ILE I 264 -14.09 9.57 37.41
CA ILE I 264 -13.42 10.66 36.71
C ILE I 264 -13.83 11.96 37.39
N VAL I 265 -12.85 12.76 37.78
CA VAL I 265 -13.05 13.98 38.54
C VAL I 265 -12.55 15.15 37.71
N HIS I 266 -13.35 16.21 37.64
CA HIS I 266 -12.95 17.47 37.03
C HIS I 266 -12.72 18.50 38.13
N LEU I 267 -11.53 19.10 38.14
CA LEU I 267 -11.17 20.05 39.18
C LEU I 267 -11.71 21.43 38.87
N ASN I 268 -12.04 22.17 39.94
CA ASN I 268 -12.51 23.54 39.77
C ASN I 268 -11.39 24.46 39.28
N THR I 269 -10.14 24.15 39.64
CA THR I 269 -8.99 24.92 39.19
C THR I 269 -7.81 23.97 39.00
N SER I 270 -6.94 24.34 38.07
CA SER I 270 -5.78 23.52 37.77
C SER I 270 -4.73 23.65 38.88
N VAL I 271 -3.72 22.78 38.82
CA VAL I 271 -2.57 22.82 39.70
C VAL I 271 -1.32 22.64 38.84
N GLU I 272 -0.38 23.58 38.95
CA GLU I 272 0.75 23.64 38.02
C GLU I 272 1.72 22.49 38.29
N ILE I 273 2.22 21.88 37.20
CA ILE I 273 3.17 20.77 37.28
C ILE I 273 4.27 21.02 36.26
N VAL I 274 5.51 20.67 36.64
CA VAL I 274 6.68 20.85 35.80
C VAL I 274 7.50 19.57 35.84
N CYS I 275 8.02 19.17 34.67
CA CYS I 275 8.86 17.98 34.55
C CYS I 275 10.10 18.33 33.74
N THR I 276 11.22 17.69 34.07
CA THR I 276 12.50 18.05 33.50
C THR I 276 13.41 16.83 33.41
N ARG I 277 14.44 16.95 32.57
CA ARG I 277 15.49 15.95 32.43
C ARG I 277 16.82 16.69 32.39
N PRO I 278 17.37 17.07 33.55
CA PRO I 278 18.52 18.00 33.55
C PRO I 278 19.76 17.50 32.82
N GLY I 279 19.90 16.20 32.59
CA GLY I 279 21.04 15.69 31.85
C GLY I 279 21.10 16.23 30.43
N ASN I 280 22.25 16.78 30.04
CA ASN I 280 22.42 17.37 28.70
C ASN I 280 22.86 16.28 27.74
N ASN I 281 21.88 15.53 27.25
CA ASN I 281 22.15 14.39 26.38
C ASN I 281 22.72 14.84 25.04
N THR I 282 23.07 13.87 24.21
CA THR I 282 23.56 14.12 22.86
C THR I 282 23.07 12.99 21.98
N ARG I 283 22.86 13.30 20.70
CA ARG I 283 22.35 12.34 19.72
C ARG I 283 23.40 12.12 18.63
N LYS I 284 23.58 10.86 18.26
CA LYS I 284 24.45 10.47 17.15
C LYS I 284 23.65 9.62 16.17
N SER I 285 24.02 9.71 14.90
CA SER I 285 23.36 8.98 13.83
C SER I 285 24.30 7.91 13.28
N VAL I 286 23.77 6.70 13.12
CA VAL I 286 24.49 5.58 12.50
C VAL I 286 23.68 5.11 11.30
N ARG I 287 24.34 4.99 10.15
CA ARG I 287 23.66 4.69 8.90
C ARG I 287 23.65 3.19 8.66
N ILE I 288 22.56 2.70 8.08
CA ILE I 288 22.35 1.27 7.84
C ILE I 288 21.90 1.09 6.40
N GLY I 289 22.64 0.30 5.64
CA GLY I 289 22.28 -0.06 4.29
C GLY I 289 22.15 1.16 3.39
N PRO I 290 20.98 1.38 2.75
CA PRO I 290 20.80 2.61 1.95
C PRO I 290 20.71 3.83 2.85
N GLY I 291 20.34 4.99 2.29
CA GLY I 291 20.36 6.22 3.06
C GLY I 291 19.27 6.23 4.11
N GLN I 292 19.47 5.40 5.14
CA GLN I 292 18.43 4.98 6.06
C GLN I 292 19.04 5.00 7.47
N THR I 293 18.89 6.13 8.15
CA THR I 293 19.63 6.38 9.39
C THR I 293 18.87 5.85 10.60
N PHE I 294 19.50 5.98 11.77
CA PHE I 294 18.90 5.59 13.04
C PHE I 294 19.62 6.33 14.16
N TYR I 295 18.89 7.14 14.91
CA TYR I 295 19.47 7.95 15.97
C TYR I 295 19.51 7.18 17.29
N ALA I 296 20.47 7.53 18.14
CA ALA I 296 20.60 6.91 19.45
C ALA I 296 21.32 7.87 20.38
N THR I 297 21.16 7.65 21.67
CA THR I 297 21.73 8.54 22.67
C THR I 297 23.24 8.38 22.74
N GLY I 298 23.96 9.49 22.63
CA GLY I 298 25.41 9.47 22.69
C GLY I 298 25.90 9.48 24.12
N ASP I 299 26.87 10.33 24.42
CA ASP I 299 27.44 10.46 25.76
C ASP I 299 26.84 11.65 26.48
N ILE I 300 26.66 11.51 27.79
CA ILE I 300 26.07 12.56 28.61
C ILE I 300 27.15 13.60 28.88
N ILE I 301 26.99 14.78 28.30
CA ILE I 301 27.95 15.87 28.51
C ILE I 301 27.70 16.50 29.87
N GLY I 302 28.75 16.64 30.66
CA GLY I 302 28.66 17.26 31.96
C GLY I 302 28.43 16.22 33.06
N ASP I 303 27.47 16.49 33.94
CA ASP I 303 27.13 15.61 35.05
C ASP I 303 25.81 14.91 34.76
N ILE I 304 25.53 13.88 35.56
CA ILE I 304 24.35 13.04 35.39
C ILE I 304 23.37 13.35 36.51
N ARG I 305 22.09 13.44 36.16
CA ARG I 305 21.05 13.73 37.13
C ARG I 305 19.78 12.96 36.73
N GLN I 306 18.90 12.79 37.70
CA GLN I 306 17.71 11.96 37.53
C GLN I 306 16.53 12.85 37.13
N ALA I 307 15.82 12.45 36.08
CA ALA I 307 14.66 13.20 35.63
C ALA I 307 13.57 13.18 36.71
N HIS I 308 12.97 14.33 36.95
CA HIS I 308 12.02 14.49 38.05
C HIS I 308 10.90 15.44 37.64
N CYS I 309 9.80 15.37 38.38
CA CYS I 309 8.66 16.26 38.20
C CYS I 309 8.36 16.99 39.50
N ASN I 310 7.91 18.24 39.37
CA ASN I 310 7.65 19.12 40.49
C ASN I 310 6.18 19.53 40.50
N ILE I 311 5.54 19.38 41.65
CA ILE I 311 4.13 19.75 41.84
C ILE I 311 4.05 20.64 43.07
N SER I 312 3.37 21.78 42.94
CA SER I 312 3.19 22.68 44.06
C SER I 312 2.37 22.01 45.15
N GLU I 313 2.96 21.87 46.34
CA GLU I 313 2.31 21.11 47.41
C GLU I 313 1.16 21.87 48.05
N LYS I 314 1.25 23.20 48.09
CA LYS I 314 0.18 24.00 48.67
C LYS I 314 -1.14 23.79 47.92
N GLN I 315 -1.11 24.01 46.61
CA GLN I 315 -2.29 23.81 45.79
C GLN I 315 -2.71 22.35 45.79
N TRP I 316 -1.74 21.43 45.82
CA TRP I 316 -2.10 20.02 45.74
C TRP I 316 -2.82 19.57 47.01
N ASN I 317 -2.35 20.00 48.18
CA ASN I 317 -3.04 19.65 49.42
C ASN I 317 -4.43 20.27 49.44
N GLU I 318 -4.56 21.53 49.00
CA GLU I 318 -5.88 22.15 48.96
C GLU I 318 -6.84 21.37 48.05
N THR I 319 -6.36 21.02 46.85
CA THR I 319 -7.23 20.33 45.91
C THR I 319 -7.59 18.94 46.38
N LEU I 320 -6.63 18.22 46.98
CA LEU I 320 -6.93 16.88 47.48
C LEU I 320 -7.96 16.95 48.60
N GLN I 321 -7.83 17.96 49.48
CA GLN I 321 -8.83 18.15 50.53
C GLN I 321 -10.20 18.43 49.94
N LYS I 322 -10.27 19.28 48.91
CA LYS I 322 -11.57 19.59 48.32
C LYS I 322 -12.19 18.36 47.67
N VAL I 323 -11.39 17.57 46.96
CA VAL I 323 -11.93 16.37 46.33
C VAL I 323 -12.41 15.37 47.39
N GLY I 324 -11.69 15.26 48.50
CA GLY I 324 -12.18 14.43 49.59
C GLY I 324 -13.50 14.93 50.15
N LYS I 325 -13.61 16.26 50.31
CA LYS I 325 -14.85 16.84 50.82
C LYS I 325 -16.01 16.53 49.88
N GLU I 326 -15.79 16.61 48.57
CA GLU I 326 -16.86 16.29 47.62
C GLU I 326 -17.19 14.80 47.64
N LEU I 327 -16.17 13.94 47.64
CA LEU I 327 -16.42 12.50 47.64
C LEU I 327 -17.10 12.03 48.91
N GLN I 328 -16.98 12.77 50.02
CA GLN I 328 -17.66 12.38 51.25
C GLN I 328 -19.17 12.45 51.14
N LYS I 329 -19.71 13.14 50.12
CA LYS I 329 -21.16 13.30 50.00
C LYS I 329 -21.81 12.05 49.42
N HIS I 330 -21.32 11.58 48.27
CA HIS I 330 -21.95 10.45 47.59
C HIS I 330 -21.89 9.19 48.43
N PHE I 331 -20.79 8.99 49.16
CA PHE I 331 -20.64 7.88 50.08
C PHE I 331 -21.00 8.35 51.48
N PRO I 332 -22.04 7.78 52.13
CA PRO I 332 -22.68 8.52 53.23
C PRO I 332 -21.83 8.62 54.49
N ASN I 333 -21.24 9.79 54.70
CA ASN I 333 -20.62 10.20 55.97
C ASN I 333 -19.60 9.18 56.47
N LYS I 334 -18.77 8.68 55.57
CA LYS I 334 -17.62 7.85 55.90
C LYS I 334 -16.34 8.67 55.82
N THR I 335 -15.29 8.14 56.43
CA THR I 335 -13.96 8.71 56.21
C THR I 335 -13.48 8.35 54.80
N ILE I 336 -12.53 9.14 54.31
CA ILE I 336 -11.99 8.95 52.97
C ILE I 336 -10.48 9.14 53.04
N LYS I 337 -9.75 8.29 52.32
CA LYS I 337 -8.30 8.29 52.30
C LYS I 337 -7.83 7.95 50.90
N TYR I 338 -6.53 8.17 50.66
CA TYR I 338 -5.89 7.87 49.40
C TYR I 338 -4.60 7.11 49.69
N GLU I 339 -4.40 6.00 48.97
CA GLU I 339 -3.24 5.14 49.15
C GLU I 339 -2.51 5.01 47.81
N ARG I 340 -1.40 4.29 47.82
CA ARG I 340 -0.57 4.16 46.63
C ARG I 340 -1.32 3.41 45.54
N SER I 341 -0.77 3.45 44.33
CA SER I 341 -1.41 2.85 43.18
C SER I 341 -1.44 1.32 43.32
N ALA I 342 -2.26 0.69 42.49
CA ALA I 342 -2.45 -0.75 42.57
C ALA I 342 -1.17 -1.51 42.26
N GLY I 343 -0.27 -0.92 41.49
CA GLY I 343 0.95 -1.62 41.09
C GLY I 343 0.73 -2.51 39.88
N GLY I 344 1.76 -3.28 39.57
CA GLY I 344 1.77 -4.16 38.41
C GLY I 344 2.78 -3.70 37.38
N ASP I 345 2.36 -3.63 36.11
CA ASP I 345 3.20 -3.06 35.08
C ASP I 345 3.50 -1.61 35.42
N MET I 346 4.74 -1.18 35.17
CA MET I 346 5.14 0.18 35.52
C MET I 346 4.30 1.22 34.77
N GLU I 347 3.92 0.92 33.53
CA GLU I 347 3.06 1.83 32.79
C GLU I 347 1.71 2.02 33.49
N ILE I 348 1.12 0.92 33.97
CA ILE I 348 -0.11 1.02 34.74
C ILE I 348 0.14 1.62 36.11
N ALA I 349 1.30 1.30 36.70
CA ALA I 349 1.62 1.70 38.07
C ALA I 349 2.28 3.07 38.15
N THR I 350 2.46 3.78 37.05
CA THR I 350 3.12 5.08 37.06
C THR I 350 2.47 6.04 36.08
N HIS I 351 2.35 7.29 36.51
CA HIS I 351 1.96 8.38 35.61
C HIS I 351 2.96 8.48 34.48
N SER I 352 2.47 8.63 33.25
CA SER I 352 3.30 8.69 32.05
C SER I 352 2.96 9.94 31.23
N PHE I 353 3.94 10.39 30.46
CA PHE I 353 3.87 11.61 29.66
C PHE I 353 4.24 11.30 28.21
N ASN I 354 4.02 12.29 27.35
CA ASN I 354 4.81 12.45 26.13
C ASN I 354 5.18 13.93 26.06
N CYS I 355 6.47 14.22 26.27
CA CYS I 355 6.96 15.59 26.42
C CYS I 355 8.08 15.84 25.41
N GLY I 356 7.74 16.48 24.30
CA GLY I 356 8.73 16.82 23.30
C GLY I 356 9.46 15.64 22.72
N GLY I 357 8.73 14.55 22.42
CA GLY I 357 9.33 13.39 21.81
C GLY I 357 9.95 12.40 22.78
N GLU I 358 9.80 12.61 24.09
CA GLU I 358 10.29 11.69 25.11
C GLU I 358 9.13 11.25 26.00
N PHE I 359 9.23 10.02 26.49
CA PHE I 359 8.18 9.38 27.28
C PHE I 359 8.68 9.15 28.69
N PHE I 360 7.92 9.62 29.67
CA PHE I 360 8.26 9.50 31.08
C PHE I 360 7.44 8.39 31.74
N TYR I 361 7.90 7.98 32.92
CA TYR I 361 7.14 7.05 33.77
C TYR I 361 7.45 7.46 35.22
N CYS I 362 6.60 8.29 35.78
CA CYS I 362 6.85 8.92 37.08
C CYS I 362 6.08 8.23 38.19
N ASN I 363 6.72 8.11 39.35
CA ASN I 363 6.10 7.49 40.51
C ASN I 363 5.22 8.51 41.23
N THR I 364 3.99 8.10 41.57
CA THR I 364 3.01 8.95 42.20
C THR I 364 2.76 8.58 43.66
N SER I 365 3.70 7.86 44.29
CA SER I 365 3.48 7.41 45.67
C SER I 365 3.38 8.59 46.63
N LYS I 366 4.28 9.57 46.50
CA LYS I 366 4.27 10.69 47.42
C LYS I 366 3.05 11.58 47.24
N LEU I 367 2.38 11.53 46.09
CA LEU I 367 1.25 12.42 45.85
C LEU I 367 0.04 12.02 46.68
N PHE I 368 -0.28 10.73 46.71
CA PHE I 368 -1.52 10.23 47.31
C PHE I 368 -1.21 9.67 48.69
N ASN I 369 -1.28 10.54 49.70
CA ASN I 369 -1.07 10.12 51.08
C ASN I 369 -1.78 11.15 51.97
N GLY I 370 -2.95 10.79 52.47
CA GLY I 370 -3.71 11.72 53.29
C GLY I 370 -5.04 11.15 53.68
N THR I 371 -5.97 12.04 54.02
CA THR I 371 -7.30 11.67 54.47
C THR I 371 -8.28 12.73 54.03
N TYR I 372 -9.57 12.51 54.34
CA TYR I 372 -10.65 13.40 53.93
C TYR I 372 -10.45 14.82 54.43
N THR I 386 7.55 22.26 48.31
CA THR I 386 7.05 21.59 47.11
C THR I 386 7.32 20.09 47.20
N ILE I 387 6.89 19.36 46.17
CA ILE I 387 7.04 17.92 46.08
C ILE I 387 7.80 17.59 44.81
N THR I 388 8.72 16.62 44.91
CA THR I 388 9.51 16.15 43.79
C THR I 388 9.29 14.66 43.61
N LEU I 389 8.95 14.25 42.39
CA LEU I 389 8.71 12.85 42.04
C LEU I 389 9.82 12.36 41.13
N GLN I 390 10.49 11.29 41.53
CA GLN I 390 11.48 10.68 40.66
C GLN I 390 10.79 10.04 39.46
N CYS I 391 11.46 10.08 38.32
CA CYS I 391 10.91 9.58 37.06
C CYS I 391 11.95 8.78 36.31
N ARG I 392 11.46 7.84 35.49
CA ARG I 392 12.28 7.07 34.58
C ARG I 392 11.65 7.13 33.20
N ILE I 393 12.49 7.09 32.17
CA ILE I 393 12.05 7.24 30.79
C ILE I 393 12.42 5.98 30.01
N LYS I 394 11.66 5.71 28.96
CA LYS I 394 11.89 4.61 28.05
C LYS I 394 12.05 5.14 26.63
N GLN I 395 12.63 4.30 25.78
CA GLN I 395 12.76 4.58 24.34
C GLN I 395 11.92 3.64 23.50
N ILE I 396 11.84 2.37 23.89
CA ILE I 396 11.03 1.38 23.19
C ILE I 396 9.63 1.46 23.80
N ILE I 397 8.72 2.12 23.07
CA ILE I 397 7.37 2.42 23.57
C ILE I 397 6.38 1.60 22.76
N ASN I 398 5.71 0.67 23.42
CA ASN I 398 4.52 0.06 22.86
C ASN I 398 3.37 1.04 22.95
N MET I 399 2.40 0.88 22.04
CA MET I 399 1.17 1.64 22.15
C MET I 399 0.53 1.33 23.49
N TRP I 400 0.12 2.37 24.22
CA TRP I 400 -0.29 2.16 25.61
C TRP I 400 -1.68 1.53 25.72
N GLN I 401 -2.41 1.40 24.61
CA GLN I 401 -3.50 0.43 24.55
C GLN I 401 -3.00 -1.01 24.51
N GLY I 402 -1.73 -1.23 24.19
CA GLY I 402 -1.20 -2.55 24.00
C GLY I 402 -1.54 -3.19 22.68
N VAL I 403 -2.26 -2.48 21.80
CA VAL I 403 -2.71 -3.04 20.54
C VAL I 403 -1.93 -2.48 19.35
N GLY I 404 -1.39 -1.27 19.45
CA GLY I 404 -0.58 -0.73 18.38
C GLY I 404 0.78 -1.39 18.31
N ARG I 405 1.51 -1.02 17.26
CA ARG I 405 2.82 -1.62 17.00
C ARG I 405 3.89 -0.95 17.84
N CYS I 406 5.03 -1.64 17.96
CA CYS I 406 6.15 -1.08 18.71
C CYS I 406 6.68 0.17 18.04
N MET I 407 7.13 1.12 18.84
CA MET I 407 7.69 2.38 18.37
C MET I 407 9.00 2.61 19.10
N TYR I 408 9.93 3.30 18.43
CA TYR I 408 11.17 3.74 19.04
C TYR I 408 11.21 5.26 18.98
N ALA I 409 10.99 5.91 20.12
CA ALA I 409 11.04 7.36 20.17
C ALA I 409 12.49 7.82 20.13
N PRO I 410 12.92 8.61 19.14
CA PRO I 410 14.33 8.99 19.09
C PRO I 410 14.68 9.92 20.23
N PRO I 411 15.93 9.92 20.69
CA PRO I 411 16.32 10.86 21.75
C PRO I 411 16.35 12.27 21.22
N ILE I 412 16.16 13.23 22.14
CA ILE I 412 16.10 14.65 21.81
C ILE I 412 17.24 15.34 22.54
N ALA I 413 18.03 16.11 21.79
CA ALA I 413 19.21 16.75 22.34
C ALA I 413 18.83 17.91 23.25
N GLY I 414 19.75 18.27 24.14
CA GLY I 414 19.53 19.35 25.08
C GLY I 414 18.60 18.96 26.20
N ASN I 415 18.79 19.54 27.39
CA ASN I 415 17.91 19.23 28.50
C ASN I 415 16.52 19.81 28.23
N ILE I 416 15.50 19.04 28.58
CA ILE I 416 14.13 19.30 28.15
C ILE I 416 13.26 19.54 29.38
N THR I 417 12.40 20.56 29.28
CA THR I 417 11.38 20.86 30.28
C THR I 417 10.00 20.65 29.66
N CYS I 418 9.00 20.56 30.53
CA CYS I 418 7.64 20.25 30.09
C CYS I 418 6.68 20.78 31.14
N LYS I 419 5.88 21.77 30.77
CA LYS I 419 5.05 22.52 31.70
C LYS I 419 3.58 22.28 31.35
N SER I 420 2.81 21.79 32.31
CA SER I 420 1.46 21.32 32.07
C SER I 420 0.53 21.78 33.18
N ASN I 421 -0.78 21.63 32.92
CA ASN I 421 -1.83 21.88 33.88
C ASN I 421 -2.54 20.57 34.18
N ILE I 422 -2.44 20.11 35.42
CA ILE I 422 -3.22 18.95 35.83
C ILE I 422 -4.66 19.44 36.02
N THR I 423 -5.63 18.64 35.56
CA THR I 423 -7.04 19.07 35.64
C THR I 423 -7.99 17.99 36.13
N GLY I 424 -7.67 16.71 36.02
CA GLY I 424 -8.59 15.66 36.42
C GLY I 424 -7.83 14.46 36.92
N LEU I 425 -8.48 13.68 37.77
CA LEU I 425 -7.90 12.52 38.41
C LEU I 425 -8.71 11.29 38.04
N LEU I 426 -8.03 10.14 37.96
CA LEU I 426 -8.66 8.85 37.70
C LEU I 426 -8.46 7.98 38.93
N LEU I 427 -9.54 7.73 39.66
CA LEU I 427 -9.53 6.95 40.88
C LEU I 427 -10.36 5.68 40.68
N THR I 428 -10.19 4.74 41.59
CA THR I 428 -11.07 3.59 41.72
C THR I 428 -11.35 3.38 43.19
N ARG I 429 -12.59 3.02 43.52
CA ARG I 429 -12.94 2.82 44.92
C ARG I 429 -12.50 1.43 45.37
N ASP I 430 -11.80 1.37 46.48
CA ASP I 430 -11.22 0.12 46.98
C ASP I 430 -12.32 -0.87 47.35
N ASN I 436 -15.75 1.77 57.35
CA ASN I 436 -15.00 2.85 56.71
C ASN I 436 -13.53 2.48 56.46
N LYS I 437 -13.06 1.43 57.14
CA LYS I 437 -11.63 1.13 57.12
C LYS I 437 -11.12 0.72 55.74
N THR I 438 -12.01 0.27 54.85
CA THR I 438 -11.64 -0.08 53.48
C THR I 438 -12.34 0.76 52.42
N GLU I 439 -13.56 1.23 52.69
CA GLU I 439 -14.24 2.11 51.76
C GLU I 439 -13.63 3.50 51.71
N GLU I 440 -12.79 3.86 52.69
CA GLU I 440 -12.18 5.18 52.71
C GLU I 440 -11.05 5.30 51.70
N THR I 441 -10.26 4.24 51.50
CA THR I 441 -9.08 4.32 50.67
C THR I 441 -9.47 4.32 49.19
N PHE I 442 -8.87 5.23 48.43
CA PHE I 442 -8.95 5.27 46.98
C PHE I 442 -7.57 5.01 46.39
N ARG I 443 -7.56 4.44 45.19
CA ARG I 443 -6.34 4.09 44.48
C ARG I 443 -6.37 4.75 43.10
N PRO I 444 -5.33 5.47 42.68
CA PRO I 444 -5.27 5.89 41.29
C PRO I 444 -5.24 4.69 40.36
N ALA I 445 -5.91 4.83 39.21
CA ALA I 445 -6.06 3.71 38.28
C ALA I 445 -6.10 4.25 36.86
N GLY I 446 -5.97 3.34 35.91
CA GLY I 446 -5.96 3.70 34.51
C GLY I 446 -5.46 2.54 33.67
N GLY I 447 -5.19 2.85 32.40
CA GLY I 447 -4.72 1.86 31.45
C GLY I 447 -5.42 1.94 30.11
N ASP I 448 -6.63 2.51 30.09
CA ASP I 448 -7.43 2.64 28.89
C ASP I 448 -7.26 4.03 28.30
N MET I 449 -7.04 4.09 26.98
CA MET I 449 -7.01 5.39 26.30
C MET I 449 -8.38 6.05 26.32
N ARG I 450 -9.45 5.27 26.28
CA ARG I 450 -10.78 5.83 26.09
C ARG I 450 -11.19 6.71 27.25
N ASP I 451 -10.88 6.30 28.48
CA ASP I 451 -11.30 7.06 29.66
C ASP I 451 -10.67 8.45 29.70
N ASN I 452 -9.56 8.66 28.99
CA ASN I 452 -8.94 9.99 28.99
C ASN I 452 -9.75 10.99 28.17
N TRP I 453 -10.50 10.52 27.17
CA TRP I 453 -11.32 11.39 26.33
C TRP I 453 -12.77 11.42 26.74
N ARG I 454 -13.30 10.37 27.34
CA ARG I 454 -14.69 10.37 27.78
C ARG I 454 -14.95 11.38 28.89
N SER I 455 -13.91 11.93 29.51
CA SER I 455 -14.06 13.05 30.42
C SER I 455 -14.36 14.35 29.69
N GLU I 456 -14.07 14.43 28.39
CA GLU I 456 -14.20 15.66 27.61
C GLU I 456 -15.40 15.67 26.68
N LEU I 457 -15.77 14.51 26.13
CA LEU I 457 -16.90 14.38 25.23
C LEU I 457 -18.19 14.04 25.96
N TYR I 458 -18.32 14.44 27.23
CA TYR I 458 -19.48 14.10 28.01
C TYR I 458 -20.70 14.93 27.65
N LYS I 459 -20.49 16.19 27.26
CA LYS I 459 -21.58 17.11 27.02
C LYS I 459 -22.29 16.88 25.69
N TYR I 460 -21.72 16.08 24.80
CA TYR I 460 -22.08 16.12 23.39
C TYR I 460 -22.92 14.92 22.98
N LYS I 461 -23.74 15.13 21.96
CA LYS I 461 -24.57 14.08 21.38
C LYS I 461 -24.78 14.38 19.90
N VAL I 462 -25.10 13.33 19.15
CA VAL I 462 -25.29 13.40 17.71
C VAL I 462 -26.74 13.06 17.38
N VAL I 463 -27.37 13.89 16.55
CA VAL I 463 -28.78 13.73 16.20
C VAL I 463 -28.91 13.70 14.68
N LYS I 464 -29.80 12.83 14.19
CA LYS I 464 -30.15 12.74 12.78
C LYS I 464 -31.44 13.51 12.55
N ILE I 465 -31.45 14.36 11.53
CA ILE I 465 -32.61 15.15 11.16
C ILE I 465 -33.34 14.43 10.03
N GLU I 466 -34.64 14.20 10.22
CA GLU I 466 -35.50 13.58 9.21
C GLU I 466 -36.74 14.46 9.05
N PRO I 467 -36.59 15.63 8.44
CA PRO I 467 -37.65 16.65 8.50
C PRO I 467 -38.77 16.46 7.49
N LEU I 468 -39.70 15.57 7.81
CA LEU I 468 -40.94 15.45 7.05
C LEU I 468 -42.03 15.08 8.04
N GLY I 469 -43.00 15.96 8.20
CA GLY I 469 -44.02 15.79 9.22
C GLY I 469 -45.41 15.89 8.62
N VAL I 470 -46.32 15.10 9.17
CA VAL I 470 -47.72 15.05 8.77
C VAL I 470 -48.56 15.64 9.89
N ALA I 471 -49.51 16.50 9.53
CA ALA I 471 -50.37 17.15 10.50
C ALA I 471 -51.79 17.27 9.94
N PRO I 472 -52.81 17.31 10.81
CA PRO I 472 -54.17 17.53 10.34
C PRO I 472 -54.60 18.98 10.40
N THR I 473 -55.33 19.41 9.38
CA THR I 473 -55.91 20.74 9.36
C THR I 473 -56.91 20.80 8.20
N ARG I 474 -57.67 21.88 8.15
CA ARG I 474 -58.67 22.07 7.11
C ARG I 474 -57.97 22.27 5.77
N CYS I 475 -58.09 21.28 4.89
CA CYS I 475 -57.40 21.26 3.62
C CYS I 475 -58.27 20.65 2.53
N LYS I 476 -57.89 20.95 1.28
CA LYS I 476 -58.37 20.26 0.10
C LYS I 476 -57.51 20.72 -1.07
N ARG I 477 -57.17 19.80 -1.96
CA ARG I 477 -56.32 20.13 -3.10
C ARG I 477 -57.02 21.10 -4.04
N GLY J 10 -32.32 30.79 12.48
CA GLY J 10 -31.20 29.88 12.66
C GLY J 10 -31.64 28.42 12.63
N PHE J 11 -30.68 27.52 12.41
CA PHE J 11 -30.98 26.10 12.33
C PHE J 11 -31.51 25.58 13.67
N LEU J 12 -32.60 24.82 13.62
CA LEU J 12 -33.28 24.31 14.80
C LEU J 12 -33.72 25.43 15.75
N GLY J 13 -33.87 26.65 15.24
CA GLY J 13 -34.18 27.79 16.09
C GLY J 13 -35.54 27.72 16.75
N ALA J 14 -36.45 26.90 16.21
CA ALA J 14 -37.80 26.75 16.72
C ALA J 14 -38.11 25.29 17.07
N ALA J 15 -37.08 24.55 17.50
CA ALA J 15 -37.28 23.14 17.81
C ALA J 15 -38.18 22.94 19.03
N GLY J 16 -38.25 23.91 19.93
CA GLY J 16 -39.04 23.78 21.15
C GLY J 16 -40.39 24.46 21.10
N SER J 17 -40.61 25.33 20.13
CA SER J 17 -41.85 26.09 20.07
C SER J 17 -43.00 25.20 19.62
N THR J 18 -44.20 25.76 19.68
CA THR J 18 -45.40 24.99 19.34
C THR J 18 -45.46 24.71 17.85
N MET J 19 -46.42 23.85 17.48
CA MET J 19 -46.60 23.48 16.08
C MET J 19 -46.94 24.69 15.23
N GLY J 20 -47.81 25.56 15.73
CA GLY J 20 -48.19 26.75 15.00
C GLY J 20 -47.16 27.88 15.03
N ALA J 21 -46.10 27.73 15.81
CA ALA J 21 -45.01 28.71 15.88
C ALA J 21 -43.81 28.32 15.04
N ALA J 22 -43.45 27.03 15.03
CA ALA J 22 -42.36 26.54 14.19
C ALA J 22 -42.77 26.40 12.72
N SER J 23 -44.08 26.48 12.42
CA SER J 23 -44.52 26.36 11.04
C SER J 23 -44.08 27.54 10.17
N MET J 24 -43.67 28.65 10.79
CA MET J 24 -43.07 29.74 10.03
C MET J 24 -41.66 29.35 9.60
N THR J 25 -41.13 30.11 8.64
CA THR J 25 -39.84 29.82 8.02
C THR J 25 -39.90 28.47 7.30
N LEU J 26 -39.45 27.39 7.96
CA LEU J 26 -39.39 26.04 7.41
C LEU J 26 -38.39 25.91 6.25
N THR J 27 -37.59 26.93 5.97
CA THR J 27 -36.54 26.87 4.95
C THR J 27 -35.15 26.78 5.54
N VAL J 28 -34.99 27.07 6.84
CA VAL J 28 -33.71 26.80 7.49
C VAL J 28 -33.45 25.30 7.52
N GLN J 29 -34.51 24.49 7.69
CA GLN J 29 -34.37 23.05 7.74
C GLN J 29 -34.26 22.41 6.37
N ALA J 30 -34.55 23.15 5.30
CA ALA J 30 -34.42 22.64 3.93
C ALA J 30 -33.14 23.11 3.25
N ARG J 31 -32.58 24.26 3.65
CA ARG J 31 -31.37 24.78 3.03
C ARG J 31 -30.09 24.20 3.65
N ASN J 32 -30.20 23.48 4.77
CA ASN J 32 -29.02 22.94 5.45
C ASN J 32 -28.69 21.51 5.06
N LEU J 33 -29.67 20.74 4.57
CA LEU J 33 -29.49 19.31 4.40
C LEU J 33 -28.50 18.95 3.31
N LEU J 34 -28.03 19.90 2.51
CA LEU J 34 -26.99 19.68 1.51
C LEU J 34 -25.77 20.57 1.68
N SER J 35 -25.96 21.84 2.01
CA SER J 35 -24.87 22.80 2.00
C SER J 35 -23.86 22.49 3.11
N GLY J 36 -22.73 23.18 3.05
CA GLY J 36 -21.69 23.03 4.05
C GLY J 36 -20.36 23.54 3.53
N ILE J 37 -19.35 23.40 4.39
CA ILE J 37 -17.99 23.77 4.00
C ILE J 37 -17.51 22.87 2.87
N VAL J 38 -17.81 21.58 2.96
CA VAL J 38 -17.36 20.61 1.97
C VAL J 38 -18.03 20.87 0.64
N LYS J 56 -2.15 11.38 -2.99
CA LYS J 56 -2.03 10.07 -2.35
C LYS J 56 -3.40 9.54 -1.95
N LEU J 57 -3.55 8.23 -1.98
CA LEU J 57 -4.75 7.57 -1.46
C LEU J 57 -4.65 7.51 0.06
N THR J 58 -5.67 8.04 0.73
CA THR J 58 -5.74 8.02 2.19
C THR J 58 -7.17 7.64 2.60
N VAL J 59 -7.28 7.01 3.77
CA VAL J 59 -8.60 6.60 4.27
C VAL J 59 -9.48 7.82 4.49
N TRP J 60 -8.89 8.96 4.90
CA TRP J 60 -9.68 10.16 5.10
C TRP J 60 -10.42 10.59 3.83
N GLY J 61 -9.87 10.26 2.66
CA GLY J 61 -10.61 10.53 1.43
C GLY J 61 -11.90 9.74 1.36
N ILE J 62 -11.82 8.41 1.51
CA ILE J 62 -12.99 7.57 1.29
C ILE J 62 -14.05 7.83 2.35
N LYS J 63 -13.64 7.99 3.61
CA LYS J 63 -14.61 8.14 4.68
C LYS J 63 -15.36 9.47 4.62
N GLN J 64 -14.87 10.44 3.84
CA GLN J 64 -15.67 11.64 3.56
C GLN J 64 -16.63 11.41 2.40
N LEU J 65 -16.19 10.72 1.35
CA LEU J 65 -17.08 10.42 0.23
C LEU J 65 -18.22 9.50 0.65
N GLN J 66 -17.96 8.60 1.61
CA GLN J 66 -19.05 7.79 2.14
C GLN J 66 -20.08 8.65 2.86
N ALA J 67 -19.63 9.69 3.56
CA ALA J 67 -20.56 10.57 4.26
C ALA J 67 -21.34 11.44 3.29
N ARG J 68 -20.66 12.01 2.30
CA ARG J 68 -21.30 12.95 1.39
C ARG J 68 -22.37 12.28 0.54
N VAL J 69 -22.07 11.10 0.00
CA VAL J 69 -23.02 10.44 -0.89
C VAL J 69 -24.26 9.99 -0.11
N LEU J 70 -24.10 9.67 1.18
CA LEU J 70 -25.25 9.38 2.02
C LEU J 70 -26.03 10.63 2.42
N ALA J 71 -25.41 11.81 2.36
CA ALA J 71 -26.16 13.03 2.60
C ALA J 71 -27.05 13.37 1.40
N VAL J 72 -26.51 13.27 0.19
CA VAL J 72 -27.30 13.58 -1.00
C VAL J 72 -28.34 12.51 -1.28
N GLU J 73 -28.00 11.23 -1.04
CA GLU J 73 -28.96 10.17 -1.30
C GLU J 73 -30.11 10.20 -0.31
N ARG J 74 -29.85 10.59 0.94
CA ARG J 74 -30.94 10.76 1.89
C ARG J 74 -31.86 11.91 1.48
N TYR J 75 -31.28 12.99 0.94
CA TYR J 75 -32.10 14.14 0.56
C TYR J 75 -32.96 13.82 -0.66
N LEU J 76 -32.40 13.17 -1.68
CA LEU J 76 -33.17 12.86 -2.87
C LEU J 76 -34.32 11.92 -2.56
N ARG J 77 -34.11 11.00 -1.61
CA ARG J 77 -35.20 10.11 -1.21
C ARG J 77 -36.35 10.88 -0.58
N ASP J 78 -36.07 12.02 0.05
CA ASP J 78 -37.14 12.88 0.55
C ASP J 78 -37.84 13.62 -0.58
N GLN J 79 -37.07 14.19 -1.52
CA GLN J 79 -37.68 14.93 -2.61
C GLN J 79 -38.49 14.01 -3.51
N GLN J 80 -37.97 12.82 -3.81
CA GLN J 80 -38.72 11.86 -4.62
C GLN J 80 -40.02 11.44 -3.92
N LEU J 81 -40.02 11.44 -2.58
CA LEU J 81 -41.23 11.06 -1.86
C LEU J 81 -42.27 12.18 -1.89
N LEU J 82 -41.84 13.43 -1.96
CA LEU J 82 -42.77 14.53 -2.19
C LEU J 82 -43.23 14.61 -3.64
N GLY J 83 -42.45 14.09 -4.58
CA GLY J 83 -42.86 14.11 -5.97
C GLY J 83 -44.04 13.21 -6.25
N ILE J 84 -44.05 12.03 -5.62
CA ILE J 84 -45.17 11.11 -5.84
C ILE J 84 -46.44 11.68 -5.23
N TRP J 85 -46.33 12.37 -4.10
CA TRP J 85 -47.46 12.99 -3.43
C TRP J 85 -47.89 14.30 -4.08
N GLY J 86 -47.25 14.72 -5.17
CA GLY J 86 -47.64 15.91 -5.89
C GLY J 86 -47.16 17.21 -5.30
N CYS J 87 -46.41 17.17 -4.21
CA CYS J 87 -46.05 18.36 -3.44
C CYS J 87 -44.62 18.83 -3.72
N SER J 88 -43.95 18.28 -4.73
CA SER J 88 -42.60 18.74 -5.05
C SER J 88 -42.64 20.20 -5.49
N GLY J 89 -41.76 21.01 -4.91
CA GLY J 89 -41.79 22.45 -5.11
C GLY J 89 -42.48 23.15 -3.96
N LYS J 90 -43.58 22.57 -3.49
CA LYS J 90 -44.25 23.10 -2.31
C LYS J 90 -43.44 22.79 -1.06
N LEU J 91 -43.78 23.48 0.03
CA LEU J 91 -43.32 23.17 1.37
C LEU J 91 -44.47 22.81 2.30
N ILE J 92 -45.56 23.56 2.26
CA ILE J 92 -46.81 23.23 2.93
C ILE J 92 -47.81 22.86 1.84
N CYS J 93 -48.38 21.66 1.95
CA CYS J 93 -49.10 21.06 0.83
C CYS J 93 -50.30 20.29 1.35
N CYS J 94 -51.49 20.78 1.03
CA CYS J 94 -52.72 20.09 1.37
C CYS J 94 -52.90 18.83 0.51
N THR J 95 -53.69 17.89 1.04
CA THR J 95 -53.93 16.60 0.41
C THR J 95 -55.38 16.18 0.63
N ASN J 96 -55.72 14.98 0.19
CA ASN J 96 -57.10 14.46 0.17
C ASN J 96 -57.18 13.08 0.79
N VAL J 97 -56.61 12.93 2.00
CA VAL J 97 -56.71 11.70 2.78
C VAL J 97 -57.29 12.07 4.15
N PRO J 98 -58.49 11.63 4.52
CA PRO J 98 -59.10 12.17 5.75
C PRO J 98 -58.40 11.67 7.00
N TRP J 99 -58.59 12.42 8.08
CA TRP J 99 -57.93 12.16 9.36
C TRP J 99 -58.92 11.43 10.27
N ASN J 100 -58.90 10.11 10.20
CA ASN J 100 -59.68 9.28 11.11
C ASN J 100 -59.31 9.60 12.55
N SER J 101 -60.32 9.73 13.41
CA SER J 101 -60.08 10.11 14.80
C SER J 101 -59.28 9.05 15.55
N SER J 102 -59.28 7.80 15.08
CA SER J 102 -58.50 6.76 15.75
C SER J 102 -57.01 7.03 15.67
N TRP J 103 -56.55 7.80 14.68
CA TRP J 103 -55.14 8.15 14.63
C TRP J 103 -54.76 9.15 15.72
N SER J 104 -55.73 9.88 16.29
CA SER J 104 -55.42 10.83 17.35
C SER J 104 -56.68 11.08 18.15
N ASN J 105 -56.70 10.64 19.42
CA ASN J 105 -57.79 10.97 20.32
C ASN J 105 -57.71 12.41 20.83
N ARG J 106 -56.50 12.94 20.97
CA ARG J 106 -56.32 14.32 21.41
C ARG J 106 -56.96 15.27 20.42
N ASN J 107 -57.56 16.35 20.93
CA ASN J 107 -58.35 17.23 20.09
C ASN J 107 -57.50 17.87 19.00
N LEU J 108 -58.10 18.03 17.83
CA LEU J 108 -57.39 18.40 16.62
C LEU J 108 -57.23 19.90 16.43
N SER J 109 -57.82 20.72 17.31
CA SER J 109 -57.56 22.15 17.37
C SER J 109 -56.68 22.56 18.54
N GLU J 110 -56.28 21.61 19.39
CA GLU J 110 -55.39 21.87 20.52
C GLU J 110 -53.93 21.63 20.20
N ILE J 111 -53.63 20.72 19.27
CA ILE J 111 -52.24 20.39 18.95
C ILE J 111 -51.51 21.59 18.38
N TRP J 112 -52.21 22.46 17.65
CA TRP J 112 -51.55 23.52 16.89
C TRP J 112 -51.06 24.68 17.74
N ASP J 113 -51.39 24.72 19.04
CA ASP J 113 -50.93 25.82 19.89
C ASP J 113 -50.51 25.34 21.28
N ASN J 114 -50.28 24.04 21.48
CA ASN J 114 -49.85 23.49 22.76
C ASN J 114 -48.64 22.58 22.64
N MET J 115 -48.55 21.81 21.55
CA MET J 115 -47.62 20.70 21.45
C MET J 115 -46.38 21.10 20.65
N THR J 116 -45.24 20.54 21.04
CA THR J 116 -43.99 20.72 20.31
C THR J 116 -43.94 19.67 19.20
N TRP J 117 -43.27 20.02 18.09
CA TRP J 117 -43.25 19.14 16.93
C TRP J 117 -42.68 17.76 17.27
N LEU J 118 -41.69 17.71 18.16
CA LEU J 118 -41.12 16.43 18.57
C LEU J 118 -42.16 15.56 19.25
N GLN J 119 -42.95 16.14 20.15
CA GLN J 119 -44.01 15.38 20.81
C GLN J 119 -45.00 14.85 19.80
N TRP J 120 -45.26 15.61 18.73
CA TRP J 120 -46.11 15.09 17.67
C TRP J 120 -45.45 13.91 16.95
N ASP J 121 -44.14 13.99 16.73
CA ASP J 121 -43.45 12.91 16.04
C ASP J 121 -43.51 11.61 16.84
N LYS J 122 -43.24 11.69 18.15
CA LYS J 122 -43.24 10.48 18.97
C LYS J 122 -44.62 9.85 19.05
N GLU J 123 -45.69 10.64 18.95
CA GLU J 123 -47.03 10.10 19.08
C GLU J 123 -47.44 9.35 17.82
N ILE J 124 -47.37 10.01 16.66
CA ILE J 124 -47.97 9.51 15.43
C ILE J 124 -46.97 8.74 14.56
N SER J 125 -45.71 8.61 15.01
CA SER J 125 -44.75 7.80 14.27
C SER J 125 -45.14 6.33 14.22
N ASN J 126 -46.06 5.88 15.07
CA ASN J 126 -46.52 4.50 15.01
C ASN J 126 -47.25 4.22 13.71
N TYR J 127 -48.09 5.15 13.25
CA TYR J 127 -49.00 4.94 12.13
C TYR J 127 -48.48 5.55 10.84
N THR J 128 -47.16 5.66 10.69
CA THR J 128 -46.62 6.44 9.57
C THR J 128 -46.88 5.74 8.23
N GLN J 129 -46.66 4.44 8.15
CA GLN J 129 -46.73 3.76 6.87
C GLN J 129 -48.15 3.61 6.34
N ILE J 130 -49.15 3.74 7.20
CA ILE J 130 -50.54 3.72 6.72
C ILE J 130 -50.82 4.96 5.89
N ILE J 131 -50.68 6.13 6.50
CA ILE J 131 -50.97 7.39 5.82
C ILE J 131 -50.07 7.62 4.63
N TYR J 132 -48.81 7.17 4.70
CA TYR J 132 -47.94 7.25 3.54
C TYR J 132 -48.50 6.43 2.38
N GLY J 133 -48.92 5.20 2.68
CA GLY J 133 -49.44 4.33 1.63
C GLY J 133 -50.68 4.88 0.96
N LEU J 134 -51.55 5.53 1.74
CA LEU J 134 -52.74 6.12 1.15
C LEU J 134 -52.38 7.24 0.18
N LEU J 135 -51.43 8.09 0.56
CA LEU J 135 -51.02 9.18 -0.32
C LEU J 135 -50.32 8.68 -1.58
N GLU J 136 -49.66 7.52 -1.50
CA GLU J 136 -49.00 6.96 -2.67
C GLU J 136 -50.01 6.67 -3.78
N GLU J 137 -51.24 6.32 -3.43
CA GLU J 137 -52.31 6.05 -4.39
C GLU J 137 -53.28 7.22 -4.54
N SER J 138 -53.48 8.01 -3.48
CA SER J 138 -54.45 9.11 -3.56
C SER J 138 -53.96 10.26 -4.43
N GLN J 139 -52.67 10.26 -4.83
CA GLN J 139 -52.20 11.15 -5.87
C GLN J 139 -52.34 10.53 -7.25
N ASN J 140 -52.01 9.24 -7.37
CA ASN J 140 -52.18 8.58 -8.66
C ASN J 140 -53.65 8.48 -9.04
N GLN J 141 -54.55 8.47 -8.05
CA GLN J 141 -55.97 8.43 -8.34
C GLN J 141 -56.41 9.68 -9.09
N GLN J 142 -56.10 10.86 -8.55
CA GLN J 142 -56.50 12.10 -9.21
C GLN J 142 -55.68 12.35 -10.49
N GLU J 143 -54.49 11.77 -10.58
CA GLU J 143 -53.72 11.87 -11.82
C GLU J 143 -54.46 11.20 -12.96
N LYS J 144 -55.05 10.04 -12.70
CA LYS J 144 -55.80 9.33 -13.74
C LYS J 144 -57.00 10.14 -14.20
N ASN J 145 -57.73 10.74 -13.25
CA ASN J 145 -58.89 11.55 -13.62
C ASN J 145 -58.47 12.77 -14.42
N GLU J 146 -57.36 13.41 -14.03
CA GLU J 146 -56.82 14.50 -14.83
C GLU J 146 -56.37 14.00 -16.20
N GLN J 147 -55.69 12.85 -16.23
CA GLN J 147 -55.23 12.30 -17.50
C GLN J 147 -56.40 11.86 -18.37
N ASP J 148 -57.42 11.26 -17.77
CA ASP J 148 -58.60 10.82 -18.50
C ASP J 148 -59.57 11.94 -18.80
N LEU J 149 -59.30 13.16 -18.33
CA LEU J 149 -60.13 14.30 -18.71
C LEU J 149 -60.01 14.60 -20.20
N LEU J 150 -58.89 14.24 -20.82
CA LEU J 150 -58.64 14.48 -22.24
C LEU J 150 -58.26 13.20 -22.99
N ALA J 151 -57.64 12.25 -22.31
CA ALA J 151 -57.17 11.03 -22.96
C ALA J 151 -58.33 10.20 -23.51
N GLN K 1 35.16 30.42 57.22
CA GLN K 1 34.36 29.21 57.51
C GLN K 1 34.96 27.99 56.79
N VAL K 2 35.54 28.23 55.62
CA VAL K 2 36.15 27.19 54.80
C VAL K 2 37.63 27.49 54.63
N GLN K 3 38.44 26.46 54.79
CA GLN K 3 39.89 26.55 54.61
C GLN K 3 40.35 25.27 53.95
N LEU K 4 41.10 25.40 52.86
CA LEU K 4 41.48 24.25 52.04
C LEU K 4 42.88 23.71 52.33
N VAL K 5 43.79 24.56 52.83
CA VAL K 5 45.16 24.24 53.26
C VAL K 5 45.78 23.07 52.50
N GLN K 6 46.33 23.35 51.32
CA GLN K 6 46.89 22.31 50.48
C GLN K 6 48.32 21.97 50.93
N SER K 7 48.97 21.11 50.15
CA SER K 7 50.35 20.75 50.41
C SER K 7 51.28 21.93 50.13
N GLY K 8 52.49 21.85 50.69
CA GLY K 8 53.51 22.86 50.43
C GLY K 8 54.21 22.63 49.10
N ALA K 9 55.52 22.86 49.09
CA ALA K 9 56.30 22.64 47.88
C ALA K 9 56.38 21.16 47.54
N GLN K 10 56.33 20.86 46.25
CA GLN K 10 56.52 19.52 45.72
C GLN K 10 57.57 19.56 44.61
N MET K 11 58.28 18.44 44.44
CA MET K 11 59.37 18.33 43.48
C MET K 11 59.22 17.05 42.67
N LYS K 12 59.37 17.16 41.35
CA LYS K 12 59.32 16.02 40.46
C LYS K 12 60.19 16.33 39.24
N ASN K 13 60.44 15.30 38.44
CA ASN K 13 61.19 15.41 37.19
C ASN K 13 60.25 15.24 36.01
N PRO K 14 60.63 15.71 34.81
CA PRO K 14 59.71 15.63 33.66
C PRO K 14 59.39 14.19 33.30
N GLY K 15 58.15 13.99 32.84
CA GLY K 15 57.67 12.70 32.40
C GLY K 15 57.02 11.85 33.47
N ALA K 16 57.06 12.27 34.74
CA ALA K 16 56.49 11.52 35.84
C ALA K 16 55.06 11.99 36.09
N SER K 17 54.46 11.55 37.20
CA SER K 17 53.13 11.94 37.62
C SER K 17 53.21 12.54 39.01
N VAL K 18 52.57 13.70 39.19
CA VAL K 18 52.68 14.48 40.42
C VAL K 18 51.39 14.33 41.22
N LYS K 19 51.53 14.10 42.53
CA LYS K 19 50.41 13.99 43.45
C LYS K 19 50.23 15.33 44.16
N VAL K 20 49.42 16.20 43.56
CA VAL K 20 49.00 17.45 44.19
C VAL K 20 47.67 17.19 44.89
N SER K 21 47.48 17.83 46.05
CA SER K 21 46.32 17.55 46.88
C SER K 21 45.94 18.81 47.65
N CYS K 22 44.68 18.84 48.10
CA CYS K 22 44.17 19.92 48.94
C CYS K 22 43.29 19.36 50.04
N ALA K 23 43.46 19.86 51.26
CA ALA K 23 42.85 19.30 52.47
C ALA K 23 41.70 20.16 52.97
N PRO K 24 40.47 19.98 52.46
CA PRO K 24 39.36 20.84 52.91
C PRO K 24 39.06 20.67 54.39
N SER K 25 38.61 21.78 54.98
CA SER K 25 38.27 21.82 56.40
C SER K 25 37.18 22.85 56.62
N GLY K 26 36.45 22.68 57.72
CA GLY K 26 35.42 23.63 58.11
C GLY K 26 34.08 23.44 57.43
N TYR K 27 33.92 22.40 56.62
CA TYR K 27 32.64 22.17 55.96
C TYR K 27 32.56 20.70 55.56
N THR K 28 31.34 20.24 55.29
CA THR K 28 31.13 18.85 54.89
C THR K 28 31.65 18.65 53.48
N PHE K 29 32.61 17.73 53.33
CA PHE K 29 33.37 17.64 52.09
C PHE K 29 32.50 17.28 50.90
N THR K 30 31.49 16.43 51.10
CA THR K 30 30.71 15.85 50.02
C THR K 30 29.51 16.72 49.62
N ASP K 31 29.57 18.03 49.86
CA ASP K 31 28.49 18.96 49.51
C ASP K 31 28.88 20.03 48.51
N PHE K 32 30.14 20.09 48.08
CA PHE K 32 30.61 21.11 47.14
C PHE K 32 31.51 20.48 46.10
N TYR K 33 31.39 20.93 44.86
CA TYR K 33 32.33 20.53 43.82
C TYR K 33 33.73 21.01 44.17
N ILE K 34 34.72 20.40 43.51
CA ILE K 34 36.12 20.79 43.63
C ILE K 34 36.61 21.17 42.25
N HIS K 35 37.03 22.42 42.08
CA HIS K 35 37.56 22.94 40.82
C HIS K 35 39.06 23.16 41.00
N TRP K 36 39.85 22.65 40.05
CA TRP K 36 41.30 22.78 40.06
C TRP K 36 41.73 23.82 39.02
N LEU K 37 42.68 24.67 39.40
CA LEU K 37 43.08 25.81 38.59
C LEU K 37 44.60 25.89 38.48
N ARG K 38 45.09 26.20 37.27
CA ARG K 38 46.50 26.44 37.00
C ARG K 38 46.78 27.93 37.08
N GLN K 39 48.01 28.27 37.42
CA GLN K 39 48.50 29.65 37.28
C GLN K 39 50.00 29.57 36.99
N ALA K 40 50.34 29.53 35.71
CA ALA K 40 51.75 29.58 35.33
C ALA K 40 52.27 31.00 35.54
N PRO K 41 53.57 31.16 35.81
CA PRO K 41 54.08 32.49 36.21
C PRO K 41 53.98 33.48 35.07
N GLY K 42 53.23 34.56 35.28
CA GLY K 42 53.11 35.66 34.37
C GLY K 42 51.80 35.71 33.59
N GLN K 43 51.15 34.58 33.39
CA GLN K 43 49.88 34.50 32.67
C GLN K 43 48.74 34.30 33.66
N GLY K 44 47.52 34.35 33.13
CA GLY K 44 46.34 34.25 33.95
C GLY K 44 45.96 32.82 34.28
N LEU K 45 44.90 32.71 35.08
CA LEU K 45 44.41 31.39 35.47
C LEU K 45 43.94 30.62 34.24
N GLN K 46 44.15 29.31 34.29
CA GLN K 46 43.63 28.38 33.28
C GLN K 46 42.97 27.22 33.99
N TRP K 47 41.73 26.92 33.59
CA TRP K 47 40.95 25.92 34.30
C TRP K 47 41.41 24.51 33.92
N MET K 48 41.39 23.61 34.89
CA MET K 48 41.90 22.25 34.75
C MET K 48 40.78 21.22 34.66
N GLY K 49 39.91 21.17 35.68
CA GLY K 49 38.84 20.18 35.70
C GLY K 49 38.08 20.14 37.01
N TRP K 50 36.76 19.99 36.94
CA TRP K 50 35.93 19.94 38.13
C TRP K 50 35.77 18.51 38.60
N MET K 51 35.64 18.36 39.92
CA MET K 51 35.52 17.05 40.55
C MET K 51 34.26 17.01 41.41
N ASN K 52 33.43 16.01 41.17
CA ASN K 52 32.31 15.72 42.04
C ASN K 52 32.79 14.84 43.19
N PRO K 53 32.64 15.26 44.47
CA PRO K 53 33.12 14.40 45.55
C PRO K 53 32.19 13.27 45.93
N GLN K 54 30.87 13.44 45.76
CA GLN K 54 29.95 12.36 46.12
C GLN K 54 30.13 11.16 45.20
N THR K 55 30.10 11.40 43.89
CA THR K 55 30.35 10.38 42.88
C THR K 55 31.63 10.74 42.13
N GLY K 56 32.42 9.73 41.77
CA GLY K 56 33.74 9.98 41.25
C GLY K 56 33.83 10.49 39.83
N ARG K 57 32.74 10.95 39.22
CA ARG K 57 32.81 11.45 37.87
C ARG K 57 33.62 12.75 37.81
N THR K 58 34.39 12.89 36.74
CA THR K 58 35.29 14.04 36.56
C THR K 58 35.28 14.49 35.12
N ASN K 59 35.81 15.70 34.90
CA ASN K 59 35.93 16.27 33.57
C ASN K 59 37.20 17.11 33.53
N THR K 60 37.64 17.45 32.32
CA THR K 60 38.90 18.16 32.14
C THR K 60 38.80 19.00 30.88
N ALA K 61 39.49 20.15 30.90
CA ALA K 61 39.51 21.02 29.73
C ALA K 61 40.22 20.31 28.58
N ARG K 62 39.91 20.76 27.36
CA ARG K 62 40.38 20.04 26.18
C ARG K 62 41.90 20.17 26.02
N ASN K 63 42.49 21.24 26.56
CA ASN K 63 43.94 21.39 26.52
C ASN K 63 44.67 20.41 27.44
N PHE K 64 43.95 19.67 28.29
CA PHE K 64 44.57 18.78 29.26
C PHE K 64 43.96 17.38 29.28
N GLN K 65 43.00 17.09 28.39
CA GLN K 65 42.30 15.82 28.45
C GLN K 65 43.27 14.66 28.19
N GLY K 66 43.10 13.59 28.93
CA GLY K 66 44.01 12.44 28.90
C GLY K 66 45.16 12.57 29.87
N ARG K 67 45.82 13.72 29.88
CA ARG K 67 47.00 13.90 30.72
C ARG K 67 46.65 14.03 32.20
N VAL K 68 45.43 14.44 32.54
CA VAL K 68 45.04 14.74 33.91
C VAL K 68 44.08 13.67 34.39
N THR K 69 44.43 13.03 35.52
CA THR K 69 43.58 12.07 36.20
C THR K 69 43.44 12.50 37.65
N MET K 70 42.26 12.30 38.22
CA MET K 70 41.95 12.79 39.56
C MET K 70 41.11 11.74 40.28
N THR K 71 41.24 11.71 41.61
CA THR K 71 40.39 10.87 42.43
C THR K 71 40.01 11.60 43.71
N ARG K 72 38.89 11.18 44.29
CA ARG K 72 38.36 11.75 45.51
C ARG K 72 38.92 11.01 46.73
N ASP K 73 38.64 11.57 47.91
CA ASP K 73 38.94 10.91 49.18
C ASP K 73 37.88 11.37 50.19
N THR K 74 36.81 10.59 50.32
CA THR K 74 35.75 10.95 51.26
C THR K 74 36.13 10.66 52.70
N SER K 75 37.10 9.76 52.93
CA SER K 75 37.50 9.45 54.30
C SER K 75 38.15 10.65 54.98
N ILE K 76 38.97 11.39 54.24
CA ILE K 76 39.76 12.49 54.79
C ILE K 76 39.31 13.81 54.18
N GLY K 77 38.80 13.76 52.95
CA GLY K 77 38.46 14.95 52.20
C GLY K 77 39.53 15.42 51.24
N THR K 78 40.74 14.86 51.32
CA THR K 78 41.87 15.31 50.51
C THR K 78 41.76 14.73 49.11
N ALA K 79 41.21 15.51 48.19
CA ALA K 79 41.17 15.09 46.79
C ALA K 79 42.57 15.12 46.20
N TYR K 80 42.81 14.25 45.23
CA TYR K 80 44.13 14.05 44.63
C TYR K 80 44.09 14.41 43.15
N MET K 81 45.24 14.88 42.65
CA MET K 81 45.44 15.16 41.23
C MET K 81 46.62 14.34 40.73
N GLU K 82 46.51 13.88 39.48
CA GLU K 82 47.57 13.15 38.79
C GLU K 82 47.73 13.75 37.40
N LEU K 83 48.92 14.30 37.13
CA LEU K 83 49.24 14.90 35.83
C LEU K 83 50.31 14.04 35.16
N ARG K 84 49.86 13.11 34.32
CA ARG K 84 50.76 12.22 33.60
C ARG K 84 51.38 12.94 32.41
N SER K 85 52.51 12.40 31.94
CA SER K 85 53.28 13.01 30.85
C SER K 85 53.71 14.43 31.21
N LEU K 86 54.42 14.53 32.33
CA LEU K 86 54.74 15.81 32.92
C LEU K 86 55.82 16.52 32.09
N THR K 87 55.75 17.85 32.06
CA THR K 87 56.69 18.66 31.29
C THR K 87 57.11 19.87 32.11
N SER K 88 58.29 20.40 31.79
CA SER K 88 58.80 21.59 32.48
C SER K 88 57.93 22.81 32.21
N ASP K 89 57.19 22.83 31.09
CA ASP K 89 56.26 23.93 30.84
C ASP K 89 55.12 23.97 31.85
N ASP K 90 54.90 22.88 32.58
CA ASP K 90 53.89 22.83 33.64
C ASP K 90 54.43 23.33 34.98
N THR K 91 55.53 24.10 34.98
CA THR K 91 56.04 24.73 36.19
C THR K 91 55.08 25.86 36.55
N ALA K 92 53.96 25.48 37.14
CA ALA K 92 52.88 26.39 37.46
C ALA K 92 52.34 26.08 38.84
N ILE K 93 51.77 27.09 39.47
CA ILE K 93 51.16 26.92 40.78
C ILE K 93 49.76 26.36 40.57
N TYR K 94 49.44 25.29 41.30
CA TYR K 94 48.16 24.60 41.17
C TYR K 94 47.29 24.92 42.38
N TYR K 95 46.02 25.22 42.12
CA TYR K 95 45.09 25.72 43.12
C TYR K 95 43.96 24.74 43.32
N CYS K 96 43.34 24.82 44.51
CA CYS K 96 42.17 24.01 44.85
C CYS K 96 41.08 24.92 45.39
N THR K 97 39.85 24.69 44.94
CA THR K 97 38.74 25.61 45.16
C THR K 97 37.45 24.85 45.37
N THR K 98 36.54 25.43 46.16
CA THR K 98 35.20 24.90 46.34
C THR K 98 34.28 25.50 45.27
N GLY K 99 33.62 24.65 44.50
CA GLY K 99 32.74 25.09 43.43
C GLY K 99 31.39 25.52 43.94
N GLY K 100 30.37 25.26 43.12
CA GLY K 100 29.00 25.57 43.50
C GLY K 100 28.45 24.62 44.53
N TRP K 101 27.13 24.43 44.54
CA TRP K 101 26.45 23.54 45.47
C TRP K 101 25.93 22.33 44.72
N ILE K 102 26.26 21.14 45.21
CA ILE K 102 25.78 19.90 44.61
C ILE K 102 24.36 19.63 45.09
N SER K 103 23.50 19.20 44.18
CA SER K 103 22.12 18.89 44.50
C SER K 103 21.63 17.81 43.55
N LEU K 104 20.40 17.34 43.80
CA LEU K 104 19.82 16.22 43.07
C LEU K 104 18.96 16.65 41.89
N TYR K 105 18.84 17.95 41.61
CA TYR K 105 17.84 18.45 40.69
C TYR K 105 18.35 19.36 39.58
N TYR K 106 19.59 19.83 39.64
CA TYR K 106 20.10 20.65 38.54
C TYR K 106 21.62 20.58 38.51
N ASP K 107 22.17 20.34 37.32
CA ASP K 107 23.62 20.28 37.14
C ASP K 107 24.23 21.64 37.47
N SER K 108 25.15 21.66 38.43
CA SER K 108 25.83 22.88 38.87
C SER K 108 27.34 22.72 38.84
N SER K 109 27.85 21.87 37.94
CA SER K 109 29.29 21.66 37.84
C SER K 109 29.98 22.86 37.20
N TYR K 110 29.42 23.39 36.12
CA TYR K 110 30.05 24.48 35.39
C TYR K 110 29.80 25.85 36.02
N TYR K 111 29.06 25.92 37.14
CA TYR K 111 28.78 27.21 37.76
C TYR K 111 30.08 27.81 38.28
N PRO K 112 30.66 28.84 37.61
CA PRO K 112 32.02 29.24 37.97
C PRO K 112 32.08 30.25 39.11
N ASN K 113 31.86 29.75 40.33
CA ASN K 113 31.87 30.61 41.51
C ASN K 113 33.26 30.64 42.15
N PHE K 114 33.78 29.49 42.58
CA PHE K 114 35.13 29.40 43.16
C PHE K 114 35.23 30.27 44.42
N ASP K 115 34.41 29.94 45.42
CA ASP K 115 34.28 30.82 46.58
C ASP K 115 35.59 30.94 47.36
N HIS K 116 36.17 29.80 47.73
CA HIS K 116 37.30 29.75 48.66
C HIS K 116 38.50 29.09 47.98
N TRP K 117 39.69 29.51 48.37
CA TRP K 117 40.92 29.20 47.65
C TRP K 117 41.88 28.37 48.50
N GLY K 118 42.94 27.88 47.83
CA GLY K 118 44.15 27.43 48.48
C GLY K 118 45.26 28.44 48.30
N GLN K 119 46.40 28.15 48.91
CA GLN K 119 47.48 29.12 49.09
C GLN K 119 48.62 28.93 48.10
N GLY K 120 48.42 28.19 47.02
CA GLY K 120 49.38 28.12 45.95
C GLY K 120 50.58 27.27 46.32
N THR K 121 50.80 26.24 45.51
CA THR K 121 51.89 25.29 45.73
C THR K 121 52.89 25.45 44.60
N LEU K 122 54.14 25.71 44.96
CA LEU K 122 55.17 26.06 43.99
C LEU K 122 55.76 24.76 43.43
N LEU K 123 55.17 24.29 42.33
CA LEU K 123 55.62 23.08 41.67
C LEU K 123 56.50 23.45 40.48
N THR K 124 57.77 23.06 40.54
CA THR K 124 58.75 23.30 39.48
C THR K 124 59.28 21.97 39.02
N VAL K 125 59.44 21.82 37.71
CA VAL K 125 59.76 20.54 37.08
C VAL K 125 60.95 20.78 36.16
N SER K 126 62.03 20.03 36.38
CA SER K 126 63.21 20.10 35.52
C SER K 126 64.19 18.99 35.90
N SER L 2 44.74 31.74 26.64
CA SER L 2 43.67 30.91 27.26
C SER L 2 42.28 31.41 26.84
N ALA L 3 42.20 31.96 25.62
CA ALA L 3 40.97 32.55 25.10
C ALA L 3 40.51 33.71 25.98
N LEU L 4 39.35 34.28 25.67
CA LEU L 4 38.76 35.40 26.42
C LEU L 4 39.75 36.58 26.48
N THR L 5 40.01 37.15 25.30
CA THR L 5 40.84 38.33 25.20
C THR L 5 40.26 39.45 26.07
N GLN L 6 41.14 40.19 26.72
CA GLN L 6 40.74 41.10 27.77
C GLN L 6 41.70 42.29 27.77
N PRO L 7 41.30 43.45 28.32
CA PRO L 7 42.22 44.60 28.30
C PRO L 7 43.40 44.43 29.25
N ALA L 8 44.45 43.76 28.78
CA ALA L 8 45.51 43.21 29.62
C ALA L 8 46.15 44.20 30.59
N SER L 9 46.01 45.51 30.36
CA SER L 9 46.45 46.48 31.35
C SER L 9 45.75 47.80 31.07
N VAL L 10 44.99 48.29 32.06
CA VAL L 10 44.30 49.58 31.97
C VAL L 10 44.72 50.40 33.18
N SER L 11 45.35 51.54 32.94
CA SER L 11 45.86 52.40 34.01
C SER L 11 44.75 53.33 34.50
N GLY L 12 45.06 54.06 35.57
CA GLY L 12 44.08 54.97 36.14
C GLY L 12 44.68 55.78 37.25
N SER L 13 43.79 56.41 38.02
CA SER L 13 44.17 57.28 39.12
C SER L 13 43.07 57.23 40.16
N PRO L 14 43.29 57.80 41.34
CA PRO L 14 42.21 57.84 42.34
C PRO L 14 41.08 58.77 41.90
N GLY L 15 39.85 58.24 41.90
CA GLY L 15 38.65 59.06 41.81
C GLY L 15 37.63 58.68 40.75
N GLN L 16 38.08 58.23 39.59
CA GLN L 16 37.21 57.96 38.45
C GLN L 16 36.83 56.49 38.37
N SER L 17 35.85 56.21 37.50
CA SER L 17 35.36 54.87 37.24
C SER L 17 35.95 54.32 35.94
N ILE L 18 36.14 53.01 35.91
CA ILE L 18 36.71 52.30 34.77
C ILE L 18 35.84 51.07 34.49
N THR L 19 35.69 50.75 33.21
CA THR L 19 34.99 49.54 32.76
C THR L 19 36.04 48.58 32.21
N ILE L 20 36.13 47.40 32.82
CA ILE L 20 37.03 46.33 32.41
C ILE L 20 36.19 45.23 31.78
N SER L 21 36.55 44.83 30.56
CA SER L 21 35.70 44.00 29.72
C SER L 21 36.11 42.52 29.78
N CYS L 22 35.37 41.70 29.03
CA CYS L 22 35.60 40.25 28.97
C CYS L 22 34.93 39.75 27.69
N THR L 23 35.72 39.46 26.66
CA THR L 23 35.21 39.24 25.31
C THR L 23 35.05 37.75 25.05
N GLY L 24 33.80 37.33 24.78
CA GLY L 24 33.47 35.95 24.47
C GLY L 24 33.03 35.79 23.03
N THR L 25 33.14 34.58 22.46
CA THR L 25 32.89 34.43 21.03
C THR L 25 31.41 34.27 20.72
N LYS L 26 30.83 33.11 21.04
CA LYS L 26 29.39 32.93 20.94
C LYS L 26 28.84 32.18 22.16
N TYR L 27 29.59 31.20 22.65
CA TYR L 27 29.09 30.19 23.57
C TYR L 27 29.41 30.51 25.03
N ASP L 28 30.68 30.81 25.32
CA ASP L 28 31.13 30.94 26.71
C ASP L 28 30.36 32.02 27.47
N VAL L 29 30.28 33.22 26.90
CA VAL L 29 29.60 34.33 27.54
C VAL L 29 28.21 34.50 26.93
N GLY L 30 28.09 34.26 25.62
CA GLY L 30 26.85 34.50 24.93
C GLY L 30 25.73 33.52 25.23
N SER L 31 26.07 32.25 25.41
CA SER L 31 25.01 31.23 25.50
C SER L 31 24.20 31.37 26.78
N HIS L 32 24.88 31.43 27.92
CA HIS L 32 24.21 31.41 29.22
C HIS L 32 24.68 32.68 29.95
N ASP L 33 24.27 32.85 31.21
CA ASP L 33 24.50 34.09 31.94
C ASP L 33 25.26 33.89 33.25
N LEU L 34 26.42 33.22 33.21
CA LEU L 34 27.28 33.09 34.39
C LEU L 34 28.62 33.74 34.09
N VAL L 35 28.99 34.75 34.87
CA VAL L 35 30.33 35.34 34.80
C VAL L 35 30.75 35.70 36.23
N SER L 36 32.08 35.73 36.45
CA SER L 36 32.63 36.08 37.75
C SER L 36 34.01 36.71 37.57
N TRP L 37 34.38 37.59 38.51
CA TRP L 37 35.65 38.31 38.48
C TRP L 37 36.44 38.03 39.75
N TYR L 38 37.76 37.90 39.60
CA TYR L 38 38.66 37.49 40.68
C TYR L 38 39.87 38.40 40.73
N GLN L 39 40.22 38.86 41.93
CA GLN L 39 41.25 39.86 42.16
C GLN L 39 42.48 39.16 42.74
N GLN L 40 43.59 39.11 41.99
CA GLN L 40 44.85 38.65 42.57
C GLN L 40 45.53 39.87 43.16
N TYR L 41 45.81 39.84 44.44
CA TYR L 41 46.85 40.68 44.96
C TYR L 41 48.17 40.26 44.33
N PRO L 42 49.08 41.20 44.00
CA PRO L 42 50.20 40.85 43.11
C PRO L 42 51.11 39.77 43.69
N GLY L 43 51.21 38.66 42.96
CA GLY L 43 52.01 37.53 43.39
C GLY L 43 51.36 36.62 44.39
N LYS L 44 50.07 36.81 44.69
CA LYS L 44 49.35 36.08 45.73
C LYS L 44 48.17 35.34 45.11
N VAL L 45 47.35 34.74 45.96
CA VAL L 45 46.19 33.98 45.52
C VAL L 45 45.04 34.95 45.22
N PRO L 46 44.19 34.70 44.22
CA PRO L 46 43.03 35.56 44.01
C PRO L 46 42.00 35.42 45.11
N LYS L 47 40.98 36.27 45.03
CA LYS L 47 39.80 36.18 45.89
C LYS L 47 38.59 36.60 45.07
N TYR L 48 37.49 36.92 45.74
CA TYR L 48 36.15 36.92 45.16
C TYR L 48 35.48 38.28 45.28
N MET L 49 34.76 38.70 44.21
CA MET L 49 33.94 39.90 44.28
C MET L 49 32.55 39.81 43.64
N ILE L 50 32.31 38.92 42.66
CA ILE L 50 31.08 38.93 41.84
C ILE L 50 30.66 37.51 41.50
N TYR L 51 29.34 37.30 41.48
CA TYR L 51 28.69 36.18 40.80
C TYR L 51 27.48 36.67 40.03
N GLU L 52 27.09 35.87 39.02
CA GLU L 52 25.93 36.18 38.17
C GLU L 52 26.07 37.56 37.54
N VAL L 53 27.29 37.89 37.13
CA VAL L 53 27.61 39.11 36.40
C VAL L 53 27.49 40.36 37.28
N ASN L 54 26.31 40.62 37.84
CA ASN L 54 26.00 41.92 38.46
C ASN L 54 25.46 41.75 39.87
N LYS L 55 26.05 40.86 40.67
CA LYS L 55 25.72 40.73 42.08
C LYS L 55 27.01 40.50 42.87
N ARG L 56 26.90 40.56 44.19
CA ARG L 56 28.05 40.54 45.09
C ARG L 56 27.89 39.48 46.17
N PRO L 57 29.00 38.95 46.72
CA PRO L 57 28.90 38.08 47.90
C PRO L 57 29.00 38.88 49.19
N SER L 58 29.02 38.20 50.32
CA SER L 58 29.33 38.87 51.58
C SER L 58 30.78 39.36 51.57
N GLY L 59 30.98 40.57 52.09
CA GLY L 59 32.31 41.13 52.22
C GLY L 59 32.83 41.90 51.02
N VAL L 60 31.94 42.43 50.18
CA VAL L 60 32.32 43.20 48.99
C VAL L 60 31.49 44.47 48.96
N SER L 61 32.13 45.56 48.58
CA SER L 61 31.50 46.88 48.61
C SER L 61 30.65 47.08 47.35
N ASN L 62 30.14 48.30 47.18
CA ASN L 62 29.31 48.65 46.03
C ASN L 62 30.18 48.85 44.78
N ARG L 63 31.42 49.30 44.97
CA ARG L 63 32.24 49.75 43.84
C ARG L 63 32.49 48.64 42.82
N PHE L 64 32.55 47.39 43.27
CA PHE L 64 32.89 46.26 42.40
C PHE L 64 31.65 45.75 41.67
N SER L 65 31.07 46.61 40.85
CA SER L 65 29.86 46.31 40.11
C SER L 65 30.19 45.61 38.80
N GLY L 66 29.16 45.32 38.02
CA GLY L 66 29.32 44.68 36.73
C GLY L 66 27.99 44.60 35.99
N SER L 67 28.06 44.16 34.74
CA SER L 67 26.87 44.02 33.92
C SER L 67 27.22 43.23 32.66
N LYS L 68 26.20 42.63 32.07
CA LYS L 68 26.34 41.91 30.81
C LYS L 68 26.05 42.83 29.64
N SER L 69 26.74 42.60 28.53
CA SER L 69 26.58 43.39 27.31
C SER L 69 26.48 42.46 26.10
N GLY L 70 25.64 41.43 26.21
CA GLY L 70 25.45 40.49 25.12
C GLY L 70 26.58 39.49 24.99
N ASN L 71 27.39 39.65 23.95
CA ASN L 71 28.53 38.78 23.72
C ASN L 71 29.80 39.28 24.41
N THR L 72 29.65 40.05 25.49
CA THR L 72 30.78 40.56 26.24
C THR L 72 30.27 41.03 27.60
N ALA L 73 30.95 40.61 28.66
CA ALA L 73 30.65 41.03 30.02
C ALA L 73 31.77 41.92 30.53
N SER L 74 31.42 42.89 31.37
CA SER L 74 32.37 43.91 31.79
C SER L 74 32.16 44.28 33.25
N LEU L 75 33.22 44.12 34.05
CA LEU L 75 33.25 44.70 35.38
C LEU L 75 33.27 46.22 35.28
N THR L 76 32.71 46.88 36.29
CA THR L 76 32.67 48.33 36.37
C THR L 76 33.20 48.74 37.74
N ILE L 77 34.51 48.93 37.83
CA ILE L 77 35.14 49.37 39.08
C ILE L 77 34.85 50.87 39.19
N SER L 78 33.79 51.19 39.93
CA SER L 78 33.30 52.57 40.03
C SER L 78 33.99 53.26 41.20
N GLY L 79 34.71 54.33 40.91
CA GLY L 79 35.49 55.02 41.93
C GLY L 79 36.80 54.29 42.22
N LEU L 80 37.66 54.21 41.20
CA LEU L 80 38.95 53.54 41.37
C LEU L 80 39.79 54.27 42.40
N ARG L 81 40.50 53.51 43.24
CA ARG L 81 41.36 54.07 44.27
C ARG L 81 42.64 53.24 44.33
N ALA L 82 43.53 53.62 45.25
CA ALA L 82 44.83 52.96 45.38
C ALA L 82 44.70 51.50 45.81
N GLU L 83 43.58 51.12 46.42
CA GLU L 83 43.38 49.73 46.81
C GLU L 83 43.30 48.80 45.59
N ASP L 84 43.00 49.34 44.40
CA ASP L 84 42.77 48.54 43.21
C ASP L 84 44.06 48.13 42.48
N GLU L 85 45.22 48.20 43.13
CA GLU L 85 46.46 47.72 42.54
C GLU L 85 46.40 46.19 42.56
N ALA L 86 45.90 45.61 41.47
CA ALA L 86 45.65 44.18 41.39
C ALA L 86 45.25 43.84 39.95
N ASP L 87 45.01 42.56 39.70
CA ASP L 87 44.55 42.06 38.41
C ASP L 87 43.23 41.33 38.57
N TYR L 88 42.23 41.69 37.75
CA TYR L 88 40.84 41.27 37.91
C TYR L 88 40.50 40.24 36.85
N TYR L 89 40.52 38.96 37.22
CA TYR L 89 40.39 37.87 36.26
C TYR L 89 38.93 37.54 36.01
N CYS L 90 38.53 37.63 34.75
CA CYS L 90 37.22 37.18 34.31
C CYS L 90 37.21 35.67 34.12
N CYS L 91 36.19 35.03 34.66
CA CYS L 91 35.90 33.63 34.40
C CYS L 91 34.42 33.50 34.11
N SER L 92 34.07 32.49 33.33
CA SER L 92 32.69 32.36 32.88
C SER L 92 32.44 30.93 32.43
N PHE L 93 31.17 30.62 32.20
CA PHE L 93 30.78 29.40 31.50
C PHE L 93 31.52 29.33 30.16
N GLY L 94 31.86 28.13 29.75
CA GLY L 94 32.71 27.93 28.58
C GLY L 94 32.15 26.95 27.57
N GLY L 95 30.83 26.78 27.55
CA GLY L 95 30.22 25.82 26.64
C GLY L 95 30.45 24.40 27.10
N SER L 96 29.71 23.46 26.51
CA SER L 96 29.80 22.05 26.87
C SER L 96 29.61 21.89 28.38
N ALA L 97 30.69 21.57 29.13
CA ALA L 97 30.64 21.64 30.59
C ALA L 97 31.96 22.15 31.15
N THR L 98 32.64 23.03 30.41
CA THR L 98 33.95 23.54 30.78
C THR L 98 33.84 25.01 31.19
N VAL L 99 34.60 25.38 32.22
CA VAL L 99 34.73 26.76 32.66
C VAL L 99 36.05 27.29 32.11
N VAL L 100 35.99 28.41 31.40
CA VAL L 100 37.17 29.05 30.84
C VAL L 100 37.53 30.25 31.70
N CYS L 101 38.79 30.68 31.60
CA CYS L 101 39.34 31.76 32.39
C CYS L 101 39.93 32.83 31.48
N GLY L 102 39.79 34.09 31.89
CA GLY L 102 40.26 35.20 31.08
C GLY L 102 41.77 35.32 31.07
N GLY L 103 42.25 36.17 30.17
CA GLY L 103 43.66 36.42 30.01
C GLY L 103 44.27 37.37 31.01
N GLY L 104 43.45 37.96 31.87
CA GLY L 104 43.97 38.87 32.89
C GLY L 104 43.99 40.31 32.44
N THR L 105 43.95 41.21 33.41
CA THR L 105 44.05 42.64 33.17
C THR L 105 44.47 43.34 34.46
N LYS L 106 45.65 43.99 34.44
CA LYS L 106 46.09 44.72 35.62
C LYS L 106 45.49 46.11 35.65
N VAL L 107 45.38 46.65 36.85
CA VAL L 107 44.94 48.00 37.11
C VAL L 107 46.01 48.68 37.95
N THR L 108 46.64 49.71 37.41
CA THR L 108 47.75 50.41 38.04
C THR L 108 47.31 51.81 38.41
N VAL L 109 47.66 52.22 39.63
CA VAL L 109 47.23 53.49 40.19
C VAL L 109 48.47 54.36 40.40
N LEU L 110 48.47 55.53 39.78
CA LEU L 110 49.60 56.45 39.86
C LEU L 110 49.38 57.49 40.95
#